data_5OR3
#
_entry.id   5OR3
#
_cell.length_a   60.627
_cell.length_b   81.392
_cell.length_c   82.200
_cell.angle_alpha   87.19
_cell.angle_beta   89.23
_cell.angle_gamma   73.89
#
_symmetry.space_group_name_H-M   'P 1'
#
loop_
_entity.id
_entity.type
_entity.pdbx_description
1 polymer 'catechol oxidase'
2 branched beta-D-mannopyranose-(1-4)-2-acetamido-2-deoxy-beta-D-glucopyranose-(1-4)-2-acetamido-2-deoxy-beta-D-glucopyranose
3 branched alpha-D-mannopyranose-(1-6)-beta-D-mannopyranose-(1-4)-2-acetamido-2-deoxy-beta-D-glucopyranose-(1-4)-2-acetamido-2-deoxy-beta-D-glucopyranose
4 branched 2-acetamido-2-deoxy-beta-D-glucopyranose-(1-4)-2-acetamido-2-deoxy-beta-D-glucopyranose
5 non-polymer 'COPPER (II) ION'
6 non-polymer alpha-D-mannopyranose
7 non-polymer 2-acetamido-2-deoxy-beta-D-glucopyranose
8 non-polymer 1,2-ETHANEDIOL
9 non-polymer 'CITRATE ANION'
10 non-polymer 'PEROXIDE ION'
11 water water
#
_entity_poly.entity_id   1
_entity_poly.type   'polypeptide(L)'
_entity_poly.pdbx_seq_one_letter_code
;AATATLPTTASSSTAVASSQLDQLANFAYNVTTDSVAGGSESKRGGCTLQNLRVRRDWRAFSKTQKKDYINSVLCLQKLP
SRTPAHLAPGARTRYDDFVATHINQTQIIHYTGTFLAWHRYFIYEFEQALRDECSYTGDYPYWNWGADADNMEKSQVFDG
SETSMSGNGEYIPNQGDIKLLLGNYPAIDLPPGSGGGCVTSGPFKDYKLNLGPAALSLPGGNMTAAANPLTYNPRCMKRS
LTTEILQRYNTFPKIVELILDSDDIWDFQMTMQGVPGSGSIGVHGGGHYSMGGDPGRDVYVSPGDTAFWLHHGMIDRVWW
IWQNLDLRKRQNAISGTGTFMNNPASPNTTLDTVIDLGYANGGPIAMRDLMSTTAGPFCYVYL
;
_entity_poly.pdbx_strand_id   A,B,C,D
#
loop_
_chem_comp.id
_chem_comp.type
_chem_comp.name
_chem_comp.formula
BMA D-saccharide, beta linking beta-D-mannopyranose 'C6 H12 O6'
CU non-polymer 'COPPER (II) ION' 'Cu 2'
EDO non-polymer 1,2-ETHANEDIOL 'C2 H6 O2'
FLC non-polymer 'CITRATE ANION' 'C6 H5 O7 -3'
MAN D-saccharide, alpha linking alpha-D-mannopyranose 'C6 H12 O6'
NAG D-saccharide, beta linking 2-acetamido-2-deoxy-beta-D-glucopyranose 'C8 H15 N O6'
PER non-polymer 'PEROXIDE ION' 'O2 -2'
#
# COMPACT_ATOMS: atom_id res chain seq x y z
N THR A 5 3.79 25.87 -25.43
CA THR A 5 2.82 26.37 -24.47
C THR A 5 2.58 25.36 -23.37
N LEU A 6 3.32 25.50 -22.28
CA LEU A 6 3.32 24.47 -21.25
C LEU A 6 2.37 24.83 -20.12
N PRO A 7 1.94 23.85 -19.34
CA PRO A 7 1.20 24.15 -18.12
C PRO A 7 2.02 25.05 -17.20
N THR A 8 1.32 25.92 -16.48
CA THR A 8 1.96 26.79 -15.50
C THR A 8 1.39 26.63 -14.10
N THR A 9 0.15 26.19 -13.96
CA THR A 9 -0.45 25.92 -12.67
C THR A 9 -0.85 24.45 -12.63
N ALA A 10 -0.48 23.77 -11.55
CA ALA A 10 -0.83 22.36 -11.40
C ALA A 10 -2.34 22.19 -11.21
N SER A 11 -2.89 21.17 -11.85
CA SER A 11 -4.30 20.86 -11.71
C SER A 11 -4.54 19.93 -10.52
N SER A 12 -5.74 20.02 -9.96
CA SER A 12 -6.14 19.14 -8.87
C SER A 12 -6.74 17.84 -9.35
N SER A 13 -7.13 17.76 -10.62
CA SER A 13 -7.58 16.51 -11.20
C SER A 13 -6.38 15.63 -11.49
N THR A 14 -6.41 14.39 -11.01
CA THR A 14 -5.30 13.49 -11.27
C THR A 14 -5.17 13.18 -12.75
N ALA A 15 -6.29 13.18 -13.48
CA ALA A 15 -6.24 12.92 -14.92
C ALA A 15 -5.58 14.08 -15.66
N VAL A 16 -5.98 15.31 -15.34
CA VAL A 16 -5.40 16.47 -15.99
C VAL A 16 -3.93 16.62 -15.59
N ALA A 17 -3.63 16.45 -14.30
CA ALA A 17 -2.25 16.56 -13.86
C ALA A 17 -1.35 15.53 -14.53
N SER A 18 -1.88 14.33 -14.78
CA SER A 18 -1.09 13.33 -15.49
C SER A 18 -0.74 13.80 -16.90
N SER A 19 -1.71 14.38 -17.61
CA SER A 19 -1.43 14.93 -18.93
C SER A 19 -0.48 16.12 -18.85
N GLN A 20 -0.61 16.95 -17.82
CA GLN A 20 0.35 18.04 -17.62
C GLN A 20 1.76 17.52 -17.46
N LEU A 21 1.95 16.51 -16.62
CA LEU A 21 3.28 15.93 -16.45
C LEU A 21 3.81 15.37 -17.77
N ASP A 22 2.95 14.71 -18.55
CA ASP A 22 3.37 14.19 -19.84
C ASP A 22 3.86 15.33 -20.75
N GLN A 23 3.16 16.45 -20.75
CA GLN A 23 3.59 17.59 -21.58
C GLN A 23 4.94 18.13 -21.11
N LEU A 24 5.12 18.26 -19.80
CA LEU A 24 6.39 18.77 -19.28
C LEU A 24 7.52 17.79 -19.58
N ALA A 25 7.27 16.49 -19.41
CA ALA A 25 8.30 15.51 -19.73
C ALA A 25 8.61 15.51 -21.22
N ASN A 26 7.59 15.63 -22.07
N ASN A 26 7.59 15.61 -22.07
CA ASN A 26 7.83 15.65 -23.51
CA ASN A 26 7.82 15.66 -23.51
C ASN A 26 8.62 16.89 -23.91
C ASN A 26 8.65 16.87 -23.88
N PHE A 27 8.36 18.01 -23.25
CA PHE A 27 9.15 19.21 -23.48
C PHE A 27 10.61 18.98 -23.08
N ALA A 28 10.84 18.42 -21.89
CA ALA A 28 12.21 18.15 -21.45
C ALA A 28 12.93 17.21 -22.40
N TYR A 29 12.22 16.20 -22.91
CA TYR A 29 12.81 15.27 -23.87
C TYR A 29 13.23 16.01 -25.14
N ASN A 30 12.37 16.89 -25.64
CA ASN A 30 12.71 17.69 -26.82
C ASN A 30 13.94 18.55 -26.57
N VAL A 31 13.99 19.20 -25.41
CA VAL A 31 15.11 20.09 -25.09
C VAL A 31 16.42 19.31 -25.08
N THR A 32 16.42 18.14 -24.42
CA THR A 32 17.66 17.38 -24.28
C THR A 32 18.12 16.83 -25.62
N THR A 33 17.21 16.25 -26.40
CA THR A 33 17.61 15.70 -27.70
C THR A 33 18.06 16.82 -28.64
N ASP A 34 17.41 17.98 -28.57
CA ASP A 34 17.86 19.12 -29.36
C ASP A 34 19.25 19.56 -28.93
N SER A 35 19.56 19.46 -27.64
CA SER A 35 20.87 19.88 -27.15
C SER A 35 21.96 18.91 -27.60
N VAL A 36 21.69 17.61 -27.54
CA VAL A 36 22.57 16.61 -28.09
C VAL A 36 22.71 16.75 -29.61
N ALA A 37 21.89 17.61 -30.22
CA ALA A 37 22.00 17.95 -31.63
C ALA A 37 21.69 16.75 -32.49
N GLY A 46 31.01 13.54 -26.12
CA GLY A 46 30.80 12.23 -26.71
C GLY A 46 29.38 11.71 -26.57
N CYS A 47 28.45 12.54 -26.11
CA CYS A 47 27.04 12.18 -26.04
C CYS A 47 26.39 12.54 -27.37
N THR A 48 25.82 11.55 -28.04
CA THR A 48 25.23 11.74 -29.36
C THR A 48 23.84 11.13 -29.39
N LEU A 49 23.06 11.52 -30.40
CA LEU A 49 21.77 10.86 -30.61
C LEU A 49 21.94 9.36 -30.83
N GLN A 50 23.09 8.95 -31.37
CA GLN A 50 23.29 7.53 -31.67
C GLN A 50 23.60 6.68 -30.44
N ASN A 51 24.09 7.27 -29.35
CA ASN A 51 24.39 6.50 -28.15
C ASN A 51 23.57 6.91 -26.94
N LEU A 52 22.71 7.92 -27.08
CA LEU A 52 21.84 8.35 -25.98
C LEU A 52 20.99 7.20 -25.46
N ARG A 53 21.00 7.00 -24.15
CA ARG A 53 20.17 5.99 -23.52
C ARG A 53 18.83 6.59 -23.13
N VAL A 54 17.81 5.75 -23.10
CA VAL A 54 16.47 6.14 -22.66
C VAL A 54 16.13 5.36 -21.40
N ARG A 55 15.75 6.08 -20.35
CA ARG A 55 15.23 5.49 -19.12
C ARG A 55 13.71 5.51 -19.18
N ARG A 56 13.07 4.44 -18.70
CA ARG A 56 11.66 4.24 -18.97
C ARG A 56 10.90 3.81 -17.73
N ASP A 57 9.61 4.13 -17.74
CA ASP A 57 8.66 3.63 -16.76
C ASP A 57 8.70 2.10 -16.68
N TRP A 58 8.79 1.57 -15.46
CA TRP A 58 8.69 0.12 -15.25
C TRP A 58 7.50 -0.48 -15.99
N ARG A 59 6.38 0.27 -16.05
CA ARG A 59 5.17 -0.24 -16.69
C ARG A 59 5.37 -0.46 -18.19
N ALA A 60 6.38 0.16 -18.77
CA ALA A 60 6.71 0.04 -20.18
C ALA A 60 7.65 -1.13 -20.48
N PHE A 61 8.22 -1.74 -19.45
CA PHE A 61 9.03 -2.94 -19.62
C PHE A 61 8.15 -4.13 -19.91
N SER A 62 8.55 -4.94 -20.88
CA SER A 62 7.88 -6.21 -21.10
C SER A 62 8.23 -7.16 -19.96
N LYS A 63 7.52 -8.29 -19.91
CA LYS A 63 7.79 -9.29 -18.88
C LYS A 63 9.24 -9.75 -18.93
N THR A 64 9.75 -10.03 -20.13
CA THR A 64 11.13 -10.45 -20.29
C THR A 64 12.10 -9.34 -19.88
N GLN A 65 11.81 -8.10 -20.27
CA GLN A 65 12.67 -6.99 -19.88
C GLN A 65 12.64 -6.77 -18.37
N LYS A 66 11.50 -6.99 -17.73
CA LYS A 66 11.45 -6.87 -16.28
C LYS A 66 12.29 -7.96 -15.63
N LYS A 67 12.19 -9.20 -16.12
CA LYS A 67 12.97 -10.27 -15.53
C LYS A 67 14.46 -10.07 -15.78
N ASP A 68 14.82 -9.50 -16.93
CA ASP A 68 16.22 -9.19 -17.21
C ASP A 68 16.79 -8.26 -16.15
N TYR A 69 16.04 -7.22 -15.78
CA TYR A 69 16.53 -6.28 -14.79
C TYR A 69 16.62 -6.93 -13.41
N ILE A 70 15.55 -7.60 -12.99
CA ILE A 70 15.52 -8.28 -11.70
C ILE A 70 16.70 -9.25 -11.58
N ASN A 71 16.96 -10.02 -12.64
CA ASN A 71 18.02 -11.01 -12.56
C ASN A 71 19.40 -10.37 -12.38
N SER A 72 19.60 -9.18 -12.94
CA SER A 72 20.87 -8.48 -12.76
C SER A 72 21.02 -7.99 -11.32
N VAL A 73 19.93 -7.50 -10.73
CA VAL A 73 19.96 -7.10 -9.33
C VAL A 73 20.25 -8.31 -8.46
N LEU A 74 19.61 -9.45 -8.77
CA LEU A 74 19.89 -10.67 -8.02
C LEU A 74 21.35 -11.10 -8.18
N CYS A 75 21.92 -10.88 -9.36
CA CYS A 75 23.33 -11.19 -9.57
CA CYS A 75 23.33 -11.19 -9.58
C CYS A 75 24.21 -10.34 -8.67
N LEU A 76 23.93 -9.05 -8.56
CA LEU A 76 24.70 -8.20 -7.67
C LEU A 76 24.55 -8.62 -6.22
N GLN A 77 23.43 -9.25 -5.85
CA GLN A 77 23.23 -9.75 -4.51
C GLN A 77 23.88 -11.11 -4.29
N LYS A 78 24.61 -11.62 -5.28
CA LYS A 78 25.41 -12.84 -5.12
C LYS A 78 26.90 -12.62 -5.31
N LEU A 79 27.31 -11.53 -5.95
CA LEU A 79 28.72 -11.29 -6.19
C LEU A 79 29.39 -10.75 -4.94
N PRO A 80 30.65 -11.09 -4.72
CA PRO A 80 31.32 -10.70 -3.47
C PRO A 80 31.54 -9.19 -3.38
N SER A 81 31.44 -8.68 -2.15
CA SER A 81 31.64 -7.27 -1.90
C SER A 81 33.09 -6.86 -2.15
N ARG A 82 33.27 -5.61 -2.57
CA ARG A 82 34.59 -5.00 -2.73
C ARG A 82 35.07 -4.31 -1.47
N THR A 83 34.17 -3.94 -0.58
CA THR A 83 34.56 -3.06 0.53
C THR A 83 35.53 -3.78 1.47
N PRO A 84 36.64 -3.14 1.87
CA PRO A 84 37.49 -3.74 2.90
C PRO A 84 36.67 -4.07 4.14
N ALA A 85 36.79 -5.32 4.61
CA ALA A 85 35.97 -5.79 5.72
C ALA A 85 36.08 -4.89 6.94
N HIS A 86 37.27 -4.33 7.20
CA HIS A 86 37.41 -3.55 8.42
C HIS A 86 36.62 -2.24 8.36
N LEU A 87 36.25 -1.77 7.17
CA LEU A 87 35.41 -0.60 7.04
C LEU A 87 33.92 -0.92 7.08
N ALA A 88 33.54 -2.11 6.62
CA ALA A 88 32.14 -2.55 6.65
C ALA A 88 32.11 -4.05 6.89
N PRO A 89 32.28 -4.48 8.15
CA PRO A 89 32.34 -5.92 8.44
C PRO A 89 31.11 -6.71 8.03
N GLY A 90 29.94 -6.06 7.94
CA GLY A 90 28.72 -6.76 7.59
C GLY A 90 28.51 -6.92 6.10
N ALA A 91 29.34 -6.31 5.27
CA ALA A 91 29.18 -6.39 3.84
C ALA A 91 29.58 -7.78 3.34
N ARG A 92 28.78 -8.32 2.42
CA ARG A 92 29.03 -9.64 1.86
C ARG A 92 28.99 -9.60 0.33
N THR A 93 28.17 -8.70 -0.23
CA THR A 93 27.87 -8.70 -1.65
C THR A 93 28.17 -7.35 -2.26
N ARG A 94 28.21 -7.31 -3.60
CA ARG A 94 28.31 -6.03 -4.30
C ARG A 94 27.12 -5.13 -3.97
N TYR A 95 25.94 -5.72 -3.83
CA TYR A 95 24.79 -4.91 -3.46
C TYR A 95 25.03 -4.23 -2.12
N ASP A 96 25.61 -4.96 -1.16
CA ASP A 96 25.94 -4.38 0.15
C ASP A 96 26.89 -3.19 0.02
N ASP A 97 27.77 -3.18 -1.00
CA ASP A 97 28.72 -2.07 -1.15
C ASP A 97 27.98 -0.76 -1.35
N PHE A 98 26.89 -0.79 -2.11
CA PHE A 98 26.09 0.40 -2.34
C PHE A 98 25.33 0.79 -1.07
N VAL A 99 24.76 -0.19 -0.38
CA VAL A 99 24.07 0.08 0.88
C VAL A 99 25.05 0.67 1.90
N ALA A 100 26.25 0.11 1.99
CA ALA A 100 27.21 0.55 2.99
C ALA A 100 27.61 2.01 2.79
N THR A 101 27.93 2.41 1.56
CA THR A 101 28.37 3.79 1.36
C THR A 101 27.23 4.77 1.63
N HIS A 102 25.99 4.39 1.29
CA HIS A 102 24.85 5.24 1.63
C HIS A 102 24.70 5.40 3.13
N ILE A 103 24.78 4.30 3.88
CA ILE A 103 24.73 4.38 5.35
C ILE A 103 25.80 5.35 5.83
N ASN A 104 27.01 5.18 5.31
CA ASN A 104 28.17 5.89 5.82
C ASN A 104 28.09 7.39 5.55
N GLN A 105 27.40 7.81 4.48
CA GLN A 105 27.38 9.21 4.07
C GLN A 105 26.01 9.86 4.25
N THR A 106 25.05 9.18 4.86
CA THR A 106 23.68 9.69 4.92
C THR A 106 23.63 11.12 5.46
N GLN A 107 24.50 11.44 6.41
CA GLN A 107 24.44 12.74 7.07
C GLN A 107 25.01 13.87 6.22
N ILE A 108 25.65 13.58 5.09
CA ILE A 108 26.15 14.61 4.20
C ILE A 108 25.55 14.51 2.79
N ILE A 109 24.48 13.74 2.61
CA ILE A 109 23.87 13.59 1.29
C ILE A 109 22.36 13.77 1.30
N HIS A 110 21.76 14.08 2.45
CA HIS A 110 20.34 14.42 2.54
C HIS A 110 20.22 15.81 3.17
N TYR A 111 19.29 16.61 2.66
CA TYR A 111 19.15 18.00 3.07
C TYR A 111 20.48 18.74 2.96
N THR A 112 21.21 18.45 1.89
CA THR A 112 22.46 19.11 1.55
C THR A 112 22.38 19.65 0.13
N GLY A 113 23.33 20.51 -0.23
CA GLY A 113 23.42 20.95 -1.60
C GLY A 113 23.73 19.83 -2.58
N THR A 114 24.25 18.70 -2.07
CA THR A 114 24.66 17.58 -2.92
C THR A 114 23.60 16.51 -3.08
N PHE A 115 22.46 16.61 -2.39
CA PHE A 115 21.44 15.57 -2.38
C PHE A 115 21.09 15.08 -3.78
N LEU A 116 20.68 16.00 -4.66
CA LEU A 116 20.16 15.57 -5.97
C LEU A 116 21.28 15.00 -6.83
N ALA A 117 22.43 15.68 -6.87
CA ALA A 117 23.54 15.23 -7.70
C ALA A 117 24.13 13.92 -7.20
N TRP A 118 24.30 13.79 -5.88
CA TRP A 118 24.86 12.57 -5.32
C TRP A 118 24.02 11.36 -5.70
N HIS A 119 22.69 11.48 -5.59
CA HIS A 119 21.84 10.35 -5.90
C HIS A 119 21.80 10.07 -7.41
N ARG A 120 21.90 11.10 -8.25
CA ARG A 120 22.04 10.87 -9.68
C ARG A 120 23.28 10.03 -9.96
N TYR A 121 24.41 10.36 -9.31
CA TYR A 121 25.63 9.60 -9.51
C TYR A 121 25.52 8.20 -8.92
N PHE A 122 24.85 8.08 -7.77
CA PHE A 122 24.65 6.79 -7.11
C PHE A 122 23.95 5.80 -8.03
N ILE A 123 22.79 6.20 -8.58
CA ILE A 123 22.01 5.25 -9.36
C ILE A 123 22.70 4.95 -10.69
N TYR A 124 23.45 5.91 -11.24
CA TYR A 124 24.24 5.64 -12.43
C TYR A 124 25.34 4.61 -12.17
N GLU A 125 26.01 4.70 -11.02
CA GLU A 125 27.05 3.72 -10.71
C GLU A 125 26.45 2.36 -10.34
N PHE A 126 25.23 2.36 -9.82
CA PHE A 126 24.52 1.09 -9.67
C PHE A 126 24.24 0.48 -11.04
N GLU A 127 23.78 1.30 -11.98
CA GLU A 127 23.57 0.88 -13.36
C GLU A 127 24.85 0.35 -13.98
N GLN A 128 25.98 1.04 -13.74
CA GLN A 128 27.27 0.57 -14.22
C GLN A 128 27.54 -0.85 -13.76
N ALA A 129 27.27 -1.14 -12.49
CA ALA A 129 27.51 -2.47 -11.96
C ALA A 129 26.59 -3.50 -12.61
N LEU A 130 25.30 -3.16 -12.79
CA LEU A 130 24.41 -4.07 -13.47
C LEU A 130 24.91 -4.40 -14.88
N ARG A 131 25.38 -3.39 -15.62
N ARG A 131 25.39 -3.39 -15.60
CA ARG A 131 25.80 -3.63 -17.00
CA ARG A 131 25.80 -3.55 -16.99
C ARG A 131 27.14 -4.35 -17.06
C ARG A 131 27.14 -4.26 -17.12
N ASP A 132 28.09 -3.98 -16.22
CA ASP A 132 29.45 -4.46 -16.36
C ASP A 132 29.77 -5.70 -15.55
N GLU A 133 28.95 -6.03 -14.55
CA GLU A 133 29.16 -7.23 -13.75
C GLU A 133 28.03 -8.22 -13.82
N CYS A 134 26.86 -7.82 -14.34
CA CYS A 134 25.71 -8.71 -14.37
CA CYS A 134 25.67 -8.66 -14.35
C CYS A 134 25.05 -8.76 -15.74
N SER A 135 25.76 -8.31 -16.79
CA SER A 135 25.35 -8.49 -18.18
C SER A 135 24.07 -7.74 -18.54
N TYR A 136 23.69 -6.71 -17.79
CA TYR A 136 22.48 -5.99 -18.12
C TYR A 136 22.68 -5.16 -19.39
N THR A 137 21.77 -5.31 -20.35
CA THR A 137 21.78 -4.51 -21.57
C THR A 137 20.48 -3.74 -21.79
N GLY A 138 19.58 -3.72 -20.81
CA GLY A 138 18.32 -3.02 -20.94
C GLY A 138 18.40 -1.59 -20.45
N ASP A 139 17.23 -0.99 -20.28
CA ASP A 139 17.10 0.40 -19.88
C ASP A 139 17.00 0.53 -18.37
N TYR A 140 17.37 1.70 -17.86
CA TYR A 140 17.19 1.96 -16.42
C TYR A 140 15.72 2.25 -16.15
N PRO A 141 15.11 1.63 -15.14
CA PRO A 141 13.69 1.82 -14.88
C PRO A 141 13.42 2.90 -13.83
N TYR A 142 12.24 3.50 -13.92
CA TYR A 142 11.77 4.37 -12.86
C TYR A 142 10.35 3.99 -12.46
N TRP A 143 10.01 4.33 -11.22
CA TRP A 143 8.71 4.07 -10.64
C TRP A 143 7.90 5.37 -10.66
N ASN A 144 6.88 5.42 -11.52
CA ASN A 144 6.01 6.60 -11.59
C ASN A 144 4.97 6.51 -10.48
N TRP A 145 5.28 7.18 -9.35
CA TRP A 145 4.41 7.11 -8.17
C TRP A 145 2.97 7.43 -8.51
N GLY A 146 2.75 8.42 -9.37
CA GLY A 146 1.40 8.92 -9.57
C GLY A 146 0.47 7.88 -10.14
N ALA A 147 1.00 6.94 -10.93
CA ALA A 147 0.17 5.91 -11.54
C ALA A 147 -0.24 4.81 -10.55
N ASP A 148 0.41 4.74 -9.39
CA ASP A 148 0.08 3.75 -8.38
C ASP A 148 -0.54 4.35 -7.12
N ALA A 149 -0.74 5.67 -7.10
CA ALA A 149 -1.26 6.33 -5.91
C ALA A 149 -2.69 5.88 -5.59
N ASP A 150 -3.41 5.32 -6.55
CA ASP A 150 -4.77 4.84 -6.29
C ASP A 150 -4.79 3.50 -5.55
N ASN A 151 -3.72 2.70 -5.69
CA ASN A 151 -3.58 1.46 -4.95
C ASN A 151 -2.17 0.90 -5.12
N MET A 152 -1.37 0.98 -4.07
CA MET A 152 0.02 0.56 -4.18
C MET A 152 0.12 -0.94 -4.34
N GLU A 153 -0.83 -1.69 -3.78
CA GLU A 153 -0.77 -3.15 -3.83
C GLU A 153 -0.91 -3.68 -5.25
N LYS A 154 -1.46 -2.89 -6.17
CA LYS A 154 -1.54 -3.30 -7.57
C LYS A 154 -0.37 -2.79 -8.40
N SER A 155 0.54 -2.02 -7.82
CA SER A 155 1.68 -1.51 -8.57
C SER A 155 2.47 -2.66 -9.19
N GLN A 156 2.90 -2.47 -10.44
CA GLN A 156 3.80 -3.45 -11.04
C GLN A 156 5.15 -3.50 -10.34
N VAL A 157 5.47 -2.48 -9.54
CA VAL A 157 6.70 -2.52 -8.74
C VAL A 157 6.51 -3.37 -7.48
N PHE A 158 5.28 -3.44 -6.95
CA PHE A 158 5.04 -3.96 -5.60
C PHE A 158 3.96 -5.04 -5.56
N ASP A 159 3.61 -5.65 -6.68
CA ASP A 159 2.45 -6.55 -6.66
C ASP A 159 2.79 -7.95 -6.16
N GLY A 160 4.06 -8.23 -5.89
CA GLY A 160 4.45 -9.51 -5.33
C GLY A 160 4.68 -10.62 -6.33
N SER A 161 4.48 -10.35 -7.62
CA SER A 161 4.68 -11.36 -8.66
C SER A 161 6.17 -11.53 -8.94
N GLU A 162 6.50 -12.40 -9.89
CA GLU A 162 7.89 -12.57 -10.30
C GLU A 162 8.42 -11.41 -11.14
N THR A 163 7.61 -10.40 -11.45
CA THR A 163 8.08 -9.20 -12.13
C THR A 163 7.98 -7.96 -11.25
N SER A 164 7.89 -8.14 -9.94
CA SER A 164 7.93 -7.05 -8.98
C SER A 164 9.27 -7.04 -8.26
N MET A 165 9.48 -5.98 -7.48
CA MET A 165 10.57 -5.94 -6.51
C MET A 165 10.17 -6.64 -5.21
N SER A 166 9.55 -7.81 -5.33
CA SER A 166 8.74 -8.41 -4.28
C SER A 166 7.60 -7.46 -3.92
N GLY A 167 6.76 -7.85 -2.98
CA GLY A 167 5.54 -7.12 -2.71
C GLY A 167 5.37 -6.74 -1.26
N ASN A 168 4.23 -7.11 -0.69
CA ASN A 168 3.93 -6.77 0.68
C ASN A 168 4.53 -7.77 1.65
N GLY A 169 4.53 -7.39 2.92
CA GLY A 169 5.06 -8.23 3.97
C GLY A 169 3.97 -8.95 4.76
N GLU A 170 4.41 -9.93 5.54
CA GLU A 170 3.50 -10.69 6.38
C GLU A 170 2.65 -9.76 7.24
N TYR A 171 1.38 -10.13 7.40
CA TYR A 171 0.46 -9.30 8.19
C TYR A 171 0.92 -9.21 9.63
N ILE A 172 0.91 -8.00 10.16
CA ILE A 172 1.05 -7.74 11.59
C ILE A 172 -0.18 -6.95 12.00
N PRO A 173 -1.01 -7.44 12.93
CA PRO A 173 -2.26 -6.75 13.23
C PRO A 173 -2.08 -5.55 14.16
N ASN A 174 -3.02 -4.62 14.05
CA ASN A 174 -3.24 -3.59 15.07
C ASN A 174 -1.96 -2.83 15.40
N GLN A 175 -1.30 -2.35 14.35
CA GLN A 175 -0.06 -1.58 14.50
C GLN A 175 -0.36 -0.13 14.85
N GLY A 176 0.54 0.47 15.62
CA GLY A 176 0.51 1.91 15.84
C GLY A 176 0.97 2.68 14.62
N ASP A 177 0.79 3.99 14.68
CA ASP A 177 1.19 4.86 13.58
C ASP A 177 2.69 5.08 13.57
N ILE A 178 3.21 5.42 12.40
CA ILE A 178 4.59 5.88 12.25
C ILE A 178 4.63 7.34 12.66
N LYS A 179 5.63 7.71 13.47
CA LYS A 179 5.75 9.09 13.96
C LYS A 179 7.12 9.59 13.58
N LEU A 180 7.17 10.47 12.57
CA LEU A 180 8.42 10.94 12.00
C LEU A 180 8.80 12.27 12.67
N LEU A 181 9.98 12.28 13.29
CA LEU A 181 10.47 13.44 14.01
C LEU A 181 11.71 13.97 13.30
N LEU A 182 11.87 15.27 13.30
CA LEU A 182 13.10 15.87 12.82
C LEU A 182 13.34 17.13 13.63
N GLY A 183 14.54 17.23 14.20
CA GLY A 183 14.84 18.32 15.09
C GLY A 183 13.78 18.49 16.16
N ASN A 184 13.13 19.66 16.16
CA ASN A 184 12.22 20.01 17.24
C ASN A 184 10.75 19.85 16.86
N TYR A 185 10.42 19.86 15.57
CA TYR A 185 9.03 19.98 15.14
C TYR A 185 8.20 18.80 15.62
N PRO A 186 6.90 18.99 15.77
CA PRO A 186 6.02 17.85 16.14
C PRO A 186 6.03 16.78 15.06
N ALA A 187 5.68 15.58 15.47
CA ALA A 187 5.78 14.41 14.60
C ALA A 187 4.78 14.50 13.45
N ILE A 188 5.22 14.05 12.28
CA ILE A 188 4.31 13.72 11.19
C ILE A 188 3.84 12.29 11.39
N ASP A 189 2.53 12.10 11.52
CA ASP A 189 1.95 10.78 11.74
C ASP A 189 1.57 10.14 10.42
N LEU A 190 2.03 8.91 10.20
CA LEU A 190 1.69 8.14 9.01
C LEU A 190 1.03 6.83 9.43
N PRO A 191 0.08 6.32 8.65
CA PRO A 191 -0.47 5.00 8.96
C PRO A 191 0.56 3.91 8.65
N PRO A 192 0.44 2.74 9.28
CA PRO A 192 1.51 1.73 9.22
C PRO A 192 1.46 0.75 8.07
N GLY A 193 0.53 0.89 7.12
CA GLY A 193 0.49 0.04 5.95
C GLY A 193 -0.25 -1.26 6.16
N SER A 194 -0.44 -1.99 5.06
CA SER A 194 -1.22 -3.21 5.01
C SER A 194 -0.39 -4.48 5.16
N GLY A 195 0.87 -4.37 5.55
CA GLY A 195 1.69 -5.54 5.77
C GLY A 195 2.39 -5.51 7.12
N GLY A 196 3.72 -5.45 7.11
CA GLY A 196 4.48 -5.35 8.34
C GLY A 196 5.72 -6.23 8.43
N GLY A 197 5.61 -7.50 8.04
CA GLY A 197 6.67 -8.46 8.24
C GLY A 197 7.50 -8.69 6.99
N CYS A 198 8.20 -9.82 6.97
CA CYS A 198 9.03 -10.18 5.83
C CYS A 198 8.19 -10.30 4.57
N VAL A 199 8.78 -9.92 3.42
CA VAL A 199 8.07 -10.07 2.16
C VAL A 199 7.70 -11.53 1.96
N THR A 200 6.52 -11.75 1.39
CA THR A 200 5.91 -13.06 1.32
C THR A 200 6.12 -13.75 -0.01
N SER A 201 6.62 -13.04 -1.01
CA SER A 201 6.59 -13.57 -2.37
C SER A 201 7.54 -12.74 -3.23
N GLY A 202 7.67 -13.17 -4.48
CA GLY A 202 8.42 -12.41 -5.46
C GLY A 202 9.90 -12.72 -5.44
N PRO A 203 10.63 -12.06 -6.33
CA PRO A 203 12.04 -12.44 -6.57
C PRO A 203 12.95 -12.24 -5.37
N PHE A 204 12.58 -11.39 -4.41
CA PHE A 204 13.45 -11.07 -3.29
C PHE A 204 12.95 -11.67 -1.97
N LYS A 205 12.13 -12.72 -2.05
CA LYS A 205 11.62 -13.33 -0.84
C LYS A 205 12.73 -13.90 0.01
N ASP A 206 13.75 -14.48 -0.61
CA ASP A 206 14.87 -15.08 0.10
C ASP A 206 16.08 -14.16 0.14
N TYR A 207 15.93 -12.91 -0.28
CA TYR A 207 17.02 -11.95 -0.26
C TYR A 207 17.34 -11.54 1.17
N LYS A 208 18.64 -11.46 1.48
CA LYS A 208 19.10 -11.16 2.83
C LYS A 208 19.69 -9.77 2.90
N LEU A 209 19.08 -8.92 3.72
N LEU A 209 19.00 -8.87 3.61
CA LEU A 209 19.60 -7.60 4.02
CA LEU A 209 19.58 -7.63 4.11
C LEU A 209 20.60 -7.72 5.17
C LEU A 209 20.70 -7.96 5.07
N ASN A 210 21.85 -7.30 4.93
CA ASN A 210 22.96 -7.60 5.83
C ASN A 210 23.38 -6.44 6.72
N LEU A 211 23.04 -5.21 6.38
CA LEU A 211 23.49 -4.05 7.14
C LEU A 211 22.30 -3.40 7.85
N GLY A 212 22.61 -2.53 8.79
CA GLY A 212 21.59 -1.87 9.58
C GLY A 212 20.96 -2.81 10.58
N PRO A 213 19.91 -2.36 11.28
CA PRO A 213 19.29 -1.04 11.15
C PRO A 213 20.15 0.08 11.74
N ALA A 214 20.08 1.26 11.14
CA ALA A 214 20.77 2.44 11.65
C ALA A 214 19.83 3.40 12.37
N ALA A 215 18.61 3.57 11.86
CA ALA A 215 17.60 4.42 12.45
C ALA A 215 16.24 4.05 11.90
N LEU A 216 15.75 2.88 12.29
CA LEU A 216 14.54 2.30 11.70
C LEU A 216 13.33 2.73 12.51
N SER A 217 12.48 3.57 11.91
CA SER A 217 11.24 3.98 12.56
C SER A 217 10.27 2.82 12.61
N LEU A 218 9.55 2.70 13.73
CA LEU A 218 8.68 1.56 13.98
C LEU A 218 7.26 2.00 14.26
N PRO A 219 6.27 1.17 13.95
CA PRO A 219 4.90 1.44 14.39
C PRO A 219 4.87 1.71 15.89
N GLY A 220 4.22 2.81 16.26
CA GLY A 220 4.11 3.22 17.64
C GLY A 220 5.06 4.34 18.03
N GLY A 221 6.06 4.62 17.20
CA GLY A 221 6.93 5.77 17.40
C GLY A 221 8.35 5.44 17.79
N ASN A 222 8.65 4.21 18.18
CA ASN A 222 10.01 3.87 18.57
C ASN A 222 10.93 3.76 17.35
N MET A 223 12.23 3.71 17.62
CA MET A 223 13.25 3.59 16.60
C MET A 223 14.29 2.56 17.03
N THR A 224 14.68 1.68 16.10
CA THR A 224 15.73 0.68 16.34
C THR A 224 17.02 1.14 15.69
N ALA A 225 18.10 1.15 16.47
CA ALA A 225 19.40 1.58 15.97
C ALA A 225 20.46 0.60 16.45
N ALA A 226 21.20 0.03 15.51
CA ALA A 226 22.32 -0.84 15.85
C ALA A 226 23.46 -0.02 16.43
N ALA A 227 24.22 -0.64 17.33
CA ALA A 227 25.43 0.00 17.84
C ALA A 227 26.34 0.42 16.69
N ASN A 228 26.54 -0.46 15.72
CA ASN A 228 27.29 -0.13 14.50
C ASN A 228 26.54 -0.71 13.31
N PRO A 229 25.82 0.12 12.56
CA PRO A 229 24.98 -0.42 11.47
C PRO A 229 25.78 -1.00 10.30
N LEU A 230 27.11 -0.97 10.32
CA LEU A 230 27.90 -1.56 9.25
C LEU A 230 28.38 -2.97 9.59
N THR A 231 27.97 -3.53 10.73
CA THR A 231 28.27 -4.90 11.07
C THR A 231 27.16 -5.84 10.60
N TYR A 232 27.44 -7.12 10.65
CA TYR A 232 26.63 -8.16 10.01
C TYR A 232 25.35 -8.40 10.79
N ASN A 233 24.20 -8.23 10.11
CA ASN A 233 22.89 -8.44 10.73
C ASN A 233 21.94 -9.00 9.67
N PRO A 234 22.17 -10.23 9.23
CA PRO A 234 21.38 -10.78 8.13
C PRO A 234 19.92 -10.97 8.53
N ARG A 235 19.01 -10.58 7.63
CA ARG A 235 17.58 -10.64 7.91
C ARG A 235 16.81 -10.40 6.62
N CYS A 236 15.51 -10.68 6.68
CA CYS A 236 14.63 -10.49 5.53
C CYS A 236 14.38 -9.00 5.30
N MET A 237 14.01 -8.68 4.07
CA MET A 237 13.41 -7.38 3.77
C MET A 237 11.96 -7.40 4.23
N LYS A 238 11.56 -6.39 5.00
CA LYS A 238 10.17 -6.26 5.44
C LYS A 238 9.48 -5.14 4.66
N ARG A 239 8.17 -5.31 4.45
CA ARG A 239 7.39 -4.35 3.69
C ARG A 239 6.03 -4.17 4.36
N SER A 240 5.48 -2.96 4.25
CA SER A 240 4.11 -2.69 4.66
C SER A 240 3.58 -1.60 3.72
N LEU A 241 3.06 -2.04 2.58
CA LEU A 241 2.64 -1.10 1.53
C LEU A 241 1.56 -0.16 2.07
N THR A 242 1.72 1.14 1.80
CA THR A 242 0.87 2.16 2.39
C THR A 242 0.37 3.11 1.30
N THR A 243 -0.77 2.77 0.71
CA THR A 243 -1.32 3.58 -0.37
C THR A 243 -1.63 5.01 0.09
N GLU A 244 -2.08 5.16 1.34
CA GLU A 244 -2.48 6.48 1.82
C GLU A 244 -1.30 7.45 1.84
N ILE A 245 -0.08 6.97 2.06
CA ILE A 245 1.07 7.85 1.96
C ILE A 245 1.20 8.39 0.54
N LEU A 246 1.08 7.52 -0.46
CA LEU A 246 1.10 7.98 -1.84
C LEU A 246 -0.03 8.96 -2.12
N GLN A 247 -1.23 8.67 -1.59
CA GLN A 247 -2.36 9.56 -1.79
C GLN A 247 -2.08 10.95 -1.24
N ARG A 248 -1.31 11.04 -0.16
CA ARG A 248 -1.05 12.34 0.46
C ARG A 248 0.09 13.10 -0.20
N TYR A 249 1.10 12.40 -0.70
CA TYR A 249 2.35 13.04 -1.12
C TYR A 249 2.82 12.76 -2.54
N ASN A 250 2.20 11.82 -3.27
CA ASN A 250 2.79 11.36 -4.54
C ASN A 250 1.80 11.27 -5.70
N THR A 251 0.61 11.86 -5.58
CA THR A 251 -0.31 11.90 -6.71
C THR A 251 0.24 12.78 -7.82
N PHE A 252 -0.33 12.63 -9.02
CA PHE A 252 0.10 13.48 -10.12
C PHE A 252 -0.03 14.96 -9.80
N PRO A 253 -1.11 15.44 -9.18
CA PRO A 253 -1.12 16.85 -8.75
C PRO A 253 0.06 17.24 -7.87
N LYS A 254 0.45 16.39 -6.93
CA LYS A 254 1.59 16.72 -6.05
C LYS A 254 2.89 16.75 -6.83
N ILE A 255 3.04 15.86 -7.82
CA ILE A 255 4.25 15.84 -8.63
C ILE A 255 4.33 17.12 -9.47
N VAL A 256 3.23 17.51 -10.09
CA VAL A 256 3.24 18.67 -10.97
C VAL A 256 3.43 19.96 -10.16
N GLU A 257 2.83 20.02 -8.96
CA GLU A 257 3.03 21.18 -8.10
C GLU A 257 4.51 21.37 -7.79
N LEU A 258 5.19 20.28 -7.42
CA LEU A 258 6.62 20.35 -7.14
C LEU A 258 7.37 20.97 -8.31
N ILE A 259 7.07 20.55 -9.53
CA ILE A 259 7.80 21.05 -10.69
C ILE A 259 7.43 22.49 -10.99
N LEU A 260 6.14 22.82 -10.96
CA LEU A 260 5.69 24.11 -11.47
C LEU A 260 5.73 25.22 -10.42
N ASP A 261 5.65 24.88 -9.14
CA ASP A 261 5.63 25.89 -8.09
C ASP A 261 7.02 26.18 -7.52
N SER A 262 8.06 25.49 -7.95
CA SER A 262 9.40 25.66 -7.41
C SER A 262 10.20 26.57 -8.33
N ASP A 263 10.48 27.79 -7.89
CA ASP A 263 11.11 28.77 -8.77
C ASP A 263 12.63 28.83 -8.61
N ASP A 264 13.21 28.05 -7.70
CA ASP A 264 14.66 27.96 -7.59
C ASP A 264 15.00 26.64 -6.93
N ILE A 265 16.28 26.27 -7.00
CA ILE A 265 16.69 24.92 -6.61
C ILE A 265 16.50 24.68 -5.11
N TRP A 266 16.70 25.70 -4.29
CA TRP A 266 16.43 25.53 -2.86
C TRP A 266 15.00 25.07 -2.63
N ASP A 267 14.04 25.81 -3.18
CA ASP A 267 12.63 25.46 -3.01
C ASP A 267 12.32 24.09 -3.63
N PHE A 268 12.90 23.78 -4.79
CA PHE A 268 12.62 22.50 -5.43
C PHE A 268 13.10 21.34 -4.57
N GLN A 269 14.37 21.36 -4.16
CA GLN A 269 14.91 20.25 -3.39
C GLN A 269 14.25 20.14 -2.02
N MET A 270 13.85 21.27 -1.42
CA MET A 270 13.24 21.21 -0.10
C MET A 270 11.79 20.74 -0.17
N THR A 271 11.03 21.19 -1.18
CA THR A 271 9.68 20.70 -1.36
C THR A 271 9.70 19.20 -1.68
N MET A 272 10.70 18.76 -2.45
CA MET A 272 10.82 17.35 -2.77
C MET A 272 11.08 16.50 -1.54
N GLN A 273 11.96 16.96 -0.65
CA GLN A 273 12.32 16.15 0.50
C GLN A 273 11.36 16.35 1.67
N GLY A 274 10.57 17.41 1.66
CA GLY A 274 9.70 17.74 2.78
C GLY A 274 10.33 18.83 3.61
N VAL A 275 9.64 19.97 3.71
CA VAL A 275 10.15 21.07 4.53
C VAL A 275 9.85 20.73 6.00
N PRO A 276 10.88 20.59 6.84
CA PRO A 276 10.61 20.34 8.26
C PRO A 276 9.65 21.36 8.85
N GLY A 277 8.63 20.87 9.55
CA GLY A 277 7.62 21.72 10.13
C GLY A 277 6.41 21.95 9.25
N SER A 278 6.48 21.60 7.97
CA SER A 278 5.37 21.83 7.05
C SER A 278 4.29 20.77 7.15
N GLY A 279 4.54 19.67 7.85
CA GLY A 279 3.62 18.56 7.87
C GLY A 279 3.69 17.64 6.68
N SER A 280 4.55 17.94 5.71
CA SER A 280 4.66 17.18 4.47
C SER A 280 6.04 16.54 4.38
N ILE A 281 6.10 15.34 3.80
CA ILE A 281 7.36 14.67 3.53
C ILE A 281 7.73 14.66 2.07
N GLY A 282 6.95 15.34 1.22
CA GLY A 282 7.27 15.47 -0.20
C GLY A 282 7.21 14.14 -0.94
N VAL A 283 7.39 14.25 -2.27
CA VAL A 283 7.40 13.06 -3.10
C VAL A 283 8.53 12.12 -2.69
N HIS A 284 9.65 12.66 -2.20
CA HIS A 284 10.78 11.81 -1.86
C HIS A 284 10.51 11.00 -0.61
N GLY A 285 10.10 11.64 0.48
CA GLY A 285 9.71 10.88 1.66
C GLY A 285 8.51 10.01 1.42
N GLY A 286 7.55 10.50 0.63
CA GLY A 286 6.37 9.70 0.36
C GLY A 286 6.70 8.39 -0.33
N GLY A 287 7.53 8.45 -1.37
CA GLY A 287 7.93 7.23 -2.06
C GLY A 287 8.64 6.25 -1.14
N HIS A 288 9.57 6.75 -0.32
CA HIS A 288 10.30 5.89 0.62
C HIS A 288 9.37 5.26 1.64
N TYR A 289 8.64 6.07 2.38
CA TYR A 289 7.89 5.54 3.52
C TYR A 289 6.65 4.76 3.07
N SER A 290 6.20 4.95 1.83
CA SER A 290 5.06 4.17 1.35
C SER A 290 5.38 2.68 1.27
N MET A 291 6.66 2.32 1.18
CA MET A 291 7.08 0.92 1.18
C MET A 291 6.93 0.28 2.55
N GLY A 292 6.91 1.09 3.60
CA GLY A 292 6.93 0.56 4.95
C GLY A 292 8.14 -0.34 5.22
N GLY A 293 8.07 -1.00 6.36
CA GLY A 293 8.98 -2.10 6.64
C GLY A 293 10.42 -1.66 6.88
N ASP A 294 11.33 -2.58 6.56
CA ASP A 294 12.74 -2.49 6.90
C ASP A 294 13.53 -2.90 5.66
N PRO A 295 14.38 -2.03 5.08
CA PRO A 295 14.83 -0.73 5.56
C PRO A 295 14.04 0.47 5.00
N GLY A 296 12.84 0.21 4.50
CA GLY A 296 12.05 1.29 3.90
C GLY A 296 11.88 2.49 4.82
N ARG A 297 11.81 2.26 6.13
CA ARG A 297 11.62 3.33 7.11
C ARG A 297 12.92 3.70 7.81
N ASP A 298 14.05 3.51 7.14
CA ASP A 298 15.38 3.78 7.67
C ASP A 298 16.11 4.66 6.65
N VAL A 299 16.31 5.92 7.00
N VAL A 299 16.32 5.94 6.98
CA VAL A 299 16.92 6.90 6.09
CA VAL A 299 16.89 6.85 6.00
C VAL A 299 18.29 6.43 5.63
C VAL A 299 18.32 6.46 5.63
N TYR A 300 19.02 5.74 6.51
CA TYR A 300 20.40 5.36 6.20
C TYR A 300 20.47 4.12 5.32
N VAL A 301 19.60 3.15 5.58
CA VAL A 301 19.70 1.81 5.01
C VAL A 301 18.76 1.64 3.83
N SER A 302 18.07 2.70 3.41
CA SER A 302 16.98 2.56 2.45
C SER A 302 17.39 1.91 1.11
N PRO A 303 18.63 2.03 0.60
CA PRO A 303 18.96 1.29 -0.63
C PRO A 303 18.85 -0.21 -0.47
N GLY A 304 18.77 -0.71 0.77
CA GLY A 304 18.50 -2.11 1.02
C GLY A 304 17.14 -2.58 0.56
N ASP A 305 16.22 -1.66 0.27
CA ASP A 305 14.95 -2.00 -0.37
C ASP A 305 15.15 -1.88 -1.87
N THR A 306 14.91 -2.98 -2.59
CA THR A 306 15.25 -3.01 -4.00
C THR A 306 14.46 -2.02 -4.84
N ALA A 307 13.32 -1.52 -4.33
CA ALA A 307 12.60 -0.50 -5.08
C ALA A 307 13.26 0.87 -4.98
N PHE A 308 14.25 1.04 -4.10
CA PHE A 308 15.01 2.28 -3.99
C PHE A 308 15.45 2.77 -5.37
N TRP A 309 15.99 1.87 -6.19
CA TRP A 309 16.59 2.27 -7.46
C TRP A 309 15.55 2.82 -8.41
N LEU A 310 14.34 2.27 -8.40
CA LEU A 310 13.28 2.79 -9.25
C LEU A 310 12.70 4.08 -8.66
N HIS A 311 12.60 4.15 -7.34
CA HIS A 311 12.20 5.39 -6.68
C HIS A 311 13.13 6.54 -7.08
N HIS A 312 14.43 6.32 -6.99
CA HIS A 312 15.34 7.42 -7.30
C HIS A 312 15.51 7.64 -8.79
N GLY A 313 15.18 6.66 -9.64
CA GLY A 313 14.97 6.97 -11.04
C GLY A 313 13.94 8.06 -11.24
N MET A 314 12.79 7.94 -10.56
CA MET A 314 11.75 8.96 -10.68
C MET A 314 12.21 10.28 -10.09
N ILE A 315 12.88 10.26 -8.94
CA ILE A 315 13.43 11.48 -8.36
C ILE A 315 14.28 12.20 -9.40
N ASP A 316 15.22 11.48 -10.00
CA ASP A 316 16.11 12.07 -10.99
C ASP A 316 15.31 12.59 -12.18
N ARG A 317 14.29 11.83 -12.62
CA ARG A 317 13.45 12.28 -13.73
C ARG A 317 12.79 13.61 -13.42
N VAL A 318 12.19 13.74 -12.22
CA VAL A 318 11.51 14.97 -11.85
C VAL A 318 12.50 16.14 -11.78
N TRP A 319 13.71 15.88 -11.28
CA TRP A 319 14.74 16.93 -11.31
C TRP A 319 15.09 17.31 -12.74
N TRP A 320 15.33 16.30 -13.58
CA TRP A 320 15.63 16.54 -14.99
C TRP A 320 14.53 17.35 -15.69
N ILE A 321 13.25 17.02 -15.46
CA ILE A 321 12.17 17.82 -16.05
C ILE A 321 12.29 19.27 -15.59
N TRP A 322 12.39 19.48 -14.29
CA TRP A 322 12.48 20.84 -13.74
C TRP A 322 13.67 21.60 -14.31
N GLN A 323 14.84 20.96 -14.42
CA GLN A 323 15.99 21.63 -15.01
C GLN A 323 15.68 22.13 -16.42
N ASN A 324 15.06 21.28 -17.24
CA ASN A 324 14.88 21.61 -18.64
C ASN A 324 13.76 22.62 -18.89
N LEU A 325 13.02 23.04 -17.86
CA LEU A 325 12.06 24.10 -18.06
C LEU A 325 12.71 25.48 -18.14
N ASP A 326 13.94 25.62 -17.65
CA ASP A 326 14.69 26.86 -17.78
C ASP A 326 16.18 26.56 -17.64
N LEU A 327 16.74 25.95 -18.68
CA LEU A 327 18.07 25.36 -18.56
C LEU A 327 19.13 26.41 -18.25
N ARG A 328 19.00 27.60 -18.83
CA ARG A 328 19.98 28.65 -18.58
C ARG A 328 20.15 28.93 -17.10
N LYS A 329 19.05 28.95 -16.34
CA LYS A 329 19.11 29.27 -14.93
C LYS A 329 19.19 28.04 -14.03
N ARG A 330 18.83 26.86 -14.52
CA ARG A 330 18.64 25.70 -13.67
C ARG A 330 19.61 24.56 -13.91
N GLN A 331 20.27 24.52 -15.07
CA GLN A 331 21.17 23.42 -15.38
C GLN A 331 22.15 23.16 -14.25
N ASN A 332 22.85 24.21 -13.79
CA ASN A 332 23.94 24.07 -12.84
C ASN A 332 23.61 24.66 -11.48
N ALA A 333 22.32 24.86 -11.17
CA ALA A 333 21.92 25.54 -9.95
C ALA A 333 22.09 24.63 -8.74
N ILE A 334 22.67 25.20 -7.68
CA ILE A 334 22.98 24.49 -6.45
C ILE A 334 22.60 25.41 -5.29
N SER A 335 22.15 24.81 -4.19
CA SER A 335 21.94 25.57 -2.96
C SER A 335 21.99 24.61 -1.78
N GLY A 336 22.47 25.13 -0.65
CA GLY A 336 22.65 24.33 0.54
C GLY A 336 24.11 24.12 0.88
N THR A 337 24.32 23.33 1.91
CA THR A 337 25.65 23.14 2.48
C THR A 337 26.00 21.65 2.54
N GLY A 338 27.10 21.32 3.20
CA GLY A 338 27.62 19.98 3.24
C GLY A 338 27.11 19.13 4.38
N THR A 339 26.21 19.68 5.20
CA THR A 339 25.70 18.97 6.36
C THR A 339 24.17 18.96 6.34
N PHE A 340 23.61 17.84 6.81
CA PHE A 340 22.17 17.61 6.95
C PHE A 340 21.49 18.81 7.58
N MET A 341 20.63 19.49 6.81
CA MET A 341 19.90 20.67 7.29
C MET A 341 20.85 21.73 7.86
N ASN A 342 22.10 21.72 7.41
CA ASN A 342 23.13 22.64 7.89
C ASN A 342 23.27 22.59 9.41
N ASN A 343 23.19 21.37 9.95
CA ASN A 343 23.41 21.12 11.37
C ASN A 343 24.54 20.10 11.51
N PRO A 344 25.71 20.45 12.06
CA PRO A 344 26.17 21.81 12.38
C PRO A 344 26.40 22.60 11.11
N ALA A 345 26.57 23.91 11.22
CA ALA A 345 26.79 24.73 10.03
C ALA A 345 28.06 24.30 9.31
N SER A 346 28.01 24.34 7.98
CA SER A 346 29.13 23.99 7.13
C SER A 346 29.14 24.89 5.90
N PRO A 347 30.20 24.88 5.10
CA PRO A 347 30.26 25.78 3.93
C PRO A 347 29.25 25.38 2.86
N ASN A 348 28.91 26.37 2.04
CA ASN A 348 28.00 26.15 0.93
C ASN A 348 28.60 25.16 -0.06
N THR A 349 27.74 24.29 -0.58
CA THR A 349 28.11 23.45 -1.72
C THR A 349 28.43 24.32 -2.94
N THR A 350 29.47 23.93 -3.67
CA THR A 350 29.83 24.62 -4.92
C THR A 350 30.02 23.58 -6.02
N LEU A 351 30.16 24.09 -7.24
CA LEU A 351 30.42 23.23 -8.39
C LEU A 351 31.72 22.44 -8.26
N ASP A 352 32.62 22.84 -7.34
CA ASP A 352 33.87 22.12 -7.12
C ASP A 352 33.79 21.11 -6.00
N THR A 353 32.69 21.10 -5.25
CA THR A 353 32.50 20.10 -4.22
C THR A 353 32.61 18.70 -4.83
N VAL A 354 33.29 17.82 -4.11
CA VAL A 354 33.62 16.48 -4.58
C VAL A 354 32.74 15.48 -3.86
N ILE A 355 32.15 14.55 -4.61
CA ILE A 355 31.44 13.45 -4.00
C ILE A 355 32.02 12.15 -4.52
N ASP A 356 31.86 11.10 -3.72
CA ASP A 356 32.40 9.79 -4.06
C ASP A 356 31.53 8.74 -3.37
N LEU A 357 31.62 7.50 -3.89
CA LEU A 357 30.76 6.41 -3.43
C LEU A 357 31.54 5.37 -2.65
N GLY A 358 32.65 5.76 -2.04
CA GLY A 358 33.44 4.81 -1.28
C GLY A 358 33.94 3.71 -2.21
N TYR A 359 33.66 2.47 -1.84
CA TYR A 359 34.06 1.30 -2.61
C TYR A 359 32.93 0.74 -3.45
N ALA A 360 31.78 1.40 -3.49
CA ALA A 360 30.65 0.90 -4.26
C ALA A 360 30.99 0.84 -5.75
N ASN A 361 31.47 1.95 -6.31
CA ASN A 361 31.85 1.99 -7.71
C ASN A 361 32.40 3.35 -8.11
N GLY A 362 33.35 3.36 -9.01
CA GLY A 362 33.80 4.59 -9.62
C GLY A 362 34.73 5.37 -8.72
N GLY A 363 35.10 6.54 -9.21
CA GLY A 363 36.01 7.40 -8.48
C GLY A 363 35.31 8.66 -8.02
N PRO A 364 36.07 9.55 -7.39
CA PRO A 364 35.52 10.85 -7.00
C PRO A 364 35.15 11.66 -8.22
N ILE A 365 34.16 12.52 -8.04
CA ILE A 365 33.67 13.35 -9.14
C ILE A 365 33.18 14.67 -8.56
N ALA A 366 33.40 15.76 -9.30
CA ALA A 366 32.99 17.08 -8.87
C ALA A 366 31.54 17.34 -9.26
N MET A 367 30.86 18.15 -8.45
CA MET A 367 29.48 18.54 -8.74
C MET A 367 29.31 19.02 -10.17
N ARG A 368 30.27 19.82 -10.67
CA ARG A 368 30.11 20.40 -12.01
C ARG A 368 29.92 19.33 -13.07
N ASP A 369 30.45 18.12 -12.85
CA ASP A 369 30.32 17.05 -13.85
C ASP A 369 29.06 16.21 -13.65
N LEU A 370 28.18 16.59 -12.73
CA LEU A 370 26.99 15.83 -12.40
C LEU A 370 25.69 16.53 -12.75
N MET A 371 25.74 17.79 -13.16
CA MET A 371 24.54 18.62 -13.21
C MET A 371 23.68 18.35 -14.45
N SER A 372 24.20 17.68 -15.46
CA SER A 372 23.46 17.43 -16.70
C SER A 372 23.45 15.94 -17.04
N THR A 373 22.28 15.43 -17.40
CA THR A 373 22.20 14.04 -17.82
C THR A 373 22.83 13.80 -19.18
N THR A 374 23.30 14.84 -19.88
CA THR A 374 23.99 14.67 -21.15
C THR A 374 25.38 15.30 -21.13
N ALA A 375 26.04 15.29 -19.97
CA ALA A 375 27.41 15.77 -19.85
C ALA A 375 28.12 14.95 -18.78
N GLY A 376 29.43 15.16 -18.67
CA GLY A 376 30.22 14.37 -17.76
C GLY A 376 30.12 12.90 -18.11
N PRO A 377 29.93 12.03 -17.12
CA PRO A 377 29.78 10.60 -17.42
C PRO A 377 28.42 10.23 -18.00
N PHE A 378 27.50 11.18 -18.11
CA PHE A 378 26.09 10.87 -18.34
C PHE A 378 25.69 11.14 -19.78
N CYS A 379 24.85 10.25 -20.32
CA CYS A 379 24.30 10.50 -21.64
C CYS A 379 22.96 9.76 -21.71
N TYR A 380 21.93 10.35 -21.10
CA TYR A 380 20.64 9.69 -21.06
C TYR A 380 19.50 10.71 -20.98
N VAL A 381 18.30 10.19 -21.22
N VAL A 381 18.31 10.22 -21.31
CA VAL A 381 17.07 10.98 -21.23
CA VAL A 381 17.07 10.99 -21.21
C VAL A 381 15.97 10.07 -20.70
C VAL A 381 16.03 10.10 -20.54
N TYR A 382 14.89 10.69 -20.24
CA TYR A 382 13.74 9.95 -19.73
C TYR A 382 12.62 9.98 -20.75
N LEU A 383 11.98 8.83 -20.94
CA LEU A 383 10.70 8.75 -21.65
C LEU A 383 9.67 8.04 -20.78
N ALA B 4 -19.38 -24.12 32.96
CA ALA B 4 -19.58 -23.73 31.57
C ALA B 4 -20.51 -24.70 30.86
N THR B 5 -21.82 -24.56 31.11
CA THR B 5 -22.84 -25.42 30.54
C THR B 5 -23.61 -24.62 29.50
N LEU B 6 -23.46 -24.99 28.24
CA LEU B 6 -23.99 -24.16 27.18
C LEU B 6 -25.36 -24.68 26.72
N PRO B 7 -26.22 -23.80 26.22
CA PRO B 7 -27.48 -24.26 25.64
C PRO B 7 -27.22 -25.03 24.36
N THR B 8 -28.08 -26.02 24.10
CA THR B 8 -28.03 -26.79 22.88
C THR B 8 -29.30 -26.70 22.06
N THR B 9 -30.37 -26.13 22.63
CA THR B 9 -31.62 -25.93 21.93
C THR B 9 -32.08 -24.49 22.16
N ALA B 10 -32.41 -23.79 21.08
CA ALA B 10 -32.86 -22.40 21.19
C ALA B 10 -34.24 -22.33 21.84
N SER B 11 -34.41 -21.38 22.73
CA SER B 11 -35.71 -21.13 23.33
C SER B 11 -36.59 -20.30 22.41
N SER B 12 -37.91 -20.47 22.55
CA SER B 12 -38.88 -19.64 21.87
C SER B 12 -39.19 -18.34 22.62
N SER B 13 -38.78 -18.25 23.88
CA SER B 13 -38.88 -17.02 24.64
C SER B 13 -37.75 -16.08 24.23
N THR B 14 -38.11 -14.85 23.81
CA THR B 14 -37.07 -13.91 23.39
C THR B 14 -36.15 -13.55 24.55
N ALA B 15 -36.69 -13.48 25.77
CA ALA B 15 -35.85 -13.17 26.92
C ALA B 15 -34.85 -14.29 27.17
N VAL B 16 -35.32 -15.53 27.21
CA VAL B 16 -34.43 -16.66 27.44
C VAL B 16 -33.40 -16.76 26.31
N ALA B 17 -33.86 -16.62 25.07
CA ALA B 17 -32.95 -16.76 23.94
C ALA B 17 -31.91 -15.65 23.94
N SER B 18 -32.27 -14.44 24.36
CA SER B 18 -31.27 -13.40 24.55
C SER B 18 -30.21 -13.85 25.55
N SER B 19 -30.64 -14.45 26.65
CA SER B 19 -29.71 -14.97 27.64
C SER B 19 -28.85 -16.08 27.06
N GLN B 20 -29.46 -16.98 26.28
CA GLN B 20 -28.68 -18.00 25.58
C GLN B 20 -27.61 -17.37 24.69
N LEU B 21 -27.97 -16.33 23.95
CA LEU B 21 -27.01 -15.69 23.06
C LEU B 21 -25.85 -15.11 23.86
N ASP B 22 -26.15 -14.41 24.96
CA ASP B 22 -25.09 -13.83 25.78
C ASP B 22 -24.12 -14.90 26.28
N GLN B 23 -24.66 -16.06 26.64
CA GLN B 23 -23.83 -17.16 27.13
C GLN B 23 -22.94 -17.71 26.01
N LEU B 24 -23.51 -17.92 24.83
CA LEU B 24 -22.70 -18.38 23.70
C LEU B 24 -21.63 -17.35 23.36
N ALA B 25 -22.00 -16.07 23.37
CA ALA B 25 -21.02 -15.02 23.05
C ALA B 25 -19.94 -14.93 24.12
N ASN B 26 -20.30 -15.09 25.39
CA ASN B 26 -19.29 -15.02 26.44
C ASN B 26 -18.35 -16.21 26.37
N PHE B 27 -18.88 -17.40 26.04
CA PHE B 27 -18.03 -18.56 25.81
C PHE B 27 -17.05 -18.27 24.69
N ALA B 28 -17.52 -17.71 23.58
CA ALA B 28 -16.64 -17.41 22.45
C ALA B 28 -15.56 -16.43 22.87
N TYR B 29 -15.93 -15.42 23.67
CA TYR B 29 -14.94 -14.47 24.16
C TYR B 29 -13.88 -15.17 25.00
N ASN B 30 -14.30 -16.07 25.89
CA ASN B 30 -13.34 -16.83 26.69
C ASN B 30 -12.43 -17.67 25.81
N VAL B 31 -12.98 -18.33 24.80
CA VAL B 31 -12.16 -19.16 23.91
C VAL B 31 -11.11 -18.30 23.21
N THR B 32 -11.54 -17.17 22.64
CA THR B 32 -10.62 -16.34 21.87
C THR B 32 -9.54 -15.74 22.76
N THR B 33 -9.92 -15.17 23.91
CA THR B 33 -8.92 -14.50 24.75
C THR B 33 -7.94 -15.52 25.34
N ASP B 34 -8.43 -16.69 25.73
CA ASP B 34 -7.53 -17.73 26.22
C ASP B 34 -6.48 -18.10 25.17
N SER B 35 -6.90 -18.25 23.92
CA SER B 35 -5.97 -18.66 22.86
C SER B 35 -4.94 -17.58 22.58
N VAL B 36 -5.38 -16.31 22.56
CA VAL B 36 -4.43 -15.22 22.36
C VAL B 36 -3.35 -15.24 23.42
N ALA B 37 -3.73 -15.53 24.67
CA ALA B 37 -2.78 -15.57 25.78
C ALA B 37 -2.00 -16.88 25.81
N GLY B 46 1.29 -11.79 15.75
CA GLY B 46 1.49 -10.65 16.63
C GLY B 46 0.20 -10.14 17.27
N CYS B 47 -0.81 -11.00 17.34
CA CYS B 47 -2.03 -10.71 18.08
C CYS B 47 -1.80 -11.07 19.54
N THR B 48 -1.95 -10.09 20.43
CA THR B 48 -1.72 -10.30 21.84
C THR B 48 -2.87 -9.71 22.64
N LEU B 49 -2.89 -10.04 23.93
CA LEU B 49 -3.91 -9.48 24.81
C LEU B 49 -3.77 -7.98 24.96
N GLN B 50 -2.57 -7.44 24.73
CA GLN B 50 -2.36 -6.01 24.91
C GLN B 50 -2.82 -5.18 23.72
N ASN B 51 -2.88 -5.76 22.52
CA ASN B 51 -3.32 -5.04 21.34
C ASN B 51 -4.65 -5.56 20.78
N LEU B 52 -5.24 -6.57 21.42
CA LEU B 52 -6.55 -7.08 21.01
C LEU B 52 -7.58 -5.97 21.01
N ARG B 53 -8.31 -5.84 19.91
CA ARG B 53 -9.41 -4.89 19.81
C ARG B 53 -10.72 -5.55 20.22
N VAL B 54 -11.66 -4.73 20.64
CA VAL B 54 -12.98 -5.16 21.05
C VAL B 54 -14.01 -4.48 20.14
N ARG B 55 -14.92 -5.27 19.58
CA ARG B 55 -16.04 -4.72 18.84
C ARG B 55 -17.30 -4.80 19.71
N ARG B 56 -18.09 -3.73 19.72
CA ARG B 56 -19.13 -3.57 20.72
C ARG B 56 -20.50 -3.27 20.10
N ASP B 57 -21.54 -3.64 20.83
CA ASP B 57 -22.91 -3.27 20.51
C ASP B 57 -23.05 -1.75 20.42
N TRP B 58 -23.69 -1.27 19.35
CA TRP B 58 -23.93 0.18 19.21
C TRP B 58 -24.53 0.77 20.49
N ARG B 59 -25.43 0.04 21.15
CA ARG B 59 -26.10 0.55 22.34
C ARG B 59 -25.12 0.84 23.48
N ALA B 60 -23.97 0.18 23.47
CA ALA B 60 -22.95 0.39 24.50
C ALA B 60 -22.05 1.57 24.21
N PHE B 61 -22.11 2.14 23.01
CA PHE B 61 -21.36 3.35 22.70
C PHE B 61 -21.95 4.53 23.45
N SER B 62 -21.09 5.36 24.06
CA SER B 62 -21.54 6.62 24.60
C SER B 62 -21.97 7.57 23.46
N LYS B 63 -22.66 8.64 23.82
CA LYS B 63 -23.07 9.62 22.82
C LYS B 63 -21.87 10.13 22.03
N THR B 64 -20.78 10.48 22.73
CA THR B 64 -19.60 10.99 22.04
C THR B 64 -18.99 9.92 21.14
N GLN B 65 -18.97 8.67 21.61
CA GLN B 65 -18.38 7.59 20.82
C GLN B 65 -19.20 7.29 19.58
N LYS B 66 -20.53 7.42 19.68
CA LYS B 66 -21.39 7.28 18.50
C LYS B 66 -21.10 8.38 17.49
N LYS B 67 -20.97 9.62 17.96
CA LYS B 67 -20.70 10.72 17.07
C LYS B 67 -19.31 10.59 16.43
N ASP B 68 -18.32 10.13 17.20
CA ASP B 68 -16.99 9.91 16.65
C ASP B 68 -17.06 8.99 15.44
N TYR B 69 -17.81 7.88 15.58
CA TYR B 69 -17.93 6.92 14.48
C TYR B 69 -18.67 7.54 13.29
N ILE B 70 -19.81 8.17 13.56
CA ILE B 70 -20.60 8.80 12.49
C ILE B 70 -19.75 9.83 11.75
N ASN B 71 -18.98 10.64 12.48
CA ASN B 71 -18.19 11.68 11.84
C ASN B 71 -17.10 11.08 10.96
N SER B 72 -16.56 9.92 11.33
CA SER B 72 -15.56 9.28 10.50
C SER B 72 -16.16 8.72 9.21
N VAL B 73 -17.39 8.20 9.29
CA VAL B 73 -18.09 7.76 8.09
C VAL B 73 -18.37 8.95 7.18
N LEU B 74 -18.85 10.06 7.76
CA LEU B 74 -19.09 11.27 6.99
C LEU B 74 -17.82 11.76 6.32
N CYS B 75 -16.69 11.59 6.99
CA CYS B 75 -15.40 11.97 6.40
CA CYS B 75 -15.41 11.98 6.40
C CYS B 75 -15.13 11.16 5.15
N LEU B 76 -15.33 9.83 5.22
CA LEU B 76 -15.13 8.99 4.04
C LEU B 76 -16.06 9.37 2.91
N GLN B 77 -17.23 9.95 3.23
CA GLN B 77 -18.19 10.40 2.23
C GLN B 77 -17.86 11.77 1.68
N LYS B 78 -16.75 12.36 2.11
CA LYS B 78 -16.27 13.61 1.55
C LYS B 78 -14.90 13.48 0.90
N LEU B 79 -14.06 12.56 1.36
CA LEU B 79 -12.73 12.41 0.77
C LEU B 79 -12.87 11.85 -0.64
N PRO B 80 -11.96 12.22 -1.55
CA PRO B 80 -12.10 11.83 -2.96
C PRO B 80 -11.85 10.35 -3.17
N SER B 81 -12.56 9.80 -4.15
CA SER B 81 -12.46 8.39 -4.51
C SER B 81 -11.08 8.05 -5.07
N ARG B 82 -10.64 6.81 -4.81
CA ARG B 82 -9.42 6.27 -5.40
C ARG B 82 -9.65 5.57 -6.71
N THR B 83 -10.87 5.13 -6.97
CA THR B 83 -11.12 4.25 -8.11
C THR B 83 -10.88 5.00 -9.41
N PRO B 84 -10.13 4.43 -10.35
CA PRO B 84 -10.00 5.07 -11.67
C PRO B 84 -11.36 5.32 -12.29
N ALA B 85 -11.55 6.55 -12.78
CA ALA B 85 -12.88 6.97 -13.23
C ALA B 85 -13.42 6.07 -14.33
N HIS B 86 -12.54 5.59 -15.22
CA HIS B 86 -13.07 4.78 -16.33
C HIS B 86 -13.63 3.45 -15.86
N LEU B 87 -13.24 2.98 -14.67
CA LEU B 87 -13.79 1.75 -14.11
C LEU B 87 -15.07 1.95 -13.32
N ALA B 88 -15.32 3.14 -12.81
CA ALA B 88 -16.51 3.48 -12.02
C ALA B 88 -16.76 4.97 -12.21
N PRO B 89 -17.33 5.37 -13.35
CA PRO B 89 -17.50 6.80 -13.62
C PRO B 89 -18.31 7.53 -12.57
N GLY B 90 -19.16 6.82 -11.84
CA GLY B 90 -20.00 7.47 -10.85
C GLY B 90 -19.36 7.68 -9.50
N ALA B 91 -18.20 7.08 -9.26
CA ALA B 91 -17.58 7.20 -7.95
C ALA B 91 -17.06 8.62 -7.74
N ARG B 92 -17.28 9.13 -6.53
CA ARG B 92 -16.83 10.47 -6.18
C ARG B 92 -16.03 10.47 -4.89
N THR B 93 -16.35 9.56 -3.99
CA THR B 93 -15.81 9.58 -2.63
C THR B 93 -15.13 8.27 -2.29
N ARG B 94 -14.38 8.26 -1.18
CA ARG B 94 -13.83 7.02 -0.66
C ARG B 94 -14.95 6.04 -0.31
N TYR B 95 -16.04 6.55 0.25
CA TYR B 95 -17.19 5.69 0.53
C TYR B 95 -17.69 5.00 -0.75
N ASP B 96 -17.79 5.75 -1.85
CA ASP B 96 -18.19 5.14 -3.13
C ASP B 96 -17.24 4.02 -3.55
N ASP B 97 -15.95 4.10 -3.21
CA ASP B 97 -15.01 3.04 -3.58
C ASP B 97 -15.44 1.70 -3.03
N PHE B 98 -15.89 1.67 -1.78
CA PHE B 98 -16.37 0.42 -1.19
C PHE B 98 -17.67 -0.03 -1.84
N VAL B 99 -18.59 0.91 -2.10
CA VAL B 99 -19.85 0.55 -2.74
C VAL B 99 -19.60 -0.05 -4.12
N ALA B 100 -18.67 0.55 -4.87
CA ALA B 100 -18.43 0.12 -6.25
C ALA B 100 -17.87 -1.30 -6.31
N THR B 101 -16.89 -1.62 -5.46
CA THR B 101 -16.36 -2.97 -5.55
C THR B 101 -17.39 -4.00 -5.10
N HIS B 102 -18.26 -3.65 -4.14
CA HIS B 102 -19.35 -4.55 -3.78
C HIS B 102 -20.29 -4.79 -4.97
N ILE B 103 -20.71 -3.72 -5.64
CA ILE B 103 -21.54 -3.87 -6.84
C ILE B 103 -20.87 -4.80 -7.82
N ASN B 104 -19.58 -4.55 -8.06
CA ASN B 104 -18.84 -5.22 -9.12
C ASN B 104 -18.68 -6.71 -8.85
N GLN B 105 -18.67 -7.11 -7.59
CA GLN B 105 -18.35 -8.48 -7.20
C GLN B 105 -19.54 -9.23 -6.60
N THR B 106 -20.73 -8.63 -6.64
CA THR B 106 -21.89 -9.20 -5.96
C THR B 106 -22.15 -10.64 -6.36
N GLN B 107 -21.95 -10.96 -7.65
CA GLN B 107 -22.25 -12.29 -8.15
C GLN B 107 -21.21 -13.33 -7.76
N ILE B 108 -20.09 -12.94 -7.13
CA ILE B 108 -19.13 -13.91 -6.64
C ILE B 108 -18.88 -13.80 -5.14
N ILE B 109 -19.71 -13.06 -4.40
CA ILE B 109 -19.47 -12.90 -2.96
C ILE B 109 -20.72 -13.16 -2.13
N HIS B 110 -21.82 -13.60 -2.77
CA HIS B 110 -23.04 -14.00 -2.09
C HIS B 110 -23.45 -15.40 -2.51
N TYR B 111 -23.90 -16.21 -1.55
CA TYR B 111 -24.14 -17.63 -1.78
C TYR B 111 -22.92 -18.29 -2.45
N THR B 112 -21.74 -17.93 -1.97
CA THR B 112 -20.48 -18.51 -2.39
C THR B 112 -19.76 -19.05 -1.16
N GLY B 113 -18.72 -19.85 -1.40
CA GLY B 113 -17.88 -20.27 -0.31
C GLY B 113 -17.14 -19.13 0.37
N THR B 114 -17.06 -17.97 -0.31
CA THR B 114 -16.32 -16.82 0.20
C THR B 114 -17.19 -15.79 0.91
N PHE B 115 -18.52 -15.98 0.92
CA PHE B 115 -19.41 -14.93 1.41
C PHE B 115 -19.00 -14.42 2.79
N LEU B 116 -18.83 -15.32 3.76
CA LEU B 116 -18.56 -14.88 5.13
C LEU B 116 -17.17 -14.27 5.24
N ALA B 117 -16.16 -14.89 4.65
CA ALA B 117 -14.81 -14.38 4.76
C ALA B 117 -14.66 -13.06 4.01
N TRP B 118 -15.28 -12.95 2.83
CA TRP B 118 -15.16 -11.72 2.05
C TRP B 118 -15.73 -10.54 2.80
N HIS B 119 -16.91 -10.71 3.41
CA HIS B 119 -17.51 -9.61 4.17
C HIS B 119 -16.73 -9.30 5.44
N ARG B 120 -16.11 -10.31 6.07
CA ARG B 120 -15.22 -10.03 7.19
C ARG B 120 -14.08 -9.12 6.75
N TYR B 121 -13.48 -9.39 5.58
CA TYR B 121 -12.40 -8.56 5.08
C TYR B 121 -12.90 -7.18 4.67
N PHE B 122 -14.08 -7.15 4.05
CA PHE B 122 -14.67 -5.89 3.59
C PHE B 122 -14.84 -4.91 4.75
N ILE B 123 -15.43 -5.36 5.86
CA ILE B 123 -15.69 -4.42 6.94
C ILE B 123 -14.40 -4.06 7.68
N TYR B 124 -13.45 -5.00 7.76
CA TYR B 124 -12.12 -4.68 8.30
C TYR B 124 -11.43 -3.59 7.49
N GLU B 125 -11.48 -3.67 6.16
CA GLU B 125 -10.84 -2.66 5.34
C GLU B 125 -11.58 -1.34 5.37
N PHE B 126 -12.90 -1.38 5.60
CA PHE B 126 -13.65 -0.16 5.87
C PHE B 126 -13.17 0.48 7.17
N GLU B 127 -12.98 -0.35 8.20
CA GLU B 127 -12.43 0.11 9.48
C GLU B 127 -11.04 0.71 9.29
N GLN B 128 -10.21 0.07 8.47
CA GLN B 128 -8.89 0.63 8.15
C GLN B 128 -9.00 2.07 7.65
N ALA B 129 -9.95 2.31 6.75
CA ALA B 129 -10.10 3.64 6.17
C ALA B 129 -10.61 4.64 7.20
N LEU B 130 -11.54 4.22 8.06
CA LEU B 130 -11.98 5.09 9.15
C LEU B 130 -10.81 5.47 10.04
N ARG B 131 -9.96 4.51 10.39
N ARG B 131 -9.95 4.51 10.36
CA ARG B 131 -8.87 4.79 11.31
CA ARG B 131 -8.87 4.74 11.31
C ARG B 131 -7.77 5.61 10.63
C ARG B 131 -7.71 5.51 10.68
N ASP B 132 -7.41 5.25 9.41
CA ASP B 132 -6.20 5.79 8.80
C ASP B 132 -6.43 7.01 7.91
N GLU B 133 -7.68 7.29 7.54
CA GLU B 133 -7.99 8.47 6.75
C GLU B 133 -8.93 9.43 7.44
N CYS B 134 -9.64 8.98 8.48
CA CYS B 134 -10.62 9.83 9.16
CA CYS B 134 -10.65 9.80 9.16
C CYS B 134 -10.44 9.82 10.67
N SER B 135 -9.22 9.53 11.13
CA SER B 135 -8.81 9.70 12.52
C SER B 135 -9.66 8.92 13.52
N TYR B 136 -10.33 7.85 13.10
CA TYR B 136 -11.15 7.10 14.06
C TYR B 136 -10.24 6.31 14.99
N THR B 137 -10.51 6.39 16.31
CA THR B 137 -9.78 5.58 17.28
C THR B 137 -10.71 4.78 18.19
N GLY B 138 -12.00 4.74 17.91
CA GLY B 138 -12.93 3.98 18.71
C GLY B 138 -13.05 2.54 18.24
N ASP B 139 -14.11 1.88 18.69
CA ASP B 139 -14.35 0.47 18.41
C ASP B 139 -15.24 0.32 17.18
N TYR B 140 -15.18 -0.86 16.59
CA TYR B 140 -16.09 -1.16 15.49
C TYR B 140 -17.45 -1.55 16.05
N PRO B 141 -18.53 -0.91 15.61
CA PRO B 141 -19.87 -1.19 16.16
C PRO B 141 -20.59 -2.30 15.42
N TYR B 142 -21.51 -2.96 16.13
CA TYR B 142 -22.42 -3.91 15.50
C TYR B 142 -23.85 -3.63 15.94
N TRP B 143 -24.79 -4.02 15.10
CA TRP B 143 -26.21 -3.82 15.35
C TRP B 143 -26.81 -5.15 15.79
N ASN B 144 -27.17 -5.24 17.06
CA ASN B 144 -27.79 -6.47 17.57
C ASN B 144 -29.26 -6.45 17.20
N TRP B 145 -29.60 -7.16 16.12
CA TRP B 145 -30.96 -7.12 15.60
C TRP B 145 -31.97 -7.50 16.66
N GLY B 146 -31.62 -8.46 17.52
CA GLY B 146 -32.60 -9.03 18.43
C GLY B 146 -33.16 -8.03 19.40
N ALA B 147 -32.34 -7.06 19.82
CA ALA B 147 -32.78 -6.04 20.76
C ALA B 147 -33.73 -5.03 20.12
N ASP B 148 -33.81 -4.97 18.80
CA ASP B 148 -34.67 -4.02 18.10
C ASP B 148 -35.84 -4.69 17.39
N ALA B 149 -35.94 -6.02 17.45
CA ALA B 149 -36.99 -6.72 16.72
C ALA B 149 -38.39 -6.38 17.21
N ASP B 150 -38.52 -5.81 18.40
CA ASP B 150 -39.84 -5.44 18.93
C ASP B 150 -40.32 -4.09 18.42
N ASN B 151 -39.41 -3.23 17.96
CA ASN B 151 -39.75 -1.98 17.30
C ASN B 151 -38.50 -1.36 16.69
N MET B 152 -38.39 -1.43 15.37
CA MET B 152 -37.20 -0.94 14.69
C MET B 152 -37.10 0.57 14.76
N GLU B 153 -38.25 1.25 14.82
CA GLU B 153 -38.28 2.71 14.83
C GLU B 153 -37.65 3.29 16.09
N LYS B 154 -37.56 2.52 17.18
CA LYS B 154 -36.89 2.92 18.41
C LYS B 154 -35.41 2.54 18.43
N SER B 155 -34.90 1.85 17.43
CA SER B 155 -33.52 1.40 17.44
C SER B 155 -32.57 2.59 17.49
N GLN B 156 -31.53 2.48 18.33
CA GLN B 156 -30.50 3.50 18.35
C GLN B 156 -29.74 3.58 17.03
N VAL B 157 -29.86 2.56 16.18
CA VAL B 157 -29.27 2.62 14.85
C VAL B 157 -30.15 3.41 13.89
N PHE B 158 -31.47 3.40 14.09
CA PHE B 158 -32.42 3.91 13.10
C PHE B 158 -33.40 4.93 13.63
N ASP B 159 -33.16 5.53 14.81
CA ASP B 159 -34.19 6.38 15.40
C ASP B 159 -34.23 7.77 14.79
N GLY B 160 -33.32 8.11 13.89
CA GLY B 160 -33.36 9.38 13.21
C GLY B 160 -32.67 10.50 13.93
N SER B 161 -32.13 10.24 15.11
CA SER B 161 -31.43 11.27 15.87
C SER B 161 -30.02 11.46 15.32
N GLU B 162 -29.27 12.40 15.89
N GLU B 162 -29.31 12.39 15.97
CA GLU B 162 -27.92 12.62 15.39
CA GLU B 162 -27.94 12.73 15.64
C GLU B 162 -26.94 11.54 15.84
C GLU B 162 -26.97 11.57 15.86
N THR B 163 -27.38 10.53 16.60
CA THR B 163 -26.55 9.37 16.89
C THR B 163 -27.09 8.10 16.22
N SER B 164 -27.90 8.25 15.19
CA SER B 164 -28.34 7.14 14.36
C SER B 164 -27.61 7.15 13.02
N MET B 165 -27.80 6.08 12.26
CA MET B 165 -27.46 6.07 10.85
C MET B 165 -28.55 6.72 10.00
N SER B 166 -29.07 7.85 10.46
CA SER B 166 -30.35 8.40 10.03
C SER B 166 -31.46 7.39 10.34
N GLY B 167 -32.71 7.78 10.12
CA GLY B 167 -33.84 6.96 10.52
C GLY B 167 -34.73 6.51 9.39
N ASN B 168 -36.00 6.85 9.49
CA ASN B 168 -37.01 6.45 8.53
C ASN B 168 -37.04 7.44 7.37
N GLY B 169 -37.69 7.03 6.27
CA GLY B 169 -37.88 7.87 5.11
C GLY B 169 -39.24 8.57 5.10
N GLU B 170 -39.37 9.56 4.21
CA GLU B 170 -40.63 10.28 4.07
C GLU B 170 -41.76 9.30 3.85
N TYR B 171 -42.92 9.59 4.43
CA TYR B 171 -44.07 8.71 4.28
C TYR B 171 -44.49 8.61 2.83
N ILE B 172 -44.71 7.39 2.37
CA ILE B 172 -45.34 7.09 1.09
C ILE B 172 -46.57 6.25 1.42
N PRO B 173 -47.78 6.70 1.09
CA PRO B 173 -48.97 5.97 1.53
C PRO B 173 -49.33 4.82 0.60
N ASN B 174 -49.98 3.83 1.19
CA ASN B 174 -50.69 2.77 0.44
C ASN B 174 -49.76 2.06 -0.54
N GLN B 175 -48.65 1.52 -0.02
CA GLN B 175 -47.65 0.86 -0.86
C GLN B 175 -47.98 -0.62 -1.01
N GLY B 176 -47.64 -1.16 -2.18
CA GLY B 176 -47.68 -2.60 -2.39
C GLY B 176 -46.59 -3.32 -1.63
N ASP B 177 -46.68 -4.65 -1.64
CA ASP B 177 -45.71 -5.46 -0.92
C ASP B 177 -44.42 -5.62 -1.73
N ILE B 178 -43.36 -5.98 -1.02
CA ILE B 178 -42.10 -6.35 -1.63
C ILE B 178 -42.16 -7.83 -1.98
N LYS B 179 -41.74 -8.17 -3.20
CA LYS B 179 -41.78 -9.55 -3.70
C LYS B 179 -40.35 -9.98 -4.02
N LEU B 180 -39.77 -10.80 -3.15
CA LEU B 180 -38.38 -11.24 -3.29
C LEU B 180 -38.33 -12.65 -3.84
N LEU B 181 -37.53 -12.85 -4.87
CA LEU B 181 -37.30 -14.17 -5.42
C LEU B 181 -36.00 -14.73 -4.86
N LEU B 182 -36.09 -15.90 -4.22
CA LEU B 182 -34.94 -16.57 -3.61
C LEU B 182 -34.95 -18.01 -4.13
N GLY B 183 -34.18 -18.26 -5.19
CA GLY B 183 -34.20 -19.57 -5.82
C GLY B 183 -35.37 -19.72 -6.77
N ASN B 184 -35.54 -20.93 -7.28
CA ASN B 184 -36.60 -21.22 -8.25
C ASN B 184 -37.92 -21.48 -7.53
N TYR B 185 -38.41 -20.44 -6.87
CA TYR B 185 -39.59 -20.55 -6.02
C TYR B 185 -40.41 -19.28 -6.13
N PRO B 186 -41.66 -19.30 -5.69
CA PRO B 186 -42.48 -18.09 -5.72
C PRO B 186 -41.90 -17.03 -4.80
N ALA B 187 -42.24 -15.78 -5.12
CA ALA B 187 -41.72 -14.65 -4.36
C ALA B 187 -42.10 -14.75 -2.89
N ILE B 188 -41.18 -14.33 -2.03
CA ILE B 188 -41.47 -14.09 -0.62
C ILE B 188 -42.09 -12.70 -0.51
N ASP B 189 -43.27 -12.62 0.10
CA ASP B 189 -43.96 -11.33 0.26
C ASP B 189 -43.55 -10.71 1.58
N LEU B 190 -43.07 -9.46 1.51
CA LEU B 190 -42.73 -8.70 2.69
C LEU B 190 -43.56 -7.42 2.71
N PRO B 191 -43.92 -6.91 3.88
CA PRO B 191 -44.59 -5.61 3.94
C PRO B 191 -43.62 -4.50 3.59
N PRO B 192 -44.12 -3.35 3.12
CA PRO B 192 -43.25 -2.28 2.60
C PRO B 192 -42.72 -1.29 3.64
N GLY B 193 -43.00 -1.47 4.92
CA GLY B 193 -42.42 -0.62 5.95
C GLY B 193 -43.18 0.67 6.16
N SER B 194 -42.72 1.42 7.17
CA SER B 194 -43.43 2.60 7.66
C SER B 194 -42.88 3.90 7.11
N GLY B 195 -42.06 3.83 6.06
CA GLY B 195 -41.50 5.02 5.46
C GLY B 195 -41.72 5.01 3.97
N GLY B 196 -40.63 4.96 3.20
CA GLY B 196 -40.70 4.90 1.75
C GLY B 196 -39.75 5.84 1.03
N GLY B 197 -39.66 7.09 1.47
CA GLY B 197 -38.92 8.11 0.75
C GLY B 197 -37.55 8.40 1.34
N CYS B 198 -37.01 9.56 0.97
CA CYS B 198 -35.71 10.00 1.45
C CYS B 198 -35.70 10.10 2.96
N VAL B 199 -34.57 9.75 3.57
CA VAL B 199 -34.44 9.89 5.02
C VAL B 199 -34.74 11.34 5.40
N THR B 200 -35.50 11.49 6.49
CA THR B 200 -36.04 12.78 6.92
C THR B 200 -35.16 13.51 7.91
N SER B 201 -34.17 12.84 8.50
CA SER B 201 -33.45 13.37 9.65
C SER B 201 -32.14 12.63 9.80
N GLY B 202 -31.34 13.08 10.75
CA GLY B 202 -30.13 12.39 11.12
C GLY B 202 -28.92 12.80 10.32
N PRO B 203 -27.77 12.21 10.64
CA PRO B 203 -26.50 12.63 10.04
C PRO B 203 -26.42 12.45 8.53
N PHE B 204 -27.20 11.55 7.94
CA PHE B 204 -27.06 11.26 6.52
C PHE B 204 -28.22 11.82 5.70
N LYS B 205 -28.92 12.83 6.23
CA LYS B 205 -30.06 13.41 5.53
C LYS B 205 -29.64 14.00 4.19
N ASP B 206 -28.47 14.63 4.13
CA ASP B 206 -27.96 15.25 2.91
C ASP B 206 -26.89 14.39 2.25
N TYR B 207 -26.73 13.15 2.70
CA TYR B 207 -25.77 12.24 2.11
C TYR B 207 -26.24 11.82 0.72
N LYS B 208 -25.30 11.81 -0.23
CA LYS B 208 -25.62 11.53 -1.63
C LYS B 208 -25.14 10.14 -2.01
N LEU B 209 -26.10 9.29 -2.36
CA LEU B 209 -25.84 7.98 -2.92
C LEU B 209 -25.60 8.14 -4.42
N ASN B 210 -24.42 7.73 -4.90
CA ASN B 210 -24.01 8.06 -6.27
C ASN B 210 -24.09 6.89 -7.25
N LEU B 211 -24.08 5.65 -6.78
CA LEU B 211 -24.03 4.49 -7.65
C LEU B 211 -25.36 3.75 -7.60
N GLY B 212 -25.59 2.94 -8.63
CA GLY B 212 -26.81 2.19 -8.73
C GLY B 212 -27.98 3.03 -9.20
N PRO B 213 -29.20 2.47 -9.18
CA PRO B 213 -29.48 1.12 -8.68
C PRO B 213 -29.04 0.03 -9.64
N ALA B 214 -28.71 -1.14 -9.10
CA ALA B 214 -28.37 -2.30 -9.91
C ALA B 214 -29.52 -3.29 -10.01
N ALA B 215 -30.25 -3.48 -8.91
CA ALA B 215 -31.37 -4.39 -8.85
C ALA B 215 -32.23 -4.02 -7.66
N LEU B 216 -32.89 -2.88 -7.72
CA LEU B 216 -33.62 -2.33 -6.58
C LEU B 216 -35.04 -2.86 -6.59
N SER B 217 -35.36 -3.70 -5.60
CA SER B 217 -36.72 -4.20 -5.46
C SER B 217 -37.65 -3.09 -4.98
N LEU B 218 -38.85 -3.01 -5.56
CA LEU B 218 -39.79 -1.92 -5.30
C LEU B 218 -41.11 -2.44 -4.74
N PRO B 219 -41.80 -1.64 -3.95
CA PRO B 219 -43.18 -1.99 -3.57
C PRO B 219 -44.02 -2.27 -4.81
N GLY B 220 -44.76 -3.37 -4.77
CA GLY B 220 -45.53 -3.83 -5.90
C GLY B 220 -44.86 -4.90 -6.73
N GLY B 221 -43.57 -5.14 -6.55
CA GLY B 221 -42.88 -6.26 -7.16
C GLY B 221 -41.93 -5.91 -8.27
N ASN B 222 -41.99 -4.69 -8.80
CA ASN B 222 -41.08 -4.31 -9.86
C ASN B 222 -39.66 -4.13 -9.31
N MET B 223 -38.72 -4.04 -10.24
CA MET B 223 -37.31 -3.85 -9.92
C MET B 223 -36.76 -2.79 -10.88
N THR B 224 -35.96 -1.88 -10.34
CA THR B 224 -35.28 -0.88 -11.15
C THR B 224 -33.81 -1.25 -11.26
N ALA B 225 -33.30 -1.26 -12.50
CA ALA B 225 -31.91 -1.62 -12.75
C ALA B 225 -31.33 -0.64 -13.76
N ALA B 226 -30.25 0.04 -13.37
CA ALA B 226 -29.56 0.93 -14.27
C ALA B 226 -28.88 0.13 -15.39
N ALA B 227 -28.75 0.76 -16.56
CA ALA B 227 -28.01 0.11 -17.64
C ALA B 227 -26.57 -0.17 -17.20
N ASN B 228 -25.95 0.76 -16.48
CA ASN B 228 -24.64 0.54 -15.88
C ASN B 228 -24.64 1.16 -14.48
N PRO B 229 -24.78 0.34 -13.43
CA PRO B 229 -24.90 0.89 -12.08
C PRO B 229 -23.61 1.50 -11.52
N LEU B 230 -22.51 1.46 -12.26
CA LEU B 230 -21.30 2.15 -11.83
C LEU B 230 -21.20 3.57 -12.39
N THR B 231 -22.22 4.03 -13.10
CA THR B 231 -22.26 5.41 -13.55
C THR B 231 -22.96 6.30 -12.53
N TYR B 232 -22.83 7.61 -12.74
CA TYR B 232 -23.20 8.62 -11.75
C TYR B 232 -24.71 8.80 -11.72
N ASN B 233 -25.31 8.61 -10.54
CA ASN B 233 -26.75 8.73 -10.35
C ASN B 233 -27.00 9.31 -8.96
N PRO B 234 -26.59 10.55 -8.68
CA PRO B 234 -26.69 11.08 -7.32
C PRO B 234 -28.14 11.18 -6.86
N ARG B 235 -28.38 10.79 -5.61
CA ARG B 235 -29.74 10.77 -5.06
C ARG B 235 -29.66 10.55 -3.56
N CYS B 236 -30.81 10.69 -2.90
CA CYS B 236 -30.91 10.51 -1.46
C CYS B 236 -30.93 9.03 -1.10
N MET B 237 -30.56 8.75 0.15
CA MET B 237 -30.80 7.43 0.74
C MET B 237 -32.26 7.34 1.18
N LYS B 238 -32.95 6.30 0.74
CA LYS B 238 -34.34 6.08 1.11
C LYS B 238 -34.42 4.96 2.15
N ARG B 239 -35.36 5.10 3.09
CA ARG B 239 -35.59 4.11 4.13
C ARG B 239 -37.09 3.87 4.27
N SER B 240 -37.43 2.65 4.65
CA SER B 240 -38.80 2.32 5.07
C SER B 240 -38.66 1.22 6.12
N LEU B 241 -38.52 1.65 7.37
CA LEU B 241 -38.22 0.71 8.43
C LEU B 241 -39.38 -0.27 8.60
N THR B 242 -39.04 -1.55 8.81
CA THR B 242 -40.02 -2.62 8.72
C THR B 242 -39.82 -3.59 9.89
N THR B 243 -40.47 -3.29 11.02
CA THR B 243 -40.29 -4.14 12.20
C THR B 243 -40.73 -5.57 11.93
N GLU B 244 -41.77 -5.76 11.10
CA GLU B 244 -42.30 -7.11 10.93
C GLU B 244 -41.27 -8.03 10.27
N ILE B 245 -40.39 -7.48 9.43
CA ILE B 245 -39.30 -8.28 8.89
C ILE B 245 -38.39 -8.78 10.01
N LEU B 246 -38.03 -7.90 10.96
CA LEU B 246 -37.20 -8.34 12.09
C LEU B 246 -37.95 -9.34 12.96
N GLN B 247 -39.25 -9.17 13.13
CA GLN B 247 -40.03 -10.13 13.91
C GLN B 247 -40.00 -11.50 13.27
N ARG B 248 -39.97 -11.57 11.94
CA ARG B 248 -40.01 -12.86 11.26
C ARG B 248 -38.66 -13.54 11.20
N TYR B 249 -37.57 -12.77 11.09
CA TYR B 249 -36.28 -13.35 10.75
C TYR B 249 -35.13 -13.01 11.70
N ASN B 250 -35.29 -12.09 12.65
CA ASN B 250 -34.15 -11.54 13.38
C ASN B 250 -34.36 -11.46 14.89
N THR B 251 -35.35 -12.17 15.44
CA THR B 251 -35.49 -12.19 16.88
C THR B 251 -34.37 -13.01 17.52
N PHE B 252 -34.22 -12.86 18.84
CA PHE B 252 -33.22 -13.65 19.53
C PHE B 252 -33.42 -15.14 19.32
N PRO B 253 -34.64 -15.69 19.37
CA PRO B 253 -34.79 -17.12 19.05
C PRO B 253 -34.23 -17.49 17.68
N LYS B 254 -34.47 -16.67 16.66
CA LYS B 254 -33.96 -17.00 15.33
C LYS B 254 -32.43 -16.90 15.26
N ILE B 255 -31.83 -15.97 16.01
CA ILE B 255 -30.38 -15.87 16.02
C ILE B 255 -29.78 -17.10 16.68
N VAL B 256 -30.32 -17.47 17.85
CA VAL B 256 -29.78 -18.63 18.57
C VAL B 256 -30.02 -19.91 17.78
N GLU B 257 -31.17 -20.01 17.09
CA GLU B 257 -31.44 -21.18 16.27
C GLU B 257 -30.39 -21.32 15.18
N LEU B 258 -30.09 -20.23 14.47
CA LEU B 258 -29.04 -20.26 13.46
C LEU B 258 -27.74 -20.83 14.03
N ILE B 259 -27.36 -20.37 15.21
CA ILE B 259 -26.09 -20.81 15.78
C ILE B 259 -26.16 -22.27 16.22
N LEU B 260 -27.19 -22.62 16.99
CA LEU B 260 -27.22 -23.95 17.62
C LEU B 260 -27.68 -25.04 16.67
N ASP B 261 -28.48 -24.73 15.66
CA ASP B 261 -29.03 -25.78 14.79
C ASP B 261 -28.19 -26.04 13.55
N SER B 262 -27.16 -25.25 13.30
CA SER B 262 -26.29 -25.42 12.12
C SER B 262 -25.08 -26.24 12.54
N ASP B 263 -24.97 -27.45 12.02
CA ASP B 263 -23.88 -28.34 12.44
C ASP B 263 -22.68 -28.32 11.50
N ASP B 264 -22.76 -27.64 10.37
CA ASP B 264 -21.59 -27.45 9.51
C ASP B 264 -21.71 -26.12 8.78
N ILE B 265 -20.61 -25.71 8.13
CA ILE B 265 -20.56 -24.36 7.58
C ILE B 265 -21.58 -24.19 6.46
N TRP B 266 -21.86 -25.25 5.69
CA TRP B 266 -22.86 -25.12 4.64
C TRP B 266 -24.22 -24.76 5.23
N ASP B 267 -24.67 -25.54 6.21
CA ASP B 267 -25.95 -25.27 6.84
C ASP B 267 -25.97 -23.87 7.46
N PHE B 268 -24.87 -23.47 8.11
CA PHE B 268 -24.82 -22.18 8.78
C PHE B 268 -24.97 -21.03 7.78
N GLN B 269 -24.12 -21.01 6.75
CA GLN B 269 -24.16 -19.90 5.81
C GLN B 269 -25.44 -19.89 4.99
N MET B 270 -26.03 -21.06 4.73
CA MET B 270 -27.28 -21.10 3.97
C MET B 270 -28.46 -20.65 4.83
N THR B 271 -28.53 -21.11 6.08
CA THR B 271 -29.59 -20.63 6.97
C THR B 271 -29.45 -19.13 7.23
N MET B 272 -28.22 -18.63 7.31
CA MET B 272 -28.01 -17.21 7.54
C MET B 272 -28.50 -16.37 6.37
N GLN B 273 -28.24 -16.80 5.15
CA GLN B 273 -28.59 -16.01 3.98
C GLN B 273 -30.03 -16.26 3.53
N GLY B 274 -30.63 -17.35 3.96
CA GLY B 274 -31.97 -17.72 3.53
C GLY B 274 -31.93 -18.93 2.61
N VAL B 275 -32.64 -19.99 2.99
CA VAL B 275 -32.67 -21.24 2.24
C VAL B 275 -33.75 -21.17 1.15
N PRO B 276 -33.40 -21.41 -0.11
CA PRO B 276 -34.43 -21.41 -1.16
C PRO B 276 -35.55 -22.38 -0.86
N GLY B 277 -36.78 -21.92 -1.08
CA GLY B 277 -37.97 -22.72 -0.84
C GLY B 277 -38.44 -22.75 0.59
N SER B 278 -37.67 -22.19 1.53
CA SER B 278 -38.04 -22.22 2.94
C SER B 278 -38.98 -21.09 3.34
N GLY B 279 -39.11 -20.06 2.51
CA GLY B 279 -39.86 -18.88 2.90
C GLY B 279 -39.12 -17.94 3.82
N SER B 280 -37.87 -18.24 4.15
CA SER B 280 -37.07 -17.38 5.03
C SER B 280 -35.93 -16.73 4.26
N ILE B 281 -35.60 -15.50 4.66
CA ILE B 281 -34.47 -14.78 4.12
C ILE B 281 -33.34 -14.67 5.13
N GLY B 282 -33.44 -15.40 6.25
CA GLY B 282 -32.38 -15.46 7.24
C GLY B 282 -32.14 -14.16 7.99
N VAL B 283 -31.28 -14.20 9.01
CA VAL B 283 -30.91 -12.96 9.69
C VAL B 283 -30.24 -12.02 8.72
N HIS B 284 -29.54 -12.54 7.72
CA HIS B 284 -28.82 -11.67 6.79
C HIS B 284 -29.78 -10.90 5.90
N GLY B 285 -30.71 -11.60 5.25
CA GLY B 285 -31.70 -10.92 4.44
C GLY B 285 -32.63 -10.07 5.29
N GLY B 286 -33.01 -10.59 6.46
CA GLY B 286 -33.90 -9.83 7.33
C GLY B 286 -33.31 -8.50 7.76
N GLY B 287 -32.04 -8.50 8.16
CA GLY B 287 -31.40 -7.24 8.52
C GLY B 287 -31.35 -6.26 7.37
N HIS B 288 -30.98 -6.73 6.18
CA HIS B 288 -30.94 -5.87 5.01
C HIS B 288 -32.32 -5.30 4.68
N TYR B 289 -33.29 -6.18 4.40
CA TYR B 289 -34.56 -5.70 3.88
C TYR B 289 -35.40 -4.98 4.94
N SER B 290 -35.13 -5.18 6.23
CA SER B 290 -35.83 -4.42 7.24
C SER B 290 -35.55 -2.92 7.13
N MET B 291 -34.46 -2.53 6.47
CA MET B 291 -34.17 -1.11 6.29
C MET B 291 -35.09 -0.48 5.26
N GLY B 292 -35.61 -1.28 4.33
CA GLY B 292 -36.40 -0.76 3.26
C GLY B 292 -35.60 0.15 2.34
N GLY B 293 -36.32 0.75 1.40
CA GLY B 293 -35.78 1.88 0.67
C GLY B 293 -34.67 1.53 -0.31
N ASP B 294 -33.74 2.48 -0.46
CA ASP B 294 -32.73 2.49 -1.53
C ASP B 294 -31.43 2.98 -0.92
N PRO B 295 -30.36 2.18 -0.93
CA PRO B 295 -30.17 0.87 -1.58
C PRO B 295 -30.47 -0.32 -0.70
N GLY B 296 -31.23 -0.10 0.38
CA GLY B 296 -31.53 -1.19 1.31
C GLY B 296 -32.09 -2.43 0.63
N ARG B 297 -32.91 -2.25 -0.41
CA ARG B 297 -33.50 -3.39 -1.11
C ARG B 297 -32.77 -3.74 -2.40
N ASP B 298 -31.46 -3.47 -2.47
CA ASP B 298 -30.66 -3.73 -3.66
C ASP B 298 -29.45 -4.53 -3.23
N VAL B 299 -29.40 -5.81 -3.62
N VAL B 299 -29.39 -5.81 -3.61
CA VAL B 299 -28.37 -6.72 -3.12
CA VAL B 299 -28.35 -6.68 -3.08
C VAL B 299 -26.97 -6.23 -3.54
C VAL B 299 -26.96 -6.22 -3.53
N TYR B 300 -26.88 -5.54 -4.67
CA TYR B 300 -25.57 -5.07 -5.15
C TYR B 300 -25.11 -3.80 -4.45
N VAL B 301 -26.04 -2.87 -4.19
CA VAL B 301 -25.71 -1.52 -3.77
C VAL B 301 -25.90 -1.33 -2.27
N SER B 302 -26.16 -2.42 -1.53
CA SER B 302 -26.52 -2.30 -0.13
C SER B 302 -25.49 -1.60 0.76
N PRO B 303 -24.18 -1.63 0.50
CA PRO B 303 -23.25 -0.85 1.33
C PRO B 303 -23.50 0.65 1.24
N GLY B 304 -24.29 1.10 0.27
CA GLY B 304 -24.70 2.49 0.22
C GLY B 304 -25.63 2.90 1.34
N ASP B 305 -26.24 1.94 2.04
CA ASP B 305 -26.96 2.24 3.27
C ASP B 305 -25.96 2.18 4.42
N THR B 306 -25.80 3.28 5.14
CA THR B 306 -24.76 3.36 6.15
C THR B 306 -24.93 2.32 7.26
N ALA B 307 -26.12 1.76 7.46
CA ALA B 307 -26.28 0.71 8.47
C ALA B 307 -25.69 -0.62 8.03
N PHE B 308 -25.31 -0.74 6.77
CA PHE B 308 -24.67 -1.96 6.27
C PHE B 308 -23.52 -2.38 7.19
N TRP B 309 -22.68 -1.43 7.59
CA TRP B 309 -21.47 -1.76 8.33
C TRP B 309 -21.78 -2.34 9.70
N LEU B 310 -22.83 -1.85 10.36
CA LEU B 310 -23.22 -2.41 11.66
C LEU B 310 -23.93 -3.74 11.49
N HIS B 311 -24.72 -3.86 10.42
CA HIS B 311 -25.35 -5.13 10.08
C HIS B 311 -24.29 -6.23 9.88
N HIS B 312 -23.27 -5.95 9.07
CA HIS B 312 -22.26 -6.98 8.85
C HIS B 312 -21.30 -7.15 10.03
N GLY B 313 -21.22 -6.15 10.91
CA GLY B 313 -20.60 -6.39 12.20
C GLY B 313 -21.27 -7.52 12.95
N MET B 314 -22.61 -7.51 12.98
CA MET B 314 -23.35 -8.56 13.69
C MET B 314 -23.27 -9.88 12.93
N ILE B 315 -23.32 -9.84 11.60
CA ILE B 315 -23.12 -11.06 10.82
C ILE B 315 -21.81 -11.71 11.21
N ASP B 316 -20.73 -10.92 11.22
CA ASP B 316 -19.42 -11.46 11.56
C ASP B 316 -19.39 -11.97 12.99
N ARG B 317 -20.08 -11.27 13.89
CA ARG B 317 -20.15 -11.70 15.28
C ARG B 317 -20.79 -13.08 15.39
N VAL B 318 -21.90 -13.29 14.70
CA VAL B 318 -22.60 -14.57 14.78
C VAL B 318 -21.74 -15.68 14.21
N TRP B 319 -21.04 -15.41 13.10
CA TRP B 319 -20.10 -16.39 12.56
C TRP B 319 -19.00 -16.70 13.57
N TRP B 320 -18.41 -15.65 14.15
CA TRP B 320 -17.37 -15.85 15.15
C TRP B 320 -17.86 -16.68 16.34
N ILE B 321 -19.09 -16.46 16.79
CA ILE B 321 -19.64 -17.26 17.88
C ILE B 321 -19.71 -18.71 17.46
N TRP B 322 -20.29 -18.96 16.29
CA TRP B 322 -20.46 -20.33 15.80
C TRP B 322 -19.12 -21.03 15.64
N GLN B 323 -18.13 -20.33 15.07
CA GLN B 323 -16.80 -20.91 14.93
C GLN B 323 -16.26 -21.39 16.26
N ASN B 324 -16.37 -20.57 17.30
CA ASN B 324 -15.72 -20.85 18.57
C ASN B 324 -16.45 -21.90 19.40
N LEU B 325 -17.63 -22.35 18.98
CA LEU B 325 -18.27 -23.45 19.68
C LEU B 325 -17.62 -24.79 19.37
N ASP B 326 -16.82 -24.87 18.30
CA ASP B 326 -16.07 -26.08 17.98
C ASP B 326 -14.91 -25.71 17.05
N LEU B 327 -13.89 -25.05 17.60
CA LEU B 327 -12.84 -24.46 16.76
C LEU B 327 -12.14 -25.50 15.91
N ARG B 328 -11.91 -26.69 16.46
CA ARG B 328 -11.13 -27.67 15.72
C ARG B 328 -11.78 -28.04 14.40
N LYS B 329 -13.12 -28.02 14.35
CA LYS B 329 -13.83 -28.36 13.12
C LYS B 329 -14.31 -27.15 12.34
N ARG B 330 -14.48 -26.00 12.98
CA ARG B 330 -15.14 -24.86 12.36
C ARG B 330 -14.23 -23.68 12.05
N GLN B 331 -13.08 -23.57 12.72
CA GLN B 331 -12.19 -22.43 12.50
C GLN B 331 -11.95 -22.18 11.02
N ASN B 332 -11.58 -23.22 10.28
CA ASN B 332 -11.17 -23.08 8.89
C ASN B 332 -12.16 -23.69 7.92
N ALA B 333 -13.39 -23.95 8.36
CA ALA B 333 -14.36 -24.66 7.52
C ALA B 333 -14.88 -23.77 6.39
N ILE B 334 -14.98 -24.35 5.21
CA ILE B 334 -15.43 -23.68 3.99
C ILE B 334 -16.33 -24.64 3.23
N SER B 335 -17.37 -24.11 2.60
CA SER B 335 -18.20 -24.91 1.70
C SER B 335 -18.81 -23.98 0.65
N GLY B 336 -18.98 -24.51 -0.55
CA GLY B 336 -19.51 -23.76 -1.67
C GLY B 336 -18.43 -23.43 -2.69
N THR B 337 -18.85 -22.67 -3.71
CA THR B 337 -18.03 -22.37 -4.87
C THR B 337 -17.86 -20.85 -5.02
N GLY B 338 -17.31 -20.45 -6.16
CA GLY B 338 -17.02 -19.06 -6.46
C GLY B 338 -18.10 -18.30 -7.21
N THR B 339 -19.27 -18.92 -7.44
CA THR B 339 -20.35 -18.26 -8.14
C THR B 339 -21.64 -18.35 -7.34
N PHE B 340 -22.44 -17.29 -7.43
CA PHE B 340 -23.72 -17.16 -6.74
C PHE B 340 -24.59 -18.40 -6.91
N MET B 341 -24.87 -19.08 -5.79
CA MET B 341 -25.60 -20.34 -5.80
C MET B 341 -25.02 -21.34 -6.80
N ASN B 342 -23.72 -21.24 -7.08
CA ASN B 342 -23.05 -22.10 -8.06
C ASN B 342 -23.75 -22.04 -9.41
N ASN B 343 -24.15 -20.84 -9.81
CA ASN B 343 -24.70 -20.57 -11.14
C ASN B 343 -23.85 -19.49 -11.83
N PRO B 344 -23.13 -19.79 -12.94
CA PRO B 344 -22.85 -21.12 -13.47
C PRO B 344 -21.96 -21.90 -12.51
N ALA B 345 -21.79 -23.19 -12.75
CA ALA B 345 -20.96 -24.00 -11.88
C ALA B 345 -19.52 -23.51 -11.93
N SER B 346 -18.87 -23.49 -10.77
CA SER B 346 -17.49 -23.08 -10.68
C SER B 346 -16.78 -23.96 -9.66
N PRO B 347 -15.45 -23.90 -9.57
CA PRO B 347 -14.74 -24.76 -8.63
C PRO B 347 -15.08 -24.42 -7.17
N ASN B 348 -14.90 -25.42 -6.31
CA ASN B 348 -15.05 -25.24 -4.87
C ASN B 348 -14.08 -24.19 -4.35
N THR B 349 -14.59 -23.35 -3.45
CA THR B 349 -13.72 -22.47 -2.68
C THR B 349 -12.76 -23.30 -1.84
N THR B 350 -11.50 -22.85 -1.74
CA THR B 350 -10.50 -23.49 -0.90
C THR B 350 -9.80 -22.43 -0.04
N LEU B 351 -8.96 -22.90 0.88
CA LEU B 351 -8.13 -22.00 1.67
C LEU B 351 -7.15 -21.19 0.82
N ASP B 352 -6.91 -21.61 -0.43
CA ASP B 352 -6.03 -20.85 -1.30
C ASP B 352 -6.78 -19.85 -2.17
N THR B 353 -8.12 -19.90 -2.18
CA THR B 353 -8.91 -18.93 -2.94
C THR B 353 -8.56 -17.51 -2.50
N VAL B 354 -8.35 -16.63 -3.48
CA VAL B 354 -7.90 -15.27 -3.24
C VAL B 354 -9.07 -14.33 -3.46
N ILE B 355 -9.23 -13.38 -2.55
CA ILE B 355 -10.25 -12.35 -2.64
C ILE B 355 -9.56 -10.99 -2.61
N ASP B 356 -10.26 -9.99 -3.14
CA ASP B 356 -9.71 -8.65 -3.28
C ASP B 356 -10.87 -7.67 -3.28
N LEU B 357 -10.58 -6.44 -2.88
CA LEU B 357 -11.58 -5.39 -2.79
C LEU B 357 -11.39 -4.30 -3.86
N GLY B 358 -10.75 -4.65 -4.97
CA GLY B 358 -10.57 -3.67 -6.02
C GLY B 358 -9.73 -2.51 -5.54
N TYR B 359 -10.22 -1.30 -5.75
CA TYR B 359 -9.56 -0.08 -5.29
C TYR B 359 -10.11 0.45 -3.97
N ALA B 360 -10.99 -0.30 -3.32
CA ALA B 360 -11.55 0.15 -2.04
C ALA B 360 -10.45 0.32 -1.00
N ASN B 361 -9.67 -0.73 -0.77
CA ASN B 361 -8.57 -0.70 0.19
C ASN B 361 -7.81 -2.00 0.18
N GLY B 362 -6.51 -1.94 0.45
CA GLY B 362 -5.73 -3.12 0.69
C GLY B 362 -5.39 -3.87 -0.57
N GLY B 363 -4.86 -5.06 -0.37
CA GLY B 363 -4.45 -5.92 -1.45
C GLY B 363 -5.19 -7.24 -1.44
N PRO B 364 -4.84 -8.12 -2.37
CA PRO B 364 -5.45 -9.44 -2.39
C PRO B 364 -5.03 -10.26 -1.18
N ILE B 365 -5.88 -11.20 -0.79
CA ILE B 365 -5.67 -11.99 0.41
C ILE B 365 -6.31 -13.34 0.23
N ALA B 366 -5.65 -14.38 0.74
CA ALA B 366 -6.14 -15.75 0.61
C ALA B 366 -7.11 -16.09 1.74
N MET B 367 -8.07 -16.96 1.44
CA MET B 367 -9.04 -17.38 2.45
C MET B 367 -8.36 -17.82 3.74
N ARG B 368 -7.21 -18.49 3.64
CA ARG B 368 -6.62 -19.06 4.84
C ARG B 368 -6.26 -17.99 5.86
N ASP B 369 -6.02 -16.75 5.41
CA ASP B 369 -5.67 -15.64 6.28
C ASP B 369 -6.89 -14.87 6.77
N LEU B 370 -8.10 -15.32 6.44
CA LEU B 370 -9.33 -14.64 6.82
C LEU B 370 -10.17 -15.41 7.83
N MET B 371 -9.84 -16.67 8.11
CA MET B 371 -10.76 -17.55 8.80
C MET B 371 -10.86 -17.28 10.31
N SER B 372 -9.89 -16.58 10.89
CA SER B 372 -9.86 -16.31 12.32
C SER B 372 -9.76 -14.82 12.59
N THR B 373 -10.58 -14.33 13.52
CA THR B 373 -10.48 -12.94 13.94
C THR B 373 -9.21 -12.65 14.75
N THR B 374 -8.40 -13.67 15.05
CA THR B 374 -7.13 -13.44 15.75
C THR B 374 -5.96 -14.03 14.98
N ALA B 375 -6.04 -14.07 13.66
CA ALA B 375 -4.90 -14.44 12.83
C ALA B 375 -4.94 -13.61 11.56
N GLY B 376 -3.92 -13.76 10.72
CA GLY B 376 -3.81 -12.94 9.55
C GLY B 376 -3.73 -11.47 9.92
N PRO B 377 -4.47 -10.62 9.19
CA PRO B 377 -4.51 -9.20 9.54
C PRO B 377 -5.39 -8.87 10.73
N PHE B 378 -6.10 -9.87 11.28
CA PHE B 378 -7.14 -9.63 12.26
C PHE B 378 -6.65 -9.90 13.67
N CYS B 379 -7.07 -9.04 14.62
CA CYS B 379 -6.82 -9.28 16.04
C CYS B 379 -7.95 -8.62 16.83
N TYR B 380 -9.11 -9.26 16.86
CA TYR B 380 -10.24 -8.64 17.52
C TYR B 380 -11.20 -9.69 18.07
N VAL B 381 -12.14 -9.21 18.87
N VAL B 381 -12.06 -9.23 18.96
CA VAL B 381 -13.10 -10.05 19.56
CA VAL B 381 -13.13 -10.05 19.54
C VAL B 381 -14.36 -9.21 19.78
C VAL B 381 -14.41 -9.22 19.52
N TYR B 382 -15.50 -9.88 19.88
CA TYR B 382 -16.77 -9.21 20.10
C TYR B 382 -17.13 -9.25 21.58
N LEU B 383 -17.58 -8.11 22.09
CA LEU B 383 -18.30 -8.02 23.35
C LEU B 383 -19.78 -7.80 23.06
N THR C 5 -52.99 -32.66 -40.79
CA THR C 5 -53.17 -33.13 -39.42
C THR C 5 -51.81 -33.39 -38.76
N LEU C 6 -51.50 -32.61 -37.73
CA LEU C 6 -50.17 -32.73 -37.13
C LEU C 6 -50.18 -33.66 -35.92
N PRO C 7 -49.08 -34.36 -35.66
CA PRO C 7 -48.95 -35.09 -34.40
C PRO C 7 -49.03 -34.14 -33.22
N THR C 8 -49.63 -34.60 -32.13
CA THR C 8 -49.68 -33.84 -30.90
C THR C 8 -49.06 -34.56 -29.71
N THR C 9 -48.72 -35.84 -29.84
CA THR C 9 -48.04 -36.58 -28.80
C THR C 9 -46.79 -37.20 -29.40
N ALA C 10 -45.66 -37.04 -28.71
CA ALA C 10 -44.42 -37.62 -29.18
C ALA C 10 -44.44 -39.13 -28.98
N SER C 11 -44.04 -39.86 -30.01
CA SER C 11 -43.98 -41.32 -29.93
C SER C 11 -42.69 -41.75 -29.25
N SER C 12 -42.80 -42.78 -28.40
CA SER C 12 -41.63 -43.39 -27.81
C SER C 12 -40.87 -44.28 -28.79
N SER C 13 -41.41 -44.48 -30.00
CA SER C 13 -40.70 -45.22 -31.04
C SER C 13 -39.80 -44.27 -31.81
N THR C 14 -38.53 -44.66 -31.97
CA THR C 14 -37.55 -43.81 -32.63
C THR C 14 -37.98 -43.50 -34.06
N ALA C 15 -38.30 -44.54 -34.84
CA ALA C 15 -38.67 -44.34 -36.24
C ALA C 15 -39.88 -43.44 -36.37
N VAL C 16 -40.91 -43.70 -35.56
CA VAL C 16 -42.13 -42.88 -35.60
C VAL C 16 -41.80 -41.45 -35.26
N ALA C 17 -41.02 -41.23 -34.19
CA ALA C 17 -40.67 -39.87 -33.77
C ALA C 17 -39.90 -39.15 -34.86
N SER C 18 -39.03 -39.87 -35.58
CA SER C 18 -38.28 -39.25 -36.68
C SER C 18 -39.24 -38.71 -37.75
N SER C 19 -40.26 -39.48 -38.10
CA SER C 19 -41.21 -39.03 -39.11
C SER C 19 -42.09 -37.90 -38.56
N GLN C 20 -42.47 -37.99 -37.28
CA GLN C 20 -43.16 -36.87 -36.64
C GLN C 20 -42.36 -35.59 -36.78
N LEU C 21 -41.07 -35.64 -36.43
CA LEU C 21 -40.23 -34.46 -36.56
C LEU C 21 -40.24 -33.92 -37.98
N ASP C 22 -40.09 -34.81 -38.97
CA ASP C 22 -40.10 -34.35 -40.36
C ASP C 22 -41.44 -33.71 -40.72
N GLN C 23 -42.55 -34.27 -40.21
CA GLN C 23 -43.85 -33.66 -40.43
C GLN C 23 -43.92 -32.26 -39.85
N LEU C 24 -43.44 -32.08 -38.62
CA LEU C 24 -43.48 -30.77 -37.98
C LEU C 24 -42.58 -29.78 -38.71
N ALA C 25 -41.39 -30.22 -39.12
CA ALA C 25 -40.49 -29.34 -39.84
C ALA C 25 -41.09 -28.90 -41.17
N ASN C 26 -41.79 -29.82 -41.84
CA ASN C 26 -42.43 -29.47 -43.12
C ASN C 26 -43.52 -28.43 -42.89
N PHE C 27 -44.34 -28.62 -41.85
CA PHE C 27 -45.35 -27.63 -41.50
C PHE C 27 -44.70 -26.27 -41.26
N ALA C 28 -43.62 -26.24 -40.47
CA ALA C 28 -42.94 -24.98 -40.21
C ALA C 28 -42.37 -24.39 -41.49
N TYR C 29 -41.82 -25.23 -42.37
CA TYR C 29 -41.37 -24.75 -43.68
C TYR C 29 -42.52 -24.07 -44.43
N ASN C 30 -43.70 -24.70 -44.45
CA ASN C 30 -44.83 -24.13 -45.17
C ASN C 30 -45.27 -22.81 -44.54
N VAL C 31 -45.35 -22.77 -43.21
CA VAL C 31 -45.75 -21.52 -42.53
C VAL C 31 -44.80 -20.40 -42.91
N THR C 32 -43.48 -20.67 -42.84
CA THR C 32 -42.49 -19.63 -43.10
C THR C 32 -42.60 -19.13 -44.54
N THR C 33 -42.58 -20.03 -45.52
CA THR C 33 -42.58 -19.61 -46.92
C THR C 33 -43.91 -18.93 -47.28
N ASP C 34 -45.02 -19.39 -46.71
CA ASP C 34 -46.31 -18.81 -47.04
C ASP C 34 -46.38 -17.34 -46.67
N SER C 35 -45.75 -16.96 -45.55
CA SER C 35 -45.91 -15.61 -45.04
C SER C 35 -44.99 -14.60 -45.73
N VAL C 36 -43.85 -15.06 -46.23
CA VAL C 36 -42.89 -14.14 -46.83
C VAL C 36 -43.43 -13.59 -48.13
N ALA C 37 -42.99 -12.38 -48.49
CA ALA C 37 -43.25 -11.82 -49.82
C ALA C 37 -42.46 -12.59 -50.87
N GLY C 46 -37.00 -5.86 -47.37
CA GLY C 46 -36.51 -6.90 -46.48
C GLY C 46 -36.51 -8.29 -47.11
N CYS C 47 -37.10 -9.24 -46.40
CA CYS C 47 -37.02 -10.65 -46.77
C CYS C 47 -38.05 -10.99 -47.86
N THR C 48 -37.60 -11.76 -48.84
CA THR C 48 -38.49 -12.27 -49.88
C THR C 48 -38.21 -13.75 -50.11
N LEU C 49 -39.18 -14.42 -50.75
CA LEU C 49 -38.97 -15.81 -51.12
C LEU C 49 -37.70 -15.96 -51.95
N GLN C 50 -37.43 -15.00 -52.83
CA GLN C 50 -36.25 -15.09 -53.69
C GLN C 50 -34.97 -15.05 -52.87
N ASN C 51 -34.94 -14.22 -51.83
CA ASN C 51 -33.75 -14.09 -50.98
C ASN C 51 -33.73 -15.06 -49.82
N LEU C 52 -34.75 -15.90 -49.69
CA LEU C 52 -34.82 -16.82 -48.55
C LEU C 52 -33.68 -17.82 -48.60
N ARG C 53 -32.77 -17.74 -47.63
CA ARG C 53 -31.71 -18.74 -47.54
C ARG C 53 -32.23 -19.99 -46.84
N VAL C 54 -31.63 -21.13 -47.17
CA VAL C 54 -32.06 -22.42 -46.66
C VAL C 54 -30.92 -23.04 -45.87
N ARG C 55 -31.23 -23.52 -44.68
CA ARG C 55 -30.28 -24.22 -43.83
C ARG C 55 -30.61 -25.71 -43.88
N ARG C 56 -29.58 -26.54 -43.95
CA ARG C 56 -29.75 -27.94 -44.30
C ARG C 56 -28.95 -28.85 -43.38
N ASP C 57 -29.45 -30.08 -43.28
CA ASP C 57 -28.76 -31.14 -42.55
C ASP C 57 -27.39 -31.43 -43.15
N TRP C 58 -26.38 -31.48 -42.29
CA TRP C 58 -25.02 -31.80 -42.73
C TRP C 58 -24.99 -33.04 -43.62
N ARG C 59 -25.85 -34.02 -43.34
CA ARG C 59 -25.89 -35.24 -44.15
C ARG C 59 -26.33 -34.97 -45.58
N ALA C 60 -27.04 -33.87 -45.82
CA ALA C 60 -27.43 -33.49 -47.18
C ALA C 60 -26.36 -32.71 -47.92
N PHE C 61 -25.28 -32.32 -47.24
CA PHE C 61 -24.18 -31.65 -47.92
C PHE C 61 -23.41 -32.67 -48.75
N SER C 62 -23.15 -32.33 -50.01
CA SER C 62 -22.23 -33.15 -50.79
C SER C 62 -20.83 -33.05 -50.20
N LYS C 63 -19.96 -33.95 -50.64
CA LYS C 63 -18.58 -33.94 -50.17
C LYS C 63 -17.93 -32.58 -50.44
N THR C 64 -18.13 -32.05 -51.65
CA THR C 64 -17.59 -30.73 -51.98
C THR C 64 -18.21 -29.65 -51.09
N GLN C 65 -19.53 -29.70 -50.88
CA GLN C 65 -20.19 -28.68 -50.08
C GLN C 65 -19.68 -28.69 -48.64
N LYS C 66 -19.43 -29.87 -48.07
CA LYS C 66 -18.84 -29.93 -46.75
C LYS C 66 -17.47 -29.27 -46.71
N LYS C 67 -16.66 -29.50 -47.75
CA LYS C 67 -15.33 -28.90 -47.80
C LYS C 67 -15.38 -27.38 -47.95
N ASP C 68 -16.39 -26.87 -48.65
CA ASP C 68 -16.51 -25.42 -48.77
C ASP C 68 -16.72 -24.79 -47.40
N TYR C 69 -17.64 -25.36 -46.62
CA TYR C 69 -17.93 -24.82 -45.28
C TYR C 69 -16.70 -24.96 -44.37
N ILE C 70 -16.14 -26.17 -44.30
CA ILE C 70 -14.95 -26.39 -43.49
C ILE C 70 -13.85 -25.38 -43.85
N ASN C 71 -13.62 -25.18 -45.15
CA ASN C 71 -12.56 -24.27 -45.56
C ASN C 71 -12.85 -22.84 -45.15
N SER C 72 -14.13 -22.46 -45.06
CA SER C 72 -14.46 -21.12 -44.61
C SER C 72 -14.17 -20.95 -43.12
N VAL C 73 -14.51 -21.96 -42.32
CA VAL C 73 -14.19 -21.91 -40.89
C VAL C 73 -12.68 -21.81 -40.68
N LEU C 74 -11.90 -22.57 -41.46
CA LEU C 74 -10.45 -22.49 -41.36
C LEU C 74 -9.96 -21.08 -41.68
N CYS C 75 -10.54 -20.44 -42.69
CA CYS C 75 -10.17 -19.06 -43.01
C CYS C 75 -10.41 -18.14 -41.81
N LEU C 76 -11.58 -18.27 -41.16
CA LEU C 76 -11.81 -17.48 -39.95
C LEU C 76 -10.72 -17.72 -38.92
N GLN C 77 -10.25 -18.96 -38.81
CA GLN C 77 -9.24 -19.31 -37.81
C GLN C 77 -7.85 -18.86 -38.22
N LYS C 78 -7.70 -18.20 -39.37
CA LYS C 78 -6.43 -17.59 -39.79
C LYS C 78 -6.47 -16.08 -39.85
N LEU C 79 -7.64 -15.47 -40.05
CA LEU C 79 -7.71 -14.02 -40.12
C LEU C 79 -7.45 -13.41 -38.74
N PRO C 80 -6.94 -12.18 -38.68
CA PRO C 80 -6.62 -11.57 -37.40
C PRO C 80 -7.85 -11.09 -36.63
N SER C 81 -7.75 -11.19 -35.31
CA SER C 81 -8.83 -10.81 -34.42
C SER C 81 -9.07 -9.30 -34.43
N ARG C 82 -10.33 -8.92 -34.21
CA ARG C 82 -10.71 -7.53 -34.07
C ARG C 82 -10.82 -7.08 -32.62
N THR C 83 -10.93 -8.01 -31.68
CA THR C 83 -11.14 -7.62 -30.29
C THR C 83 -9.91 -6.84 -29.80
N PRO C 84 -10.09 -5.67 -29.19
CA PRO C 84 -8.95 -4.97 -28.60
C PRO C 84 -8.16 -5.91 -27.69
N ALA C 85 -6.85 -5.95 -27.91
CA ALA C 85 -6.00 -6.90 -27.19
C ALA C 85 -6.14 -6.71 -25.68
N HIS C 86 -6.32 -5.48 -25.22
CA HIS C 86 -6.40 -5.27 -23.78
C HIS C 86 -7.71 -5.77 -23.19
N LEU C 87 -8.71 -6.07 -24.01
CA LEU C 87 -9.95 -6.66 -23.53
C LEU C 87 -9.95 -8.19 -23.60
N ALA C 88 -9.13 -8.77 -24.47
CA ALA C 88 -9.01 -10.22 -24.59
C ALA C 88 -7.61 -10.55 -25.09
N PRO C 89 -6.61 -10.49 -24.20
CA PRO C 89 -5.21 -10.67 -24.64
C PRO C 89 -4.96 -11.97 -25.38
N GLY C 90 -5.73 -13.02 -25.12
CA GLY C 90 -5.51 -14.30 -25.78
C GLY C 90 -6.10 -14.42 -27.17
N ALA C 91 -6.92 -13.45 -27.58
CA ALA C 91 -7.54 -13.50 -28.89
C ALA C 91 -6.48 -13.26 -29.97
N ARG C 92 -6.47 -14.12 -30.98
CA ARG C 92 -5.58 -13.98 -32.14
C ARG C 92 -6.32 -13.98 -33.46
N THR C 93 -7.49 -14.61 -33.54
CA THR C 93 -8.16 -14.81 -34.81
C THR C 93 -9.59 -14.31 -34.75
N ARG C 94 -10.19 -14.11 -35.94
CA ARG C 94 -11.61 -13.79 -36.00
C ARG C 94 -12.43 -14.85 -35.27
N TYR C 95 -12.07 -16.13 -35.45
CA TYR C 95 -12.74 -17.19 -34.70
C TYR C 95 -12.69 -16.93 -33.20
N ASP C 96 -11.54 -16.47 -32.71
CA ASP C 96 -11.40 -16.14 -31.29
C ASP C 96 -12.35 -15.03 -30.86
N ASP C 97 -12.64 -14.07 -31.74
CA ASP C 97 -13.55 -12.99 -31.39
C ASP C 97 -14.90 -13.53 -30.96
N PHE C 98 -15.37 -14.60 -31.62
CA PHE C 98 -16.65 -15.18 -31.27
C PHE C 98 -16.57 -15.94 -29.95
N VAL C 99 -15.51 -16.72 -29.76
CA VAL C 99 -15.31 -17.45 -28.51
C VAL C 99 -15.25 -16.47 -27.34
N ALA C 100 -14.52 -15.37 -27.52
CA ALA C 100 -14.29 -14.44 -26.42
C ALA C 100 -15.59 -13.80 -25.96
N THR C 101 -16.46 -13.37 -26.89
CA THR C 101 -17.68 -12.72 -26.45
C THR C 101 -18.62 -13.73 -25.78
N HIS C 102 -18.59 -14.98 -26.23
CA HIS C 102 -19.38 -16.01 -25.55
C HIS C 102 -18.87 -16.21 -24.13
N ILE C 103 -17.56 -16.35 -23.95
CA ILE C 103 -16.98 -16.45 -22.61
C ILE C 103 -17.44 -15.27 -21.77
N ASN C 104 -17.30 -14.06 -22.34
CA ASN C 104 -17.55 -12.83 -21.59
C ASN C 104 -18.99 -12.74 -21.10
N GLN C 105 -19.95 -13.29 -21.85
CA GLN C 105 -21.36 -13.06 -21.58
C GLN C 105 -22.08 -14.31 -21.09
N THR C 106 -21.35 -15.39 -20.80
CA THR C 106 -21.99 -16.66 -20.48
C THR C 106 -23.01 -16.52 -19.36
N GLN C 107 -22.69 -15.73 -18.34
CA GLN C 107 -23.56 -15.58 -17.18
C GLN C 107 -24.89 -14.88 -17.50
N ILE C 108 -25.02 -14.26 -18.67
CA ILE C 108 -26.25 -13.53 -19.00
C ILE C 108 -26.87 -13.99 -20.32
N ILE C 109 -26.43 -15.13 -20.85
CA ILE C 109 -27.00 -15.66 -22.09
C ILE C 109 -27.45 -17.11 -21.98
N HIS C 110 -27.33 -17.73 -20.81
CA HIS C 110 -27.81 -19.09 -20.59
C HIS C 110 -28.79 -19.11 -19.42
N TYR C 111 -29.85 -19.90 -19.54
CA TYR C 111 -30.94 -19.88 -18.56
C TYR C 111 -31.39 -18.44 -18.30
N THR C 112 -31.52 -17.69 -19.38
CA THR C 112 -32.01 -16.33 -19.39
C THR C 112 -33.12 -16.23 -20.42
N GLY C 113 -33.88 -15.14 -20.35
CA GLY C 113 -34.86 -14.88 -21.38
C GLY C 113 -34.25 -14.66 -22.75
N THR C 114 -32.96 -14.36 -22.81
CA THR C 114 -32.27 -14.04 -24.06
C THR C 114 -31.60 -15.25 -24.70
N PHE C 115 -31.54 -16.38 -24.01
CA PHE C 115 -30.75 -17.53 -24.48
C PHE C 115 -31.02 -17.85 -25.94
N LEU C 116 -32.27 -18.13 -26.30
CA LEU C 116 -32.56 -18.61 -27.64
C LEU C 116 -32.23 -17.54 -28.69
N ALA C 117 -32.71 -16.31 -28.48
CA ALA C 117 -32.51 -15.26 -29.47
C ALA C 117 -31.06 -14.84 -29.58
N TRP C 118 -30.34 -14.80 -28.45
CA TRP C 118 -28.93 -14.44 -28.48
C TRP C 118 -28.15 -15.44 -29.31
N HIS C 119 -28.38 -16.73 -29.10
CA HIS C 119 -27.67 -17.74 -29.86
C HIS C 119 -28.10 -17.75 -31.32
N ARG C 120 -29.36 -17.39 -31.61
CA ARG C 120 -29.78 -17.26 -33.00
C ARG C 120 -29.01 -16.13 -33.68
N TYR C 121 -28.86 -14.99 -33.01
CA TYR C 121 -28.07 -13.89 -33.57
C TYR C 121 -26.61 -14.26 -33.68
N PHE C 122 -26.09 -14.98 -32.68
CA PHE C 122 -24.69 -15.35 -32.62
C PHE C 122 -24.29 -16.19 -33.84
N ILE C 123 -25.07 -17.22 -34.16
CA ILE C 123 -24.72 -18.08 -35.29
C ILE C 123 -24.97 -17.38 -36.60
N TYR C 124 -25.98 -16.51 -36.66
CA TYR C 124 -26.17 -15.69 -37.86
C TYR C 124 -24.96 -14.81 -38.14
N GLU C 125 -24.46 -14.14 -37.11
CA GLU C 125 -23.30 -13.26 -37.30
C GLU C 125 -22.03 -14.04 -37.59
N PHE C 126 -21.94 -15.28 -37.07
CA PHE C 126 -20.86 -16.16 -37.49
C PHE C 126 -20.98 -16.49 -38.98
N GLU C 127 -22.18 -16.89 -39.40
CA GLU C 127 -22.44 -17.15 -40.82
C GLU C 127 -22.03 -15.97 -41.69
N GLN C 128 -22.38 -14.75 -41.25
CA GLN C 128 -22.04 -13.56 -42.03
C GLN C 128 -20.53 -13.41 -42.17
N ALA C 129 -19.78 -13.70 -41.10
CA ALA C 129 -18.33 -13.61 -41.19
C ALA C 129 -17.79 -14.59 -42.23
N LEU C 130 -18.32 -15.81 -42.26
CA LEU C 130 -17.91 -16.77 -43.29
C LEU C 130 -18.21 -16.22 -44.68
N ARG C 131 -19.40 -15.65 -44.87
CA ARG C 131 -19.80 -15.15 -46.17
C ARG C 131 -18.99 -13.93 -46.56
N ASP C 132 -18.83 -12.97 -45.63
CA ASP C 132 -18.28 -11.67 -45.96
C ASP C 132 -16.78 -11.58 -45.82
N GLU C 133 -16.15 -12.54 -45.11
CA GLU C 133 -14.71 -12.51 -44.91
C GLU C 133 -14.02 -13.77 -45.41
N CYS C 134 -14.76 -14.85 -45.67
CA CYS C 134 -14.17 -16.11 -46.10
C CYS C 134 -14.87 -16.68 -47.34
N SER C 135 -15.56 -15.83 -48.11
CA SER C 135 -16.09 -16.22 -49.42
C SER C 135 -16.94 -17.48 -49.37
N TYR C 136 -17.68 -17.66 -48.28
CA TYR C 136 -18.59 -18.79 -48.19
C TYR C 136 -19.87 -18.47 -48.95
N THR C 137 -20.24 -19.37 -49.88
CA THR C 137 -21.49 -19.24 -50.62
C THR C 137 -22.45 -20.39 -50.36
N GLY C 138 -22.07 -21.37 -49.54
CA GLY C 138 -22.92 -22.50 -49.25
C GLY C 138 -24.02 -22.16 -48.27
N ASP C 139 -24.64 -23.21 -47.73
CA ASP C 139 -25.74 -23.09 -46.80
C ASP C 139 -25.25 -23.28 -45.37
N TYR C 140 -26.02 -22.77 -44.42
CA TYR C 140 -25.70 -23.00 -43.02
C TYR C 140 -26.04 -24.45 -42.66
N PRO C 141 -25.11 -25.20 -42.07
CA PRO C 141 -25.39 -26.60 -41.71
C PRO C 141 -25.88 -26.78 -40.29
N TYR C 142 -26.73 -27.80 -40.09
CA TYR C 142 -27.15 -28.19 -38.75
C TYR C 142 -26.93 -29.68 -38.55
N TRP C 143 -26.76 -30.05 -37.27
CA TRP C 143 -26.48 -31.42 -36.86
C TRP C 143 -27.74 -32.03 -36.26
N ASN C 144 -28.32 -33.01 -36.95
CA ASN C 144 -29.55 -33.65 -36.47
C ASN C 144 -29.16 -34.78 -35.54
N TRP C 145 -29.18 -34.48 -34.22
CA TRP C 145 -28.65 -35.43 -33.23
C TRP C 145 -29.30 -36.80 -33.34
N GLY C 146 -30.62 -36.83 -33.56
CA GLY C 146 -31.35 -38.10 -33.45
C GLY C 146 -30.77 -39.17 -34.34
N ALA C 147 -30.27 -38.79 -35.51
CA ALA C 147 -29.76 -39.76 -36.47
C ALA C 147 -28.45 -40.40 -36.02
N ASP C 148 -27.72 -39.76 -35.10
CA ASP C 148 -26.44 -40.27 -34.63
C ASP C 148 -26.50 -40.81 -33.21
N ALA C 149 -27.70 -40.89 -32.62
CA ALA C 149 -27.81 -41.14 -31.18
C ALA C 149 -27.26 -42.49 -30.77
N ASP C 150 -27.35 -43.50 -31.63
CA ASP C 150 -26.84 -44.83 -31.27
C ASP C 150 -25.39 -45.06 -31.63
N ASN C 151 -24.74 -44.13 -32.33
CA ASN C 151 -23.33 -44.33 -32.69
C ASN C 151 -22.75 -42.96 -33.12
N MET C 152 -22.27 -42.21 -32.13
CA MET C 152 -21.73 -40.90 -32.43
C MET C 152 -20.49 -40.99 -33.31
N GLU C 153 -19.68 -42.03 -33.12
CA GLU C 153 -18.43 -42.12 -33.87
C GLU C 153 -18.68 -42.24 -35.36
N LYS C 154 -19.85 -42.77 -35.76
CA LYS C 154 -20.24 -42.85 -37.16
C LYS C 154 -20.86 -41.56 -37.69
N SER C 155 -21.11 -40.57 -36.84
CA SER C 155 -21.73 -39.34 -37.30
C SER C 155 -20.86 -38.65 -38.35
N GLN C 156 -21.50 -38.16 -39.41
CA GLN C 156 -20.76 -37.44 -40.44
C GLN C 156 -20.15 -36.14 -39.92
N VAL C 157 -20.64 -35.64 -38.77
CA VAL C 157 -20.02 -34.48 -38.13
C VAL C 157 -18.74 -34.87 -37.40
N PHE C 158 -18.68 -36.09 -36.85
CA PHE C 158 -17.61 -36.48 -35.93
C PHE C 158 -16.86 -37.73 -36.37
N ASP C 159 -16.94 -38.10 -37.65
CA ASP C 159 -16.34 -39.37 -38.06
C ASP C 159 -14.82 -39.28 -38.21
N GLY C 160 -14.23 -38.10 -38.10
CA GLY C 160 -12.79 -37.97 -38.17
C GLY C 160 -12.22 -37.88 -39.56
N SER C 161 -13.05 -37.99 -40.59
CA SER C 161 -12.60 -37.89 -41.98
C SER C 161 -12.38 -36.42 -42.34
N GLU C 162 -12.00 -36.18 -43.60
CA GLU C 162 -11.77 -34.81 -44.04
C GLU C 162 -13.06 -34.05 -44.32
N THR C 163 -14.23 -34.68 -44.14
CA THR C 163 -15.50 -33.98 -44.23
C THR C 163 -16.21 -33.93 -42.87
N SER C 164 -15.44 -33.89 -41.81
CA SER C 164 -15.95 -33.79 -40.44
C SER C 164 -15.36 -32.55 -39.77
N MET C 165 -15.94 -32.19 -38.62
CA MET C 165 -15.32 -31.20 -37.75
C MET C 165 -14.25 -31.87 -36.91
N SER C 166 -13.40 -32.67 -37.56
CA SER C 166 -12.52 -33.61 -36.88
C SER C 166 -13.38 -34.59 -36.09
N GLY C 167 -12.74 -35.54 -35.42
CA GLY C 167 -13.47 -36.62 -34.79
C GLY C 167 -13.16 -36.81 -33.34
N ASN C 168 -12.92 -38.06 -32.95
CA ASN C 168 -12.62 -38.39 -31.57
C ASN C 168 -11.20 -37.97 -31.21
N GLY C 169 -10.92 -37.88 -29.92
CA GLY C 169 -9.59 -37.62 -29.43
C GLY C 169 -8.87 -38.90 -29.05
N GLU C 170 -7.57 -38.76 -28.74
CA GLU C 170 -6.77 -39.92 -28.35
C GLU C 170 -7.45 -40.67 -27.22
N TYR C 171 -7.42 -42.00 -27.28
CA TYR C 171 -7.97 -42.79 -26.21
C TYR C 171 -7.14 -42.61 -24.94
N ILE C 172 -7.83 -42.36 -23.83
CA ILE C 172 -7.19 -42.25 -22.53
C ILE C 172 -7.85 -43.31 -21.64
N PRO C 173 -7.15 -44.39 -21.30
CA PRO C 173 -7.80 -45.46 -20.55
C PRO C 173 -8.09 -45.07 -19.11
N ASN C 174 -9.11 -45.70 -18.56
CA ASN C 174 -9.46 -45.56 -17.13
C ASN C 174 -9.77 -44.11 -16.77
N GLN C 175 -10.61 -43.47 -17.57
CA GLN C 175 -11.12 -42.15 -17.25
C GLN C 175 -12.27 -42.25 -16.28
N GLY C 176 -12.30 -41.35 -15.30
CA GLY C 176 -13.42 -41.31 -14.37
C GLY C 176 -14.66 -40.74 -15.01
N ASP C 177 -15.80 -40.88 -14.32
CA ASP C 177 -17.05 -40.36 -14.83
C ASP C 177 -17.10 -38.84 -14.71
N ILE C 178 -17.82 -38.21 -15.65
CA ILE C 178 -18.09 -36.78 -15.58
C ILE C 178 -19.20 -36.56 -14.55
N LYS C 179 -19.01 -35.56 -13.69
CA LYS C 179 -20.01 -35.20 -12.69
C LYS C 179 -20.43 -33.76 -12.92
N LEU C 180 -21.65 -33.57 -13.41
CA LEU C 180 -22.17 -32.25 -13.74
C LEU C 180 -22.99 -31.75 -12.56
N LEU C 181 -22.59 -30.61 -12.03
CA LEU C 181 -23.31 -29.92 -10.97
C LEU C 181 -23.88 -28.63 -11.54
N LEU C 182 -25.18 -28.47 -11.46
CA LEU C 182 -25.79 -27.15 -11.57
C LEU C 182 -26.34 -26.78 -10.21
N GLY C 183 -26.01 -25.57 -9.76
CA GLY C 183 -26.38 -25.17 -8.41
C GLY C 183 -25.87 -26.16 -7.39
N ASN C 184 -26.69 -26.44 -6.39
CA ASN C 184 -26.44 -27.55 -5.48
C ASN C 184 -27.50 -28.64 -5.68
N TYR C 185 -27.76 -29.00 -6.92
CA TYR C 185 -28.54 -30.19 -7.18
C TYR C 185 -27.65 -31.42 -7.17
N PRO C 186 -28.22 -32.60 -7.01
CA PRO C 186 -27.38 -33.81 -7.05
C PRO C 186 -26.70 -33.95 -8.40
N ALA C 187 -25.44 -34.38 -8.37
CA ALA C 187 -24.64 -34.46 -9.58
C ALA C 187 -25.29 -35.38 -10.60
N ILE C 188 -25.11 -35.05 -11.87
CA ILE C 188 -25.49 -35.93 -12.97
C ILE C 188 -24.23 -36.65 -13.42
N ASP C 189 -24.28 -37.99 -13.36
CA ASP C 189 -23.13 -38.82 -13.64
C ASP C 189 -23.14 -39.23 -15.10
N LEU C 190 -22.09 -38.85 -15.84
CA LEU C 190 -21.99 -39.21 -17.25
C LEU C 190 -20.73 -40.02 -17.51
N PRO C 191 -20.76 -40.96 -18.44
CA PRO C 191 -19.53 -41.69 -18.83
C PRO C 191 -18.53 -40.75 -19.46
N PRO C 192 -17.23 -41.09 -19.42
CA PRO C 192 -16.20 -40.19 -19.96
C PRO C 192 -15.98 -40.30 -21.46
N GLY C 193 -16.53 -41.30 -22.12
CA GLY C 193 -16.35 -41.44 -23.56
C GLY C 193 -15.13 -42.27 -23.93
N SER C 194 -14.97 -42.43 -25.25
CA SER C 194 -13.98 -43.32 -25.83
C SER C 194 -12.69 -42.62 -26.23
N GLY C 195 -12.57 -41.31 -26.01
CA GLY C 195 -11.37 -40.58 -26.37
C GLY C 195 -10.72 -39.93 -25.16
N GLY C 196 -10.49 -38.62 -25.22
CA GLY C 196 -9.98 -37.90 -24.09
C GLY C 196 -8.87 -36.91 -24.40
N GLY C 197 -8.02 -37.25 -25.37
CA GLY C 197 -6.90 -36.42 -25.74
C GLY C 197 -7.20 -35.53 -26.93
N CYS C 198 -6.13 -34.99 -27.52
CA CYS C 198 -6.27 -34.15 -28.69
C CYS C 198 -6.97 -34.93 -29.81
N VAL C 199 -7.63 -34.19 -30.69
CA VAL C 199 -8.26 -34.81 -31.85
C VAL C 199 -7.17 -35.40 -32.73
N THR C 200 -7.43 -36.59 -33.26
CA THR C 200 -6.40 -37.36 -33.94
C THR C 200 -6.37 -37.14 -35.44
N SER C 201 -7.45 -36.64 -36.03
CA SER C 201 -7.56 -36.56 -37.48
C SER C 201 -8.47 -35.39 -37.84
N GLY C 202 -8.59 -35.16 -39.15
CA GLY C 202 -9.54 -34.21 -39.68
C GLY C 202 -8.98 -32.82 -39.85
N PRO C 203 -9.82 -31.93 -40.40
CA PRO C 203 -9.33 -30.61 -40.80
C PRO C 203 -8.97 -29.68 -39.66
N PHE C 204 -9.28 -30.01 -38.41
CA PHE C 204 -8.92 -29.19 -37.27
C PHE C 204 -7.92 -29.91 -36.36
N LYS C 205 -7.17 -30.87 -36.92
CA LYS C 205 -6.19 -31.61 -36.14
C LYS C 205 -5.17 -30.66 -35.49
N ASP C 206 -4.74 -29.64 -36.24
CA ASP C 206 -3.74 -28.69 -35.76
C ASP C 206 -4.34 -27.31 -35.52
N TYR C 207 -5.66 -27.24 -35.36
CA TYR C 207 -6.33 -26.02 -34.94
C TYR C 207 -5.99 -25.73 -33.48
N LYS C 208 -5.73 -24.47 -33.18
CA LYS C 208 -5.24 -24.06 -31.87
C LYS C 208 -6.34 -23.29 -31.13
N LEU C 209 -6.83 -23.90 -30.07
CA LEU C 209 -7.77 -23.29 -29.15
C LEU C 209 -7.00 -22.34 -28.24
N ASN C 210 -7.37 -21.06 -28.26
CA ASN C 210 -6.53 -20.03 -27.64
C ASN C 210 -7.05 -19.52 -26.31
N LEU C 211 -8.35 -19.61 -26.04
CA LEU C 211 -8.94 -19.04 -24.84
C LEU C 211 -9.42 -20.15 -23.91
N GLY C 212 -9.71 -19.77 -22.67
CA GLY C 212 -10.08 -20.72 -21.64
C GLY C 212 -8.89 -21.52 -21.15
N PRO C 213 -9.14 -22.54 -20.33
CA PRO C 213 -10.46 -22.98 -19.84
C PRO C 213 -11.05 -22.04 -18.80
N ALA C 214 -12.38 -21.89 -18.82
CA ALA C 214 -13.08 -21.09 -17.82
C ALA C 214 -13.72 -21.94 -16.73
N ALA C 215 -14.34 -23.06 -17.10
CA ALA C 215 -14.98 -23.96 -16.15
C ALA C 215 -15.05 -25.34 -16.83
N LEU C 216 -13.88 -25.94 -17.04
CA LEU C 216 -13.78 -27.19 -17.78
C LEU C 216 -13.98 -28.35 -16.83
N SER C 217 -15.09 -29.09 -17.02
CA SER C 217 -15.36 -30.28 -16.21
C SER C 217 -14.47 -31.42 -16.69
N LEU C 218 -13.97 -32.21 -15.74
CA LEU C 218 -12.99 -33.24 -16.05
C LEU C 218 -13.45 -34.60 -15.57
N PRO C 219 -13.03 -35.67 -16.25
CA PRO C 219 -13.27 -37.01 -15.71
C PRO C 219 -12.82 -37.12 -14.27
N GLY C 220 -13.69 -37.68 -13.43
CA GLY C 220 -13.44 -37.79 -12.01
C GLY C 220 -14.17 -36.77 -11.17
N GLY C 221 -14.51 -35.60 -11.73
CA GLY C 221 -15.32 -34.62 -11.05
C GLY C 221 -14.68 -33.25 -10.89
N ASN C 222 -13.37 -33.14 -11.10
CA ASN C 222 -12.70 -31.86 -10.93
C ASN C 222 -13.08 -30.90 -12.05
N MET C 223 -12.75 -29.63 -11.83
CA MET C 223 -13.01 -28.58 -12.80
C MET C 223 -11.78 -27.69 -12.90
N THR C 224 -11.31 -27.44 -14.11
CA THR C 224 -10.18 -26.53 -14.34
C THR C 224 -10.73 -25.16 -14.70
N ALA C 225 -10.28 -24.14 -13.99
CA ALA C 225 -10.68 -22.76 -14.23
C ALA C 225 -9.45 -21.87 -14.25
N ALA C 226 -9.21 -21.23 -15.39
CA ALA C 226 -8.10 -20.31 -15.50
C ALA C 226 -8.37 -19.04 -14.69
N ALA C 227 -7.28 -18.43 -14.20
CA ALA C 227 -7.42 -17.20 -13.43
C ALA C 227 -8.14 -16.12 -14.24
N ASN C 228 -7.81 -16.00 -15.52
CA ASN C 228 -8.55 -15.15 -16.44
C ASN C 228 -8.67 -15.89 -17.77
N PRO C 229 -9.87 -16.41 -18.10
CA PRO C 229 -9.99 -17.24 -19.30
C PRO C 229 -9.85 -16.49 -20.62
N LEU C 230 -9.72 -15.18 -20.60
CA LEU C 230 -9.51 -14.42 -21.82
C LEU C 230 -8.03 -14.19 -22.12
N THR C 231 -7.13 -14.82 -21.38
CA THR C 231 -5.71 -14.73 -21.67
C THR C 231 -5.27 -15.88 -22.58
N TYR C 232 -4.07 -15.72 -23.14
CA TYR C 232 -3.60 -16.63 -24.19
C TYR C 232 -3.21 -17.97 -23.60
N ASN C 233 -3.82 -19.05 -24.13
CA ASN C 233 -3.55 -20.40 -23.65
C ASN C 233 -3.68 -21.36 -24.83
N PRO C 234 -2.76 -21.29 -25.80
CA PRO C 234 -2.91 -22.07 -27.03
C PRO C 234 -2.78 -23.56 -26.75
N ARG C 235 -3.64 -24.34 -27.40
CA ARG C 235 -3.66 -25.78 -27.18
C ARG C 235 -4.56 -26.43 -28.21
N CYS C 236 -4.51 -27.75 -28.23
CA CYS C 236 -5.33 -28.56 -29.13
C CYS C 236 -6.76 -28.65 -28.62
N MET C 237 -7.68 -28.89 -29.55
CA MET C 237 -9.05 -29.23 -29.20
C MET C 237 -9.11 -30.72 -28.86
N LYS C 238 -9.66 -31.04 -27.69
CA LYS C 238 -9.82 -32.42 -27.28
C LYS C 238 -11.27 -32.85 -27.45
N ARG C 239 -11.46 -34.16 -27.63
CA ARG C 239 -12.78 -34.73 -27.80
C ARG C 239 -12.82 -36.10 -27.15
N SER C 240 -14.00 -36.48 -26.67
CA SER C 240 -14.25 -37.82 -26.14
C SER C 240 -15.70 -38.16 -26.46
N LEU C 241 -15.91 -38.61 -27.70
CA LEU C 241 -17.26 -38.92 -28.17
C LEU C 241 -17.93 -39.90 -27.23
N THR C 242 -19.15 -39.56 -26.82
CA THR C 242 -19.89 -40.33 -25.80
C THR C 242 -21.29 -40.55 -26.35
N THR C 243 -21.48 -41.66 -27.06
CA THR C 243 -22.79 -42.01 -27.59
C THR C 243 -23.82 -42.13 -26.49
N GLU C 244 -23.42 -42.62 -25.32
CA GLU C 244 -24.35 -42.83 -24.23
C GLU C 244 -25.10 -41.55 -23.87
N ILE C 245 -24.46 -40.39 -24.06
CA ILE C 245 -25.08 -39.13 -23.70
C ILE C 245 -26.18 -38.76 -24.69
N LEU C 246 -25.94 -39.00 -25.99
CA LEU C 246 -26.97 -38.76 -26.98
C LEU C 246 -28.15 -39.71 -26.80
N GLN C 247 -27.87 -40.95 -26.40
CA GLN C 247 -28.93 -41.91 -26.15
C GLN C 247 -29.83 -41.45 -25.01
N ARG C 248 -29.28 -40.72 -24.06
CA ARG C 248 -30.08 -40.27 -22.92
C ARG C 248 -30.90 -39.03 -23.25
N TYR C 249 -30.34 -38.09 -24.02
CA TYR C 249 -30.93 -36.77 -24.12
C TYR C 249 -31.20 -36.26 -25.53
N ASN C 250 -30.80 -37.01 -26.58
CA ASN C 250 -30.86 -36.46 -27.93
C ASN C 250 -31.47 -37.41 -28.96
N THR C 251 -32.23 -38.41 -28.52
CA THR C 251 -32.91 -39.30 -29.45
C THR C 251 -34.12 -38.59 -30.08
N PHE C 252 -34.59 -39.13 -31.20
CA PHE C 252 -35.75 -38.53 -31.86
C PHE C 252 -36.95 -38.42 -30.93
N PRO C 253 -37.27 -39.40 -30.09
CA PRO C 253 -38.36 -39.19 -29.12
C PRO C 253 -38.11 -38.01 -28.20
N LYS C 254 -36.87 -37.82 -27.74
CA LYS C 254 -36.56 -36.69 -26.86
C LYS C 254 -36.73 -35.37 -27.60
N ILE C 255 -36.39 -35.33 -28.89
CA ILE C 255 -36.52 -34.09 -29.65
C ILE C 255 -37.99 -33.74 -29.83
N VAL C 256 -38.79 -34.70 -30.29
CA VAL C 256 -40.21 -34.45 -30.53
C VAL C 256 -40.91 -34.18 -29.21
N GLU C 257 -40.52 -34.88 -28.14
CA GLU C 257 -41.08 -34.58 -26.82
C GLU C 257 -40.87 -33.11 -26.47
N LEU C 258 -39.66 -32.60 -26.69
CA LEU C 258 -39.37 -31.20 -26.42
C LEU C 258 -40.31 -30.28 -27.19
N ILE C 259 -40.58 -30.60 -28.45
CA ILE C 259 -41.39 -29.72 -29.29
C ILE C 259 -42.87 -29.83 -28.90
N LEU C 260 -43.39 -31.05 -28.81
CA LEU C 260 -44.83 -31.23 -28.68
C LEU C 260 -45.34 -31.13 -27.24
N ASP C 261 -44.49 -31.37 -26.25
CA ASP C 261 -44.90 -31.32 -24.85
C ASP C 261 -44.58 -29.99 -24.17
N SER C 262 -44.11 -28.98 -24.92
CA SER C 262 -43.80 -27.66 -24.36
C SER C 262 -44.89 -26.68 -24.77
N ASP C 263 -45.79 -26.36 -23.84
CA ASP C 263 -46.92 -25.50 -24.18
C ASP C 263 -46.59 -24.01 -24.16
N ASP C 264 -45.49 -23.61 -23.51
CA ASP C 264 -45.09 -22.21 -23.49
C ASP C 264 -43.57 -22.10 -23.56
N ILE C 265 -43.09 -20.89 -23.81
CA ILE C 265 -41.67 -20.68 -24.02
C ILE C 265 -40.86 -21.00 -22.78
N TRP C 266 -41.40 -20.75 -21.60
CA TRP C 266 -40.69 -21.10 -20.37
C TRP C 266 -40.42 -22.59 -20.32
N ASP C 267 -41.46 -23.41 -20.54
CA ASP C 267 -41.28 -24.86 -20.54
C ASP C 267 -40.31 -25.30 -21.64
N PHE C 268 -40.42 -24.68 -22.82
CA PHE C 268 -39.58 -25.07 -23.94
C PHE C 268 -38.11 -24.85 -23.64
N GLN C 269 -37.75 -23.64 -23.21
CA GLN C 269 -36.32 -23.35 -23.03
C GLN C 269 -35.75 -24.07 -21.82
N MET C 270 -36.56 -24.31 -20.78
CA MET C 270 -36.07 -25.08 -19.64
C MET C 270 -35.87 -26.54 -20.01
N THR C 271 -36.84 -27.14 -20.70
CA THR C 271 -36.68 -28.52 -21.13
C THR C 271 -35.49 -28.67 -22.06
N MET C 272 -35.29 -27.71 -22.96
CA MET C 272 -34.16 -27.75 -23.89
C MET C 272 -32.82 -27.73 -23.15
N GLN C 273 -32.68 -26.86 -22.15
CA GLN C 273 -31.40 -26.69 -21.49
C GLN C 273 -31.18 -27.67 -20.35
N GLY C 274 -32.24 -28.32 -19.87
CA GLY C 274 -32.17 -29.17 -18.70
C GLY C 274 -32.96 -28.60 -17.54
N VAL C 275 -34.01 -29.30 -17.14
CA VAL C 275 -34.81 -28.83 -16.00
C VAL C 275 -34.03 -29.06 -14.72
N PRO C 276 -33.84 -28.03 -13.88
CA PRO C 276 -33.01 -28.22 -12.68
C PRO C 276 -33.64 -29.23 -11.74
N GLY C 277 -32.83 -30.18 -11.28
CA GLY C 277 -33.30 -31.23 -10.40
C GLY C 277 -33.93 -32.41 -11.09
N SER C 278 -34.03 -32.39 -12.43
CA SER C 278 -34.66 -33.48 -13.15
C SER C 278 -33.69 -34.60 -13.50
N GLY C 279 -32.39 -34.37 -13.38
CA GLY C 279 -31.41 -35.32 -13.87
C GLY C 279 -31.15 -35.26 -15.36
N SER C 280 -31.79 -34.32 -16.06
CA SER C 280 -31.67 -34.19 -17.51
C SER C 280 -30.95 -32.90 -17.86
N ILE C 281 -30.06 -32.97 -18.85
CA ILE C 281 -29.38 -31.79 -19.38
C ILE C 281 -29.96 -31.37 -20.73
N GLY C 282 -31.08 -31.96 -21.15
CA GLY C 282 -31.78 -31.55 -22.35
C GLY C 282 -31.00 -31.87 -23.63
N VAL C 283 -31.63 -31.56 -24.77
CA VAL C 283 -30.93 -31.73 -26.04
C VAL C 283 -29.76 -30.75 -26.11
N HIS C 284 -29.89 -29.59 -25.47
CA HIS C 284 -28.81 -28.60 -25.54
C HIS C 284 -27.58 -29.10 -24.80
N GLY C 285 -27.74 -29.51 -23.54
CA GLY C 285 -26.64 -30.05 -22.79
C GLY C 285 -26.14 -31.36 -23.37
N GLY C 286 -27.06 -32.21 -23.81
CA GLY C 286 -26.67 -33.49 -24.38
C GLY C 286 -25.76 -33.33 -25.59
N GLY C 287 -26.15 -32.46 -26.52
CA GLY C 287 -25.33 -32.24 -27.69
C GLY C 287 -23.95 -31.70 -27.36
N HIS C 288 -23.87 -30.82 -26.36
CA HIS C 288 -22.60 -30.25 -25.95
C HIS C 288 -21.69 -31.30 -25.33
N TYR C 289 -22.17 -31.97 -24.28
CA TYR C 289 -21.31 -32.86 -23.51
C TYR C 289 -21.06 -34.18 -24.22
N SER C 290 -21.88 -34.55 -25.19
CA SER C 290 -21.59 -35.75 -25.97
C SER C 290 -20.26 -35.62 -26.69
N MET C 291 -19.85 -34.39 -27.02
CA MET C 291 -18.55 -34.17 -27.66
C MET C 291 -17.40 -34.46 -26.72
N GLY C 292 -17.63 -34.36 -25.41
CA GLY C 292 -16.57 -34.51 -24.44
C GLY C 292 -15.43 -33.54 -24.68
N GLY C 293 -14.36 -33.76 -23.92
CA GLY C 293 -13.12 -33.08 -24.18
C GLY C 293 -13.12 -31.63 -23.75
N ASP C 294 -12.33 -30.84 -24.48
CA ASP C 294 -12.07 -29.44 -24.18
C ASP C 294 -12.07 -28.67 -25.50
N PRO C 295 -12.95 -27.65 -25.67
CA PRO C 295 -13.84 -27.06 -24.68
C PRO C 295 -15.26 -27.65 -24.64
N GLY C 296 -15.45 -28.85 -25.20
CA GLY C 296 -16.77 -29.43 -25.23
C GLY C 296 -17.46 -29.42 -23.88
N ARG C 297 -16.69 -29.67 -22.82
CA ARG C 297 -17.21 -29.72 -21.45
C ARG C 297 -17.03 -28.40 -20.71
N ASP C 298 -17.04 -27.28 -21.41
CA ASP C 298 -16.84 -25.96 -20.80
C ASP C 298 -17.94 -25.03 -21.28
N VAL C 299 -18.89 -24.72 -20.39
CA VAL C 299 -20.06 -23.92 -20.75
C VAL C 299 -19.65 -22.58 -21.37
N TYR C 300 -18.54 -22.00 -20.94
CA TYR C 300 -18.14 -20.68 -21.41
C TYR C 300 -17.44 -20.75 -22.78
N VAL C 301 -16.57 -21.75 -22.95
CA VAL C 301 -15.64 -21.81 -24.08
C VAL C 301 -16.16 -22.71 -25.20
N SER C 302 -17.37 -23.23 -25.07
CA SER C 302 -17.87 -24.25 -25.98
C SER C 302 -17.79 -23.87 -27.47
N PRO C 303 -17.93 -22.60 -27.87
CA PRO C 303 -17.73 -22.27 -29.30
C PRO C 303 -16.35 -22.63 -29.82
N GLY C 304 -15.38 -22.88 -28.95
CA GLY C 304 -14.08 -23.34 -29.41
C GLY C 304 -14.09 -24.73 -30.01
N ASP C 305 -15.15 -25.50 -29.77
CA ASP C 305 -15.37 -26.74 -30.50
C ASP C 305 -16.14 -26.42 -31.77
N THR C 306 -15.58 -26.79 -32.92
CA THR C 306 -16.15 -26.33 -34.19
C THR C 306 -17.54 -26.88 -34.46
N ALA C 307 -17.93 -27.97 -33.80
CA ALA C 307 -19.27 -28.49 -33.96
C ALA C 307 -20.33 -27.64 -33.26
N PHE C 308 -19.90 -26.70 -32.41
CA PHE C 308 -20.81 -25.76 -31.77
C PHE C 308 -21.81 -25.19 -32.78
N TRP C 309 -21.31 -24.79 -33.95
CA TRP C 309 -22.13 -24.07 -34.91
C TRP C 309 -23.20 -24.97 -35.52
N LEU C 310 -22.89 -26.26 -35.74
CA LEU C 310 -23.89 -27.19 -36.22
C LEU C 310 -24.87 -27.57 -35.11
N HIS C 311 -24.36 -27.69 -33.88
CA HIS C 311 -25.22 -27.96 -32.73
C HIS C 311 -26.27 -26.89 -32.57
N HIS C 312 -25.85 -25.62 -32.58
CA HIS C 312 -26.79 -24.53 -32.38
C HIS C 312 -27.59 -24.21 -33.64
N GLY C 313 -27.13 -24.64 -34.81
CA GLY C 313 -28.02 -24.69 -35.95
C GLY C 313 -29.23 -25.55 -35.68
N MET C 314 -29.02 -26.72 -35.07
CA MET C 314 -30.15 -27.59 -34.74
C MET C 314 -30.99 -26.99 -33.62
N ILE C 315 -30.35 -26.42 -32.59
CA ILE C 315 -31.08 -25.72 -31.54
C ILE C 315 -32.02 -24.69 -32.15
N ASP C 316 -31.49 -23.86 -33.04
CA ASP C 316 -32.31 -22.81 -33.63
C ASP C 316 -33.41 -23.42 -34.49
N ARG C 317 -33.11 -24.54 -35.15
CA ARG C 317 -34.13 -25.22 -35.95
C ARG C 317 -35.29 -25.70 -35.09
N VAL C 318 -34.98 -26.28 -33.92
CA VAL C 318 -36.03 -26.84 -33.07
C VAL C 318 -36.88 -25.73 -32.47
N TRP C 319 -36.26 -24.62 -32.09
CA TRP C 319 -37.01 -23.45 -31.66
C TRP C 319 -37.89 -22.94 -32.80
N TRP C 320 -37.32 -22.84 -34.00
CA TRP C 320 -38.07 -22.35 -35.16
C TRP C 320 -39.28 -23.23 -35.45
N ILE C 321 -39.12 -24.55 -35.36
CA ILE C 321 -40.26 -25.45 -35.53
C ILE C 321 -41.32 -25.16 -34.46
N TRP C 322 -40.89 -25.16 -33.20
CA TRP C 322 -41.82 -24.92 -32.10
C TRP C 322 -42.56 -23.59 -32.29
N GLN C 323 -41.85 -22.55 -32.70
CA GLN C 323 -42.49 -21.27 -32.91
C GLN C 323 -43.61 -21.38 -33.93
N ASN C 324 -43.34 -22.02 -35.05
CA ASN C 324 -44.27 -22.02 -36.18
C ASN C 324 -45.48 -22.91 -35.97
N LEU C 325 -45.55 -23.68 -34.87
CA LEU C 325 -46.75 -24.45 -34.59
C LEU C 325 -47.88 -23.59 -34.06
N ASP C 326 -47.57 -22.39 -33.55
CA ASP C 326 -48.60 -21.46 -33.10
C ASP C 326 -48.00 -20.07 -33.07
N LEU C 327 -47.77 -19.51 -34.25
CA LEU C 327 -46.98 -18.29 -34.39
C LEU C 327 -47.64 -17.11 -33.69
N ARG C 328 -48.96 -17.00 -33.79
CA ARG C 328 -49.68 -15.92 -33.13
C ARG C 328 -49.29 -15.80 -31.66
N LYS C 329 -49.05 -16.93 -31.02
CA LYS C 329 -48.76 -16.96 -29.59
C LYS C 329 -47.28 -17.16 -29.27
N ARG C 330 -46.49 -17.69 -30.23
CA ARG C 330 -45.15 -18.14 -29.92
C ARG C 330 -44.04 -17.36 -30.61
N GLN C 331 -44.33 -16.62 -31.69
CA GLN C 331 -43.24 -15.95 -32.38
C GLN C 331 -42.48 -15.03 -31.45
N ASN C 332 -43.20 -14.22 -30.66
CA ASN C 332 -42.60 -13.20 -29.81
C ASN C 332 -42.52 -13.61 -28.35
N ALA C 333 -42.78 -14.87 -28.02
CA ALA C 333 -42.89 -15.28 -26.63
C ALA C 333 -41.52 -15.26 -25.96
N ILE C 334 -41.47 -14.68 -24.76
CA ILE C 334 -40.24 -14.59 -23.96
C ILE C 334 -40.60 -14.90 -22.52
N SER C 335 -39.66 -15.52 -21.83
CA SER C 335 -39.78 -15.71 -20.38
C SER C 335 -38.38 -15.80 -19.78
N GLY C 336 -38.27 -15.41 -18.53
CA GLY C 336 -37.00 -15.43 -17.82
C GLY C 336 -36.43 -14.03 -17.66
N THR C 337 -35.21 -13.98 -17.14
CA THR C 337 -34.57 -12.72 -16.80
C THR C 337 -33.22 -12.59 -17.46
N GLY C 338 -32.46 -11.56 -17.07
CA GLY C 338 -31.15 -11.30 -17.63
C GLY C 338 -29.99 -11.93 -16.90
N THR C 339 -30.25 -12.81 -15.93
CA THR C 339 -29.20 -13.49 -15.21
C THR C 339 -29.45 -14.99 -15.21
N PHE C 340 -28.36 -15.74 -15.29
CA PHE C 340 -28.33 -17.20 -15.29
C PHE C 340 -29.19 -17.77 -14.17
N MET C 341 -30.30 -18.42 -14.52
CA MET C 341 -31.21 -18.99 -13.51
C MET C 341 -31.70 -17.92 -12.53
N ASN C 342 -31.73 -16.67 -12.99
CA ASN C 342 -32.12 -15.52 -12.18
C ASN C 342 -31.33 -15.43 -10.88
N ASN C 343 -30.03 -15.70 -10.98
CA ASN C 343 -29.11 -15.60 -9.84
C ASN C 343 -28.00 -14.60 -10.16
N PRO C 344 -27.93 -13.44 -9.49
CA PRO C 344 -28.92 -12.83 -8.59
C PRO C 344 -30.17 -12.44 -9.36
N ALA C 345 -31.25 -12.09 -8.67
CA ALA C 345 -32.48 -11.71 -9.37
C ALA C 345 -32.23 -10.49 -10.24
N SER C 346 -32.84 -10.49 -11.41
CA SER C 346 -32.75 -9.37 -12.34
C SER C 346 -34.11 -9.19 -13.00
N PRO C 347 -34.32 -8.09 -13.72
CA PRO C 347 -35.64 -7.86 -14.32
C PRO C 347 -35.93 -8.87 -15.42
N ASN C 348 -37.23 -9.02 -15.71
CA ASN C 348 -37.67 -9.89 -16.78
C ASN C 348 -37.19 -9.36 -18.13
N THR C 349 -36.74 -10.28 -18.98
CA THR C 349 -36.45 -9.93 -20.37
C THR C 349 -37.72 -9.48 -21.08
N THR C 350 -37.57 -8.51 -21.97
CA THR C 350 -38.67 -7.99 -22.78
C THR C 350 -38.23 -7.93 -24.23
N LEU C 351 -39.20 -7.64 -25.12
CA LEU C 351 -38.89 -7.41 -26.52
C LEU C 351 -38.01 -6.19 -26.72
N ASP C 352 -37.97 -5.26 -25.76
CA ASP C 352 -37.13 -4.08 -25.84
C ASP C 352 -35.71 -4.32 -25.35
N THR C 353 -35.47 -5.44 -24.64
CA THR C 353 -34.12 -5.76 -24.18
C THR C 353 -33.13 -5.77 -25.33
N VAL C 354 -31.95 -5.16 -25.09
CA VAL C 354 -30.90 -5.07 -26.10
C VAL C 354 -29.81 -6.08 -25.77
N ILE C 355 -29.34 -6.81 -26.78
CA ILE C 355 -28.24 -7.73 -26.65
C ILE C 355 -27.20 -7.39 -27.72
N ASP C 356 -25.98 -7.88 -27.51
CA ASP C 356 -24.90 -7.61 -28.44
C ASP C 356 -23.92 -8.78 -28.41
N LEU C 357 -23.05 -8.82 -29.42
CA LEU C 357 -22.02 -9.84 -29.55
C LEU C 357 -20.62 -9.24 -29.39
N GLY C 358 -20.52 -8.14 -28.64
CA GLY C 358 -19.22 -7.53 -28.43
C GLY C 358 -18.56 -7.18 -29.75
N TYR C 359 -17.32 -7.63 -29.93
CA TYR C 359 -16.55 -7.35 -31.14
C TYR C 359 -16.53 -8.51 -32.11
N ALA C 360 -17.36 -9.54 -31.90
CA ALA C 360 -17.37 -10.66 -32.83
C ALA C 360 -17.88 -10.23 -34.20
N ASN C 361 -19.03 -9.55 -34.22
CA ASN C 361 -19.65 -9.10 -35.45
C ASN C 361 -20.98 -8.45 -35.09
N GLY C 362 -21.46 -7.58 -35.97
CA GLY C 362 -22.74 -6.94 -35.76
C GLY C 362 -22.69 -5.90 -34.67
N GLY C 363 -23.89 -5.41 -34.33
CA GLY C 363 -24.05 -4.39 -33.32
C GLY C 363 -25.21 -4.68 -32.40
N PRO C 364 -25.44 -3.78 -31.44
CA PRO C 364 -26.56 -3.98 -30.51
C PRO C 364 -27.88 -4.07 -31.26
N ILE C 365 -28.77 -4.91 -30.73
CA ILE C 365 -30.06 -5.18 -31.39
C ILE C 365 -31.06 -5.58 -30.33
N ALA C 366 -32.30 -5.11 -30.49
CA ALA C 366 -33.37 -5.42 -29.57
C ALA C 366 -33.92 -6.83 -29.84
N MET C 367 -34.35 -7.48 -28.75
CA MET C 367 -34.92 -8.82 -28.86
C MET C 367 -36.03 -8.90 -29.90
N ARG C 368 -36.84 -7.84 -30.01
CA ARG C 368 -37.96 -7.87 -30.94
C ARG C 368 -37.51 -8.18 -32.36
N ASP C 369 -36.34 -7.68 -32.76
CA ASP C 369 -35.85 -7.88 -34.11
C ASP C 369 -35.24 -9.26 -34.32
N LEU C 370 -35.19 -10.10 -33.29
CA LEU C 370 -34.57 -11.43 -33.38
C LEU C 370 -35.57 -12.57 -33.40
N MET C 371 -36.86 -12.31 -33.20
CA MET C 371 -37.79 -13.38 -32.87
C MET C 371 -38.24 -14.18 -34.09
N SER C 372 -37.98 -13.70 -35.31
CA SER C 372 -38.47 -14.37 -36.52
C SER C 372 -37.32 -14.51 -37.53
N THR C 373 -37.16 -15.72 -38.08
CA THR C 373 -36.11 -15.97 -39.06
C THR C 373 -36.33 -15.26 -40.39
N THR C 374 -37.49 -14.64 -40.59
CA THR C 374 -37.77 -13.87 -41.81
C THR C 374 -38.09 -12.41 -41.51
N ALA C 375 -37.54 -11.86 -40.43
CA ALA C 375 -37.68 -10.45 -40.12
C ALA C 375 -36.38 -9.98 -39.48
N GLY C 376 -36.32 -8.69 -39.16
CA GLY C 376 -35.11 -8.10 -38.66
C GLY C 376 -33.95 -8.31 -39.62
N PRO C 377 -32.81 -8.78 -39.12
CA PRO C 377 -31.68 -9.07 -40.02
C PRO C 377 -31.75 -10.43 -40.70
N PHE C 378 -32.75 -11.25 -40.38
CA PHE C 378 -32.79 -12.64 -40.82
C PHE C 378 -33.69 -12.81 -42.02
N CYS C 379 -33.30 -13.72 -42.91
CA CYS C 379 -34.15 -14.15 -44.02
C CYS C 379 -33.73 -15.59 -44.36
N TYR C 380 -34.14 -16.53 -43.51
CA TYR C 380 -33.73 -17.91 -43.70
C TYR C 380 -34.79 -18.86 -43.17
N VAL C 381 -34.72 -20.10 -43.65
CA VAL C 381 -35.64 -21.16 -43.29
C VAL C 381 -34.82 -22.44 -43.18
N TYR C 382 -35.39 -23.44 -42.50
CA TYR C 382 -34.73 -24.74 -42.36
C TYR C 382 -35.37 -25.76 -43.29
N LEU C 383 -34.51 -26.56 -43.92
CA LEU C 383 -34.94 -27.76 -44.61
C LEU C 383 -34.11 -28.95 -44.14
N THR D 5 16.84 30.39 52.91
CA THR D 5 15.85 30.34 51.84
C THR D 5 16.49 30.80 50.53
N LEU D 6 16.44 29.93 49.52
CA LEU D 6 17.12 30.20 48.26
C LEU D 6 16.38 31.22 47.42
N PRO D 7 17.09 31.93 46.54
CA PRO D 7 16.40 32.79 45.58
C PRO D 7 15.58 31.98 44.59
N THR D 8 14.55 32.63 44.06
CA THR D 8 13.65 32.00 43.10
C THR D 8 13.54 32.77 41.80
N THR D 9 13.86 34.06 41.80
CA THR D 9 13.93 34.86 40.59
C THR D 9 15.29 35.52 40.52
N ALA D 10 15.86 35.56 39.31
CA ALA D 10 17.17 36.17 39.11
C ALA D 10 17.04 37.69 39.11
N SER D 11 17.95 38.35 39.81
CA SER D 11 17.95 39.80 39.87
C SER D 11 18.58 40.40 38.63
N SER D 12 18.07 41.56 38.23
CA SER D 12 18.67 42.32 37.13
C SER D 12 19.91 43.07 37.56
N SER D 13 20.10 43.28 38.86
CA SER D 13 21.32 43.92 39.36
C SER D 13 22.45 42.91 39.35
N THR D 14 23.60 43.31 38.81
CA THR D 14 24.72 42.39 38.68
C THR D 14 25.21 41.93 40.05
N ALA D 15 25.42 42.87 40.97
CA ALA D 15 25.89 42.51 42.30
C ALA D 15 24.90 41.59 43.00
N VAL D 16 23.60 41.86 42.84
CA VAL D 16 22.58 41.02 43.46
C VAL D 16 22.65 39.60 42.90
N ALA D 17 22.64 39.48 41.57
CA ALA D 17 22.69 38.16 40.95
C ALA D 17 23.93 37.39 41.37
N SER D 18 25.08 38.07 41.44
CA SER D 18 26.30 37.39 41.88
C SER D 18 26.12 36.79 43.26
N SER D 19 25.44 37.51 44.16
CA SER D 19 25.21 36.99 45.51
C SER D 19 24.20 35.85 45.48
N GLN D 20 23.17 35.96 44.63
CA GLN D 20 22.27 34.84 44.43
C GLN D 20 23.03 33.60 43.97
N LEU D 21 23.96 33.77 43.01
CA LEU D 21 24.74 32.63 42.53
C LEU D 21 25.56 32.01 43.66
N ASP D 22 26.18 32.84 44.50
CA ASP D 22 26.92 32.33 45.64
C ASP D 22 26.02 31.50 46.54
N GLN D 23 24.84 32.02 46.86
CA GLN D 23 23.93 31.29 47.75
C GLN D 23 23.57 29.93 47.17
N LEU D 24 23.15 29.89 45.91
CA LEU D 24 22.80 28.62 45.28
C LEU D 24 24.00 27.69 45.22
N ALA D 25 25.18 28.22 44.90
CA ALA D 25 26.38 27.40 44.87
C ALA D 25 26.67 26.81 46.25
N ASN D 26 26.57 27.66 47.29
CA ASN D 26 26.76 27.15 48.64
C ASN D 26 25.71 26.11 48.99
N PHE D 27 24.47 26.32 48.57
CA PHE D 27 23.44 25.30 48.77
C PHE D 27 23.87 23.97 48.17
N ALA D 28 24.32 24.00 46.91
CA ALA D 28 24.74 22.76 46.25
C ALA D 28 25.96 22.15 46.96
N TYR D 29 26.92 22.98 47.36
CA TYR D 29 28.06 22.45 48.10
C TYR D 29 27.59 21.70 49.34
N ASN D 30 26.66 22.30 50.09
CA ASN D 30 26.13 21.62 51.27
C ASN D 30 25.48 20.30 50.90
N VAL D 31 24.69 20.27 49.82
CA VAL D 31 23.98 19.05 49.46
C VAL D 31 24.97 17.94 49.12
N THR D 32 26.01 18.28 48.34
CA THR D 32 26.98 17.26 47.96
C THR D 32 27.75 16.76 49.17
N THR D 33 28.31 17.66 49.96
CA THR D 33 29.19 17.26 51.05
C THR D 33 28.44 16.51 52.14
N ASP D 34 27.16 16.79 52.33
CA ASP D 34 26.40 16.08 53.35
C ASP D 34 26.12 14.63 52.95
N SER D 35 25.79 14.42 51.67
CA SER D 35 25.39 13.08 51.23
C SER D 35 26.56 12.14 50.98
N VAL D 36 27.77 12.65 50.77
CA VAL D 36 28.89 11.76 50.49
C VAL D 36 29.21 10.93 51.72
N ALA D 37 29.72 9.72 51.48
CA ALA D 37 30.20 8.85 52.55
C ALA D 37 31.32 9.55 53.33
N GLY D 46 33.28 4.53 47.15
CA GLY D 46 34.66 4.88 46.89
C GLY D 46 34.96 6.33 47.21
N CYS D 47 34.07 7.21 46.78
CA CYS D 47 34.21 8.64 47.05
C CYS D 47 33.80 8.93 48.50
N THR D 48 34.69 9.53 49.26
CA THR D 48 34.41 9.98 50.62
C THR D 48 34.68 11.46 50.72
N LEU D 49 34.16 12.07 51.80
CA LEU D 49 34.50 13.46 52.08
C LEU D 49 35.99 13.64 52.29
N GLN D 50 36.67 12.59 52.77
CA GLN D 50 38.08 12.69 53.09
C GLN D 50 38.92 12.82 51.81
N ASN D 51 38.57 12.07 50.77
CA ASN D 51 39.26 12.14 49.49
C ASN D 51 38.43 12.86 48.43
N LEU D 52 37.60 13.81 48.86
CA LEU D 52 36.81 14.62 47.96
C LEU D 52 37.65 15.77 47.43
N ARG D 53 37.63 15.97 46.12
CA ARG D 53 38.38 17.04 45.49
C ARG D 53 37.50 18.28 45.34
N VAL D 54 38.15 19.44 45.25
CA VAL D 54 37.47 20.72 45.19
C VAL D 54 37.96 21.48 43.96
N ARG D 55 37.04 22.01 43.19
CA ARG D 55 37.33 22.83 42.02
C ARG D 55 36.98 24.28 42.35
N ARG D 56 37.85 25.20 41.96
CA ARG D 56 37.74 26.58 42.40
C ARG D 56 37.86 27.57 41.24
N ASP D 57 37.36 28.77 41.51
CA ASP D 57 37.49 29.89 40.59
C ASP D 57 38.95 30.23 40.35
N TRP D 58 39.32 30.40 39.07
CA TRP D 58 40.68 30.79 38.71
C TRP D 58 41.18 31.94 39.57
N ARG D 59 40.31 32.91 39.87
CA ARG D 59 40.70 34.08 40.63
C ARG D 59 41.17 33.73 42.04
N ALA D 60 40.78 32.57 42.57
CA ALA D 60 41.19 32.14 43.90
C ALA D 60 42.50 31.36 43.89
N PHE D 61 43.02 31.04 42.70
CA PHE D 61 44.34 30.43 42.61
C PHE D 61 45.41 31.47 42.93
N SER D 62 46.38 31.07 43.75
CA SER D 62 47.56 31.91 43.94
C SER D 62 48.39 31.92 42.67
N LYS D 63 49.35 32.85 42.60
CA LYS D 63 50.21 32.93 41.44
C LYS D 63 50.93 31.61 41.19
N THR D 64 51.50 31.01 42.24
CA THR D 64 52.16 29.72 42.08
C THR D 64 51.16 28.66 41.66
N GLN D 65 49.95 28.68 42.25
CA GLN D 65 48.93 27.71 41.88
C GLN D 65 48.58 27.84 40.41
N LYS D 66 48.37 29.07 39.93
CA LYS D 66 48.09 29.28 38.51
C LYS D 66 49.22 28.75 37.64
N LYS D 67 50.47 29.02 38.03
CA LYS D 67 51.60 28.60 37.22
C LYS D 67 51.76 27.08 37.20
N ASP D 68 51.40 26.41 38.30
CA ASP D 68 51.45 24.95 38.30
C ASP D 68 50.44 24.35 37.34
N TYR D 69 49.25 24.93 37.28
CA TYR D 69 48.25 24.45 36.32
C TYR D 69 48.72 24.67 34.89
N ILE D 70 49.08 25.92 34.57
CA ILE D 70 49.60 26.25 33.24
C ILE D 70 50.72 25.29 32.84
N ASN D 71 51.68 25.09 33.73
CA ASN D 71 52.83 24.24 33.41
C ASN D 71 52.38 22.82 33.08
N SER D 72 51.37 22.32 33.77
CA SER D 72 50.89 20.96 33.49
C SER D 72 50.23 20.88 32.13
N VAL D 73 49.48 21.92 31.74
CA VAL D 73 48.91 21.96 30.40
C VAL D 73 50.03 22.01 29.37
N LEU D 74 51.03 22.88 29.57
CA LEU D 74 52.18 22.91 28.67
C LEU D 74 52.80 21.52 28.54
N CYS D 75 52.96 20.82 29.66
CA CYS D 75 53.48 19.45 29.63
C CYS D 75 52.68 18.58 28.66
N LEU D 76 51.35 18.58 28.78
CA LEU D 76 50.53 17.77 27.88
C LEU D 76 50.80 18.14 26.42
N GLN D 77 50.99 19.42 26.13
CA GLN D 77 51.28 19.87 24.78
C GLN D 77 52.68 19.51 24.32
N LYS D 78 53.47 18.83 25.17
CA LYS D 78 54.83 18.42 24.86
C LYS D 78 54.98 16.91 24.67
N LEU D 79 54.07 16.11 25.23
CA LEU D 79 54.18 14.66 25.26
C LEU D 79 53.60 14.04 23.99
N PRO D 80 54.16 12.92 23.53
CA PRO D 80 53.66 12.32 22.29
C PRO D 80 52.21 11.88 22.38
N SER D 81 51.52 11.96 21.25
CA SER D 81 50.11 11.59 21.17
C SER D 81 49.93 10.07 21.12
N ARG D 82 48.84 9.61 21.74
CA ARG D 82 48.49 8.18 21.73
C ARG D 82 47.70 7.77 20.50
N THR D 83 46.94 8.69 19.90
CA THR D 83 46.04 8.31 18.82
C THR D 83 46.84 7.68 17.69
N PRO D 84 46.46 6.51 17.19
CA PRO D 84 47.11 5.97 15.99
C PRO D 84 47.17 7.00 14.88
N ALA D 85 48.35 7.15 14.29
CA ALA D 85 48.56 8.20 13.30
C ALA D 85 47.55 8.11 12.16
N HIS D 86 47.17 6.89 11.77
CA HIS D 86 46.30 6.73 10.60
C HIS D 86 44.87 7.16 10.88
N LEU D 87 44.47 7.29 12.15
CA LEU D 87 43.14 7.80 12.48
C LEU D 87 43.12 9.32 12.63
N ALA D 88 44.25 9.92 12.99
CA ALA D 88 44.35 11.37 13.13
C ALA D 88 45.77 11.79 12.74
N PRO D 89 46.03 11.92 11.44
CA PRO D 89 47.39 12.28 11.00
C PRO D 89 47.95 13.54 11.66
N GLY D 90 47.10 14.51 11.99
CA GLY D 90 47.58 15.77 12.51
C GLY D 90 47.95 15.76 13.98
N ALA D 91 47.57 14.72 14.71
CA ALA D 91 47.85 14.66 16.13
C ALA D 91 49.35 14.46 16.37
N ARG D 92 49.88 15.21 17.33
CA ARG D 92 51.29 15.09 17.69
C ARG D 92 51.46 14.96 19.19
N THR D 93 50.54 15.54 19.96
CA THR D 93 50.70 15.65 21.40
C THR D 93 49.51 15.03 22.11
N ARG D 94 49.72 14.74 23.40
CA ARG D 94 48.61 14.29 24.24
C ARG D 94 47.48 15.31 24.24
N TYR D 95 47.82 16.59 24.20
CA TYR D 95 46.79 17.62 24.11
C TYR D 95 45.99 17.45 22.82
N ASP D 96 46.68 17.21 21.70
CA ASP D 96 45.99 16.97 20.44
C ASP D 96 45.03 15.79 20.53
N ASP D 97 45.34 14.81 21.37
CA ASP D 97 44.46 13.63 21.48
C ASP D 97 43.07 14.04 21.93
N PHE D 98 42.98 15.01 22.84
CA PHE D 98 41.67 15.45 23.31
C PHE D 98 40.95 16.28 22.26
N VAL D 99 41.68 17.15 21.54
CA VAL D 99 41.06 17.92 20.47
C VAL D 99 40.52 16.98 19.40
N ALA D 100 41.28 15.93 19.07
CA ALA D 100 40.90 15.07 17.94
C ALA D 100 39.62 14.30 18.23
N THR D 101 39.45 13.79 19.45
CA THR D 101 38.21 13.06 19.73
C THR D 101 37.02 14.02 19.79
N HIS D 102 37.23 15.24 20.26
CA HIS D 102 36.16 16.23 20.23
C HIS D 102 35.74 16.53 18.81
N ILE D 103 36.72 16.79 17.93
CA ILE D 103 36.43 17.00 16.52
C ILE D 103 35.65 15.80 15.98
N ASN D 104 36.13 14.61 16.31
CA ASN D 104 35.58 13.40 15.72
C ASN D 104 34.13 13.17 16.11
N GLN D 105 33.73 13.64 17.29
CA GLN D 105 32.42 13.32 17.85
C GLN D 105 31.50 14.53 17.95
N THR D 106 31.87 15.66 17.35
CA THR D 106 31.13 16.90 17.57
C THR D 106 29.66 16.74 17.25
N GLN D 107 29.32 15.94 16.23
CA GLN D 107 27.95 15.81 15.77
C GLN D 107 27.11 14.88 16.64
N ILE D 108 27.68 14.27 17.68
CA ILE D 108 26.89 13.47 18.61
C ILE D 108 27.13 13.87 20.07
N ILE D 109 27.74 15.04 20.30
CA ILE D 109 28.01 15.50 21.66
C ILE D 109 27.54 16.93 21.91
N HIS D 110 26.96 17.59 20.92
CA HIS D 110 26.34 18.91 21.11
C HIS D 110 24.89 18.83 20.64
N TYR D 111 24.01 19.52 21.37
CA TYR D 111 22.56 19.44 21.10
C TYR D 111 22.11 17.99 21.07
N THR D 112 22.62 17.21 22.02
CA THR D 112 22.28 15.81 22.21
C THR D 112 21.95 15.60 23.67
N GLY D 113 21.32 14.45 23.97
CA GLY D 113 21.09 14.08 25.35
C GLY D 113 22.37 13.86 26.15
N THR D 114 23.50 13.73 25.46
CA THR D 114 24.77 13.42 26.10
C THR D 114 25.66 14.64 26.29
N PHE D 115 25.23 15.82 25.83
CA PHE D 115 26.10 16.99 25.81
C PHE D 115 26.70 17.27 27.18
N LEU D 116 25.86 17.41 28.19
CA LEU D 116 26.37 17.79 29.51
C LEU D 116 27.27 16.72 30.09
N ALA D 117 26.81 15.47 30.09
CA ALA D 117 27.58 14.38 30.69
C ALA D 117 28.88 14.13 29.93
N TRP D 118 28.83 14.12 28.60
CA TRP D 118 30.04 13.88 27.82
C TRP D 118 31.13 14.87 28.20
N HIS D 119 30.78 16.15 28.26
CA HIS D 119 31.78 17.16 28.59
C HIS D 119 32.24 17.05 30.03
N ARG D 120 31.36 16.65 30.94
CA ARG D 120 31.79 16.37 32.30
C ARG D 120 32.87 15.30 32.32
N TYR D 121 32.64 14.20 31.60
CA TYR D 121 33.63 13.12 31.53
C TYR D 121 34.89 13.58 30.79
N PHE D 122 34.71 14.44 29.78
CA PHE D 122 35.82 14.94 29.00
C PHE D 122 36.82 15.71 29.86
N ILE D 123 36.33 16.73 30.59
CA ILE D 123 37.24 17.53 31.39
C ILE D 123 37.78 16.74 32.58
N TYR D 124 36.98 15.84 33.14
CA TYR D 124 37.49 14.95 34.17
C TYR D 124 38.72 14.19 33.67
N GLU D 125 38.61 13.61 32.47
CA GLU D 125 39.69 12.79 31.93
C GLU D 125 40.88 13.65 31.50
N PHE D 126 40.61 14.88 31.05
CA PHE D 126 41.70 15.83 30.82
C PHE D 126 42.42 16.14 32.12
N GLU D 127 41.67 16.33 33.20
CA GLU D 127 42.27 16.51 34.52
C GLU D 127 43.13 15.31 34.90
N GLN D 128 42.63 14.09 34.65
CA GLN D 128 43.39 12.90 34.97
C GLN D 128 44.72 12.87 34.22
N ALA D 129 44.74 13.36 32.98
CA ALA D 129 46.00 13.42 32.25
C ALA D 129 46.98 14.36 32.93
N LEU D 130 46.51 15.55 33.31
CA LEU D 130 47.39 16.49 34.02
C LEU D 130 47.97 15.85 35.28
N ARG D 131 47.15 15.09 36.02
CA ARG D 131 47.59 14.53 37.30
C ARG D 131 48.53 13.33 37.11
N ASP D 132 48.18 12.43 36.20
CA ASP D 132 48.91 11.18 36.06
C ASP D 132 50.10 11.26 35.12
N GLU D 133 50.12 12.23 34.21
CA GLU D 133 51.18 12.34 33.21
C GLU D 133 51.97 13.62 33.33
N CYS D 134 51.49 14.61 34.09
CA CYS D 134 52.19 15.88 34.23
C CYS D 134 52.30 16.30 35.69
N SER D 135 52.17 15.36 36.63
CA SER D 135 52.45 15.59 38.05
C SER D 135 51.64 16.75 38.61
N TYR D 136 50.43 16.97 38.10
CA TYR D 136 49.60 18.04 38.61
C TYR D 136 48.95 17.59 39.92
N THR D 137 49.02 18.43 40.94
CA THR D 137 48.43 18.13 42.24
C THR D 137 47.49 19.21 42.74
N GLY D 138 47.21 20.24 41.95
CA GLY D 138 46.34 21.32 42.36
C GLY D 138 44.87 21.03 42.11
N ASP D 139 44.06 22.08 42.25
CA ASP D 139 42.63 21.99 42.02
C ASP D 139 42.28 22.29 40.56
N TYR D 140 41.16 21.75 40.12
CA TYR D 140 40.68 22.04 38.78
C TYR D 140 40.11 23.46 38.74
N PRO D 141 40.51 24.30 37.80
CA PRO D 141 40.01 25.67 37.74
C PRO D 141 38.76 25.82 36.88
N TYR D 142 37.96 26.83 37.21
CA TYR D 142 36.83 27.22 36.38
C TYR D 142 36.84 28.73 36.19
N TRP D 143 36.30 29.18 35.05
CA TRP D 143 36.31 30.58 34.65
C TRP D 143 34.91 31.15 34.88
N ASN D 144 34.77 32.00 35.89
CA ASN D 144 33.47 32.58 36.23
C ASN D 144 33.23 33.76 35.30
N TRP D 145 32.47 33.53 34.22
CA TRP D 145 32.26 34.56 33.21
C TRP D 145 31.73 35.86 33.81
N GLY D 146 30.84 35.75 34.79
CA GLY D 146 30.17 36.92 35.30
C GLY D 146 31.13 38.00 35.76
N ALA D 147 32.24 37.60 36.36
CA ALA D 147 33.20 38.55 36.89
C ALA D 147 33.93 39.33 35.80
N ASP D 148 33.95 38.82 34.57
CA ASP D 148 34.72 39.43 33.49
C ASP D 148 33.85 40.05 32.41
N ALA D 149 32.52 40.09 32.60
CA ALA D 149 31.63 40.53 31.54
C ALA D 149 31.77 42.02 31.24
N ASP D 150 32.39 42.80 32.12
CA ASP D 150 32.61 44.22 31.86
C ASP D 150 33.95 44.52 31.20
N ASN D 151 34.93 43.61 31.29
CA ASN D 151 36.20 43.82 30.61
C ASN D 151 36.90 42.47 30.51
N MET D 152 36.74 41.81 29.37
CA MET D 152 37.33 40.48 29.19
C MET D 152 38.85 40.57 29.13
N GLU D 153 39.40 41.67 28.60
CA GLU D 153 40.84 41.79 28.49
C GLU D 153 41.51 41.80 29.87
N LYS D 154 40.78 42.23 30.90
CA LYS D 154 41.30 42.24 32.26
C LYS D 154 41.10 40.91 32.99
N SER D 155 40.38 39.97 32.39
CA SER D 155 40.19 38.68 33.03
C SER D 155 41.54 38.05 33.37
N GLN D 156 41.63 37.45 34.56
CA GLN D 156 42.83 36.71 34.91
C GLN D 156 43.04 35.50 34.01
N VAL D 157 42.00 35.08 33.29
CA VAL D 157 42.14 33.99 32.33
C VAL D 157 42.79 34.48 31.04
N PHE D 158 42.60 35.75 30.67
CA PHE D 158 42.98 36.22 29.34
C PHE D 158 43.82 37.50 29.35
N ASP D 159 44.40 37.88 30.50
CA ASP D 159 45.09 39.17 30.54
C ASP D 159 46.46 39.15 29.89
N GLY D 160 46.98 37.98 29.51
CA GLY D 160 48.24 37.90 28.79
C GLY D 160 49.47 37.76 29.66
N SER D 161 49.33 37.92 30.98
CA SER D 161 50.44 37.74 31.89
C SER D 161 50.84 36.27 31.93
N GLU D 162 51.84 35.95 32.76
CA GLU D 162 52.33 34.59 32.90
C GLU D 162 51.47 33.73 33.80
N THR D 163 50.40 34.30 34.36
CA THR D 163 49.43 33.53 35.12
C THR D 163 48.09 33.41 34.40
N SER D 164 48.08 33.58 33.09
CA SER D 164 46.86 33.53 32.29
C SER D 164 46.96 32.37 31.29
N MET D 165 45.88 32.16 30.56
CA MET D 165 45.89 31.20 29.44
C MET D 165 46.29 31.90 28.15
N SER D 166 47.42 32.63 28.23
CA SER D 166 47.83 33.59 27.23
C SER D 166 46.74 34.65 27.04
N GLY D 167 46.99 35.62 26.16
CA GLY D 167 46.15 36.80 26.10
C GLY D 167 45.33 36.90 24.83
N ASN D 168 45.13 38.13 24.39
CA ASN D 168 44.40 38.40 23.16
C ASN D 168 45.27 38.06 21.96
N GLY D 169 44.63 37.93 20.81
CA GLY D 169 45.36 37.94 19.57
C GLY D 169 45.81 39.34 19.21
N GLU D 170 46.86 39.41 18.40
CA GLU D 170 47.33 40.71 17.94
C GLU D 170 46.24 41.40 17.12
N TYR D 171 46.29 42.72 17.12
CA TYR D 171 45.19 43.53 16.58
C TYR D 171 45.18 43.48 15.06
N ILE D 172 44.03 43.13 14.49
CA ILE D 172 43.80 43.20 13.06
C ILE D 172 42.68 44.22 12.82
N PRO D 173 42.93 45.31 12.10
CA PRO D 173 41.91 46.36 11.98
C PRO D 173 40.86 46.06 10.91
N ASN D 174 39.71 46.69 11.09
CA ASN D 174 38.63 46.68 10.08
C ASN D 174 38.10 45.27 9.82
N GLN D 175 37.99 44.47 10.86
CA GLN D 175 37.36 43.15 10.74
C GLN D 175 35.84 43.30 10.66
N GLY D 176 35.24 42.58 9.72
CA GLY D 176 33.79 42.53 9.65
C GLY D 176 33.20 41.71 10.78
N ASP D 177 31.87 41.79 10.89
CA ASP D 177 31.16 41.12 11.97
C ASP D 177 31.17 39.61 11.78
N ILE D 178 30.97 38.90 12.89
CA ILE D 178 30.73 37.46 12.86
C ILE D 178 29.26 37.25 12.57
N LYS D 179 28.97 36.21 11.78
CA LYS D 179 27.60 35.87 11.41
C LYS D 179 27.42 34.38 11.63
N LEU D 180 26.72 34.01 12.71
CA LEU D 180 26.57 32.63 13.11
C LEU D 180 25.30 32.05 12.50
N LEU D 181 25.46 31.04 11.67
CA LEU D 181 24.36 30.41 10.97
C LEU D 181 24.15 29.01 11.54
N LEU D 182 22.90 28.62 11.67
CA LEU D 182 22.55 27.26 12.05
C LEU D 182 21.27 26.89 11.32
N GLY D 183 21.31 25.77 10.61
CA GLY D 183 20.20 25.45 9.74
C GLY D 183 19.99 26.59 8.77
N ASN D 184 18.73 27.03 8.66
CA ASN D 184 18.35 28.11 7.75
C ASN D 184 17.95 29.38 8.50
N TYR D 185 18.16 29.43 9.81
CA TYR D 185 17.77 30.61 10.58
C TYR D 185 18.60 31.82 10.16
N PRO D 186 18.12 33.03 10.45
CA PRO D 186 18.92 34.23 10.13
C PRO D 186 20.13 34.33 11.05
N ALA D 187 21.19 34.91 10.51
CA ALA D 187 22.46 34.92 11.20
C ALA D 187 22.39 35.73 12.49
N ILE D 188 23.07 35.25 13.51
CA ILE D 188 23.32 36.03 14.72
C ILE D 188 24.55 36.88 14.47
N ASP D 189 24.37 38.21 14.49
CA ASP D 189 25.49 39.13 14.27
C ASP D 189 26.24 39.37 15.58
N LEU D 190 27.57 39.33 15.49
CA LEU D 190 28.41 39.62 16.64
C LEU D 190 29.57 40.51 16.20
N PRO D 191 30.01 41.43 17.03
CA PRO D 191 31.20 42.22 16.70
C PRO D 191 32.44 41.34 16.72
N PRO D 192 33.52 41.75 16.03
CA PRO D 192 34.67 40.86 15.89
C PRO D 192 35.69 40.93 17.02
N GLY D 193 35.62 41.93 17.88
CA GLY D 193 36.56 41.98 18.98
C GLY D 193 37.81 42.77 18.62
N SER D 194 38.75 42.73 19.56
CA SER D 194 39.90 43.62 19.60
C SER D 194 41.18 42.97 19.07
N GLY D 195 41.14 41.69 18.72
CA GLY D 195 42.34 40.97 18.33
C GLY D 195 42.27 40.44 16.92
N GLY D 196 42.36 39.12 16.76
CA GLY D 196 42.19 38.46 15.48
C GLY D 196 43.45 37.76 14.98
N GLY D 197 44.61 38.24 15.40
CA GLY D 197 45.87 37.63 15.03
C GLY D 197 46.33 36.56 16.00
N CYS D 198 47.56 36.12 15.79
CA CYS D 198 48.14 35.11 16.67
C CYS D 198 48.19 35.62 18.11
N VAL D 199 48.15 34.68 19.04
CA VAL D 199 48.32 35.00 20.46
C VAL D 199 49.81 34.87 20.76
N THR D 200 50.48 36.01 20.91
CA THR D 200 51.93 36.04 21.00
C THR D 200 52.44 36.45 22.38
N SER D 201 51.55 36.53 23.37
CA SER D 201 51.94 36.83 24.74
C SER D 201 51.48 35.70 25.67
N GLY D 202 52.10 35.63 26.84
CA GLY D 202 51.70 34.68 27.85
C GLY D 202 52.31 33.31 27.62
N PRO D 203 51.96 32.36 28.49
CA PRO D 203 52.67 31.07 28.52
C PRO D 203 52.42 30.16 27.33
N PHE D 204 51.47 30.48 26.43
CA PHE D 204 51.19 29.63 25.28
C PHE D 204 51.62 30.27 23.96
N LYS D 205 52.50 31.27 24.02
CA LYS D 205 52.93 31.95 22.80
C LYS D 205 53.61 31.01 21.82
N ASP D 206 54.22 29.92 22.30
CA ASP D 206 54.88 28.95 21.44
C ASP D 206 53.99 27.74 21.12
N TYR D 207 52.75 27.75 21.58
CA TYR D 207 51.84 26.63 21.36
C TYR D 207 51.44 26.56 19.89
N LYS D 208 51.45 25.35 19.34
CA LYS D 208 51.06 25.12 17.95
C LYS D 208 49.73 24.37 17.92
N LEU D 209 48.73 25.01 17.35
CA LEU D 209 47.46 24.37 17.05
C LEU D 209 47.64 23.50 15.82
N ASN D 210 47.35 22.20 15.93
CA ASN D 210 47.72 21.25 14.89
C ASN D 210 46.55 20.68 14.09
N LEU D 211 45.31 20.81 14.57
CA LEU D 211 44.16 20.21 13.91
C LEU D 211 43.18 21.29 13.47
N GLY D 212 42.26 20.91 12.57
CA GLY D 212 41.32 21.84 12.01
C GLY D 212 41.94 22.76 10.97
N PRO D 213 41.22 23.81 10.54
CA PRO D 213 39.85 24.12 10.97
C PRO D 213 38.83 23.15 10.41
N ALA D 214 37.79 22.84 11.19
CA ALA D 214 36.69 22.02 10.71
C ALA D 214 35.53 22.87 10.20
N ALA D 215 35.20 23.94 10.91
CA ALA D 215 34.12 24.83 10.54
C ALA D 215 34.33 26.18 11.23
N LEU D 216 35.33 26.93 10.76
CA LEU D 216 35.80 28.13 11.43
C LEU D 216 35.04 29.35 10.92
N SER D 217 34.20 29.94 11.75
CA SER D 217 33.52 31.17 11.38
C SER D 217 34.53 32.33 11.37
N LEU D 218 34.38 33.21 10.39
CA LEU D 218 35.36 34.26 10.18
C LEU D 218 34.71 35.63 10.20
N PRO D 219 35.46 36.67 10.57
CA PRO D 219 34.97 38.04 10.35
C PRO D 219 34.51 38.23 8.90
N GLY D 220 33.33 38.79 8.73
CA GLY D 220 32.76 39.05 7.43
C GLY D 220 31.71 38.06 6.99
N GLY D 221 31.68 36.87 7.60
CA GLY D 221 30.63 35.89 7.34
C GLY D 221 31.12 34.57 6.77
N ASN D 222 32.34 34.51 6.24
CA ASN D 222 32.80 33.27 5.65
C ASN D 222 33.15 32.24 6.72
N MET D 223 33.30 31.00 6.27
CA MET D 223 33.65 29.89 7.14
C MET D 223 34.70 29.05 6.44
N THR D 224 35.80 28.78 7.14
CA THR D 224 36.86 27.93 6.61
C THR D 224 36.70 26.52 7.14
N ALA D 225 36.89 25.55 6.25
CA ALA D 225 36.71 24.15 6.62
C ALA D 225 37.73 23.32 5.86
N ALA D 226 38.55 22.56 6.58
CA ALA D 226 39.51 21.68 5.93
C ALA D 226 38.79 20.48 5.32
N ALA D 227 39.41 19.88 4.30
CA ALA D 227 38.88 18.66 3.71
C ALA D 227 38.75 17.56 4.76
N ASN D 228 39.82 17.34 5.52
CA ASN D 228 39.80 16.41 6.65
C ASN D 228 40.41 17.14 7.84
N PRO D 229 39.61 17.59 8.82
CA PRO D 229 40.17 18.41 9.91
C PRO D 229 41.05 17.64 10.88
N LEU D 230 41.20 16.32 10.71
CA LEU D 230 42.13 15.55 11.53
C LEU D 230 43.52 15.44 10.91
N THR D 231 43.78 16.13 9.80
CA THR D 231 45.13 16.13 9.23
C THR D 231 45.96 17.27 9.83
N TYR D 232 47.26 17.22 9.55
CA TYR D 232 48.21 18.14 10.16
C TYR D 232 48.12 19.52 9.53
N ASN D 233 47.93 20.54 10.36
CA ASN D 233 47.81 21.93 9.90
C ASN D 233 48.37 22.84 10.99
N PRO D 234 49.68 22.79 11.22
CA PRO D 234 50.27 23.58 12.31
C PRO D 234 50.13 25.07 12.06
N ARG D 235 49.72 25.79 13.10
CA ARG D 235 49.48 27.22 12.98
C ARG D 235 49.36 27.78 14.39
N CYS D 236 49.26 29.10 14.47
CA CYS D 236 49.16 29.77 15.75
C CYS D 236 47.72 29.79 16.24
N MET D 237 47.56 29.71 17.56
CA MET D 237 46.27 29.98 18.16
C MET D 237 45.97 31.46 18.02
N LYS D 238 44.78 31.79 17.54
CA LYS D 238 44.35 33.17 17.42
C LYS D 238 43.20 33.42 18.38
N ARG D 239 43.06 34.68 18.78
CA ARG D 239 41.96 35.09 19.64
C ARG D 239 41.57 36.51 19.31
N SER D 240 40.32 36.85 19.62
CA SER D 240 39.87 38.25 19.53
C SER D 240 38.83 38.42 20.64
N LEU D 241 39.31 38.73 21.85
CA LEU D 241 38.46 38.85 23.02
C LEU D 241 37.37 39.87 22.74
N THR D 242 36.12 39.46 22.95
CA THR D 242 34.97 40.29 22.61
C THR D 242 34.11 40.42 23.87
N THR D 243 34.44 41.42 24.69
CA THR D 243 33.66 41.71 25.89
C THR D 243 32.17 41.81 25.58
N GLU D 244 31.82 42.44 24.46
CA GLU D 244 30.42 42.68 24.12
C GLU D 244 29.62 41.38 24.15
N ILE D 245 30.25 40.27 23.77
CA ILE D 245 29.56 38.99 23.76
C ILE D 245 29.26 38.53 25.18
N LEU D 246 30.25 38.62 26.07
CA LEU D 246 30.01 38.30 27.47
C LEU D 246 28.92 39.20 28.05
N GLN D 247 28.90 40.48 27.66
CA GLN D 247 27.89 41.39 28.17
C GLN D 247 26.49 40.94 27.78
N ARG D 248 26.34 40.26 26.63
CA ARG D 248 25.03 39.86 26.17
C ARG D 248 24.58 38.54 26.80
N TYR D 249 25.50 37.60 27.00
CA TYR D 249 25.13 36.23 27.27
C TYR D 249 25.66 35.64 28.56
N ASN D 250 26.62 36.28 29.24
CA ASN D 250 27.33 35.61 30.33
C ASN D 250 27.40 36.45 31.60
N THR D 251 26.60 37.51 31.71
CA THR D 251 26.58 38.29 32.95
C THR D 251 25.93 37.48 34.07
N PHE D 252 26.22 37.87 35.31
CA PHE D 252 25.65 37.17 36.46
C PHE D 252 24.13 37.02 36.37
N PRO D 253 23.35 38.02 35.94
CA PRO D 253 21.92 37.79 35.71
C PRO D 253 21.64 36.62 34.79
N LYS D 254 22.33 36.57 33.64
CA LYS D 254 22.07 35.50 32.68
C LYS D 254 22.44 34.13 33.25
N ILE D 255 23.47 34.07 34.09
CA ILE D 255 23.85 32.80 34.70
C ILE D 255 22.77 32.33 35.65
N VAL D 256 22.28 33.23 36.50
CA VAL D 256 21.27 32.86 37.48
C VAL D 256 19.93 32.57 36.80
N GLU D 257 19.56 33.38 35.80
CA GLU D 257 18.42 33.07 34.95
C GLU D 257 18.42 31.60 34.54
N LEU D 258 19.54 31.15 33.96
CA LEU D 258 19.64 29.79 33.45
C LEU D 258 19.36 28.76 34.54
N ILE D 259 19.83 29.01 35.76
CA ILE D 259 19.64 28.02 36.82
C ILE D 259 18.22 28.06 37.37
N LEU D 260 17.65 29.25 37.53
CA LEU D 260 16.37 29.40 38.22
C LEU D 260 15.17 29.24 37.30
N ASP D 261 15.29 29.62 36.03
CA ASP D 261 14.16 29.59 35.12
C ASP D 261 14.04 28.28 34.34
N SER D 262 14.90 27.30 34.59
CA SER D 262 14.88 26.02 33.87
C SER D 262 14.32 24.95 34.82
N ASP D 263 13.12 24.45 34.49
CA ASP D 263 12.46 23.49 35.37
C ASP D 263 12.71 22.04 34.99
N ASP D 264 13.26 21.77 33.80
CA ASP D 264 13.64 20.42 33.43
C ASP D 264 14.94 20.48 32.64
N ILE D 265 15.55 19.30 32.45
CA ILE D 265 16.87 19.22 31.84
C ILE D 265 16.84 19.74 30.41
N TRP D 266 15.76 19.46 29.67
CA TRP D 266 15.66 19.94 28.29
C TRP D 266 15.84 21.46 28.24
N ASP D 267 15.05 22.18 29.03
CA ASP D 267 15.10 23.64 29.01
C ASP D 267 16.45 24.15 29.50
N PHE D 268 17.08 23.44 30.44
CA PHE D 268 18.37 23.87 30.96
C PHE D 268 19.46 23.74 29.89
N GLN D 269 19.63 22.53 29.35
CA GLN D 269 20.68 22.32 28.37
C GLN D 269 20.46 23.16 27.11
N MET D 270 19.19 23.39 26.74
CA MET D 270 18.92 24.19 25.55
C MET D 270 19.11 25.68 25.79
N THR D 271 18.68 26.19 26.95
CA THR D 271 18.97 27.57 27.30
C THR D 271 20.47 27.78 27.42
N MET D 272 21.18 26.79 27.99
CA MET D 272 22.63 26.87 28.12
C MET D 272 23.29 26.97 26.75
N GLN D 273 22.91 26.09 25.82
CA GLN D 273 23.58 26.04 24.52
C GLN D 273 23.05 27.09 23.55
N GLY D 274 21.87 27.65 23.83
CA GLY D 274 21.25 28.59 22.91
C GLY D 274 20.18 27.91 22.09
N VAL D 275 18.96 28.42 22.13
CA VAL D 275 17.86 27.81 21.38
C VAL D 275 17.99 28.24 19.93
N PRO D 276 18.25 27.33 18.98
CA PRO D 276 18.38 27.75 17.58
C PRO D 276 17.18 28.57 17.13
N GLY D 277 17.46 29.68 16.44
CA GLY D 277 16.44 30.59 15.98
C GLY D 277 16.04 31.66 16.98
N SER D 278 16.49 31.56 18.22
CA SER D 278 16.08 32.49 19.27
C SER D 278 16.91 33.76 19.31
N GLY D 279 18.05 33.81 18.61
CA GLY D 279 18.91 34.97 18.66
C GLY D 279 19.96 34.94 19.77
N SER D 280 19.90 33.98 20.67
CA SER D 280 20.84 33.87 21.78
C SER D 280 21.66 32.58 21.67
N ILE D 281 22.90 32.65 22.12
CA ILE D 281 23.81 31.51 22.08
C ILE D 281 24.08 30.97 23.49
N GLY D 282 23.41 31.50 24.50
CA GLY D 282 23.54 30.98 25.85
C GLY D 282 24.89 31.29 26.46
N VAL D 283 25.06 30.87 27.71
CA VAL D 283 26.34 31.01 28.38
C VAL D 283 27.39 30.13 27.71
N HIS D 284 26.98 28.98 27.17
CA HIS D 284 27.94 28.06 26.56
C HIS D 284 28.52 28.63 25.28
N GLY D 285 27.65 29.07 24.36
CA GLY D 285 28.13 29.70 23.15
C GLY D 285 28.75 31.06 23.42
N GLY D 286 28.25 31.76 24.43
CA GLY D 286 28.79 33.07 24.75
C GLY D 286 30.24 33.02 25.21
N GLY D 287 30.56 32.05 26.09
CA GLY D 287 31.93 31.90 26.53
C GLY D 287 32.86 31.48 25.40
N HIS D 288 32.39 30.57 24.54
CA HIS D 288 33.21 30.13 23.42
C HIS D 288 33.52 31.27 22.47
N TYR D 289 32.47 31.93 21.94
CA TYR D 289 32.69 32.95 20.93
C TYR D 289 33.30 34.22 21.51
N SER D 290 33.23 34.44 22.82
CA SER D 290 33.88 35.60 23.41
C SER D 290 35.40 35.52 23.24
N MET D 291 35.95 34.31 23.13
CA MET D 291 37.38 34.16 22.88
C MET D 291 37.77 34.68 21.49
N GLY D 292 36.89 34.49 20.52
CA GLY D 292 37.19 34.84 19.14
C GLY D 292 38.23 33.91 18.53
N GLY D 293 38.70 34.32 17.36
CA GLY D 293 39.86 33.70 16.74
C GLY D 293 39.64 32.25 16.33
N ASP D 294 40.70 31.46 16.51
CA ASP D 294 40.86 30.11 15.97
C ASP D 294 41.60 29.27 17.00
N PRO D 295 41.00 28.20 17.55
CA PRO D 295 39.73 27.54 17.23
C PRO D 295 38.52 28.08 17.98
N GLY D 296 38.65 29.27 18.59
CA GLY D 296 37.56 29.81 19.38
C GLY D 296 36.23 29.80 18.66
N ARG D 297 36.24 30.06 17.35
CA ARG D 297 35.02 30.16 16.56
C ARG D 297 34.73 28.90 15.75
N ASP D 298 35.14 27.74 16.25
CA ASP D 298 35.01 26.47 15.56
C ASP D 298 34.46 25.45 16.55
N VAL D 299 33.21 25.03 16.35
N VAL D 299 33.20 25.05 16.38
CA VAL D 299 32.53 24.17 17.33
CA VAL D 299 32.55 24.18 17.35
C VAL D 299 33.22 22.82 17.44
C VAL D 299 33.27 22.84 17.46
N TYR D 300 33.92 22.39 16.39
CA TYR D 300 34.60 21.10 16.42
C TYR D 300 35.93 21.16 17.15
N VAL D 301 36.70 22.22 16.92
CA VAL D 301 38.10 22.28 17.35
C VAL D 301 38.26 23.11 18.62
N SER D 302 37.17 23.51 19.25
CA SER D 302 37.26 24.46 20.35
C SER D 302 38.18 24.03 21.48
N PRO D 303 38.35 22.74 21.79
CA PRO D 303 39.33 22.39 22.85
C PRO D 303 40.74 22.83 22.53
N GLY D 304 41.04 23.18 21.27
CA GLY D 304 42.34 23.70 20.94
C GLY D 304 42.65 25.06 21.53
N ASP D 305 41.66 25.75 22.09
CA ASP D 305 41.90 26.96 22.85
C ASP D 305 42.03 26.58 24.32
N THR D 306 43.12 27.01 24.95
CA THR D 306 43.47 26.53 26.28
C THR D 306 42.41 26.90 27.32
N ALA D 307 41.69 27.99 27.09
CA ALA D 307 40.63 28.39 28.02
C ALA D 307 39.41 27.48 27.94
N PHE D 308 39.37 26.54 27.00
CA PHE D 308 38.24 25.62 26.88
C PHE D 308 37.96 24.93 28.21
N TRP D 309 39.01 24.45 28.87
CA TRP D 309 38.84 23.62 30.06
C TRP D 309 38.30 24.44 31.22
N LEU D 310 38.72 25.70 31.34
CA LEU D 310 38.13 26.56 32.36
C LEU D 310 36.69 26.90 32.02
N HIS D 311 36.41 27.12 30.73
CA HIS D 311 35.03 27.37 30.30
C HIS D 311 34.11 26.24 30.71
N HIS D 312 34.48 25.01 30.38
CA HIS D 312 33.59 23.89 30.66
C HIS D 312 33.61 23.48 32.13
N GLY D 313 34.65 23.86 32.88
CA GLY D 313 34.55 23.77 34.32
C GLY D 313 33.38 24.57 34.84
N MET D 314 33.18 25.78 34.29
CA MET D 314 32.06 26.61 34.71
C MET D 314 30.74 26.03 34.20
N ILE D 315 30.74 25.45 33.00
CA ILE D 315 29.56 24.77 32.49
C ILE D 315 29.15 23.64 33.44
N ASP D 316 30.11 22.77 33.76
CA ASP D 316 29.82 21.66 34.66
C ASP D 316 29.35 22.16 36.02
N ARG D 317 29.95 23.26 36.51
CA ARG D 317 29.55 23.82 37.79
C ARG D 317 28.09 24.25 37.77
N VAL D 318 27.68 24.97 36.72
CA VAL D 318 26.32 25.47 36.65
C VAL D 318 25.33 24.32 36.54
N TRP D 319 25.67 23.29 35.78
CA TRP D 319 24.86 22.08 35.75
C TRP D 319 24.76 21.46 37.15
N TRP D 320 25.91 21.35 37.82
CA TRP D 320 25.95 20.74 39.15
C TRP D 320 25.12 21.54 40.15
N ILE D 321 25.23 22.86 40.12
CA ILE D 321 24.32 23.69 40.92
C ILE D 321 22.88 23.31 40.61
N TRP D 322 22.48 23.46 39.34
CA TRP D 322 21.10 23.20 38.95
C TRP D 322 20.64 21.81 39.37
N GLN D 323 21.50 20.80 39.22
CA GLN D 323 21.16 19.45 39.64
C GLN D 323 20.82 19.40 41.13
N ASN D 324 21.72 19.91 41.96
CA ASN D 324 21.58 19.76 43.41
C ASN D 324 20.44 20.59 44.00
N LEU D 325 19.81 21.46 43.21
CA LEU D 325 18.69 22.23 43.73
C LEU D 325 17.42 21.40 43.86
N ASP D 326 17.34 20.26 43.17
CA ASP D 326 16.19 19.36 43.26
C ASP D 326 16.72 17.97 42.88
N LEU D 327 17.53 17.40 43.79
CA LEU D 327 18.34 16.24 43.45
C LEU D 327 17.49 15.08 42.96
N ARG D 328 16.42 14.75 43.69
CA ARG D 328 15.69 13.52 43.39
C ARG D 328 15.16 13.53 41.96
N LYS D 329 14.70 14.69 41.48
CA LYS D 329 14.17 14.77 40.13
C LYS D 329 15.27 15.02 39.08
N ARG D 330 16.36 15.69 39.46
CA ARG D 330 17.27 16.24 38.47
C ARG D 330 18.58 15.48 38.32
N GLN D 331 19.00 14.69 39.29
CA GLN D 331 20.35 14.13 39.21
C GLN D 331 20.52 13.31 37.94
N ASN D 332 19.56 12.43 37.65
CA ASN D 332 19.66 11.50 36.52
C ASN D 332 18.80 11.92 35.34
N ALA D 333 18.40 13.19 35.26
CA ALA D 333 17.50 13.63 34.21
C ALA D 333 18.24 13.74 32.88
N ILE D 334 17.66 13.13 31.84
CA ILE D 334 18.20 13.14 30.49
C ILE D 334 17.07 13.52 29.54
N SER D 335 17.44 14.21 28.46
CA SER D 335 16.49 14.54 27.40
C SER D 335 17.28 14.84 26.13
N GLY D 336 16.72 14.44 25.00
CA GLY D 336 17.39 14.59 23.72
C GLY D 336 17.83 13.26 23.17
N THR D 337 18.45 13.33 21.98
CA THR D 337 18.81 12.14 21.23
C THR D 337 20.32 12.07 21.04
N GLY D 338 20.75 11.13 20.21
CA GLY D 338 22.14 10.89 19.92
C GLY D 338 22.71 11.67 18.76
N THR D 339 21.93 12.58 18.16
CA THR D 339 22.37 13.35 17.02
C THR D 339 22.10 14.83 17.25
N PHE D 340 23.03 15.64 16.73
CA PHE D 340 23.00 17.10 16.78
C PHE D 340 21.64 17.64 16.36
N MET D 341 20.92 18.28 17.31
CA MET D 341 19.57 18.79 17.08
C MET D 341 18.66 17.71 16.51
N ASN D 342 18.93 16.45 16.84
CA ASN D 342 18.18 15.32 16.31
C ASN D 342 18.08 15.38 14.79
N ASN D 343 19.17 15.77 14.16
CA ASN D 343 19.32 15.79 12.70
C ASN D 343 20.45 14.87 12.30
N PRO D 344 20.19 13.72 11.65
CA PRO D 344 18.92 13.05 11.40
C PRO D 344 18.34 12.51 12.69
N ALA D 345 17.09 12.09 12.67
CA ALA D 345 16.47 11.58 13.87
C ALA D 345 17.20 10.33 14.35
N SER D 346 17.37 10.23 15.65
CA SER D 346 18.00 9.08 16.30
C SER D 346 17.27 8.78 17.60
N PRO D 347 17.51 7.62 18.21
CA PRO D 347 16.79 7.28 19.45
C PRO D 347 17.15 8.22 20.60
N ASN D 348 16.21 8.30 21.55
CA ASN D 348 16.44 9.10 22.76
C ASN D 348 17.63 8.56 23.53
N THR D 349 18.41 9.46 24.10
CA THR D 349 19.46 9.07 25.04
C THR D 349 18.83 8.51 26.30
N THR D 350 19.46 7.48 26.87
CA THR D 350 19.04 6.89 28.14
C THR D 350 20.25 6.73 29.06
N LEU D 351 19.98 6.28 30.28
CA LEU D 351 21.05 6.01 31.24
C LEU D 351 21.96 4.88 30.79
N ASP D 352 21.46 4.00 29.91
CA ASP D 352 22.27 2.92 29.36
C ASP D 352 23.13 3.36 28.19
N THR D 353 22.92 4.58 27.67
CA THR D 353 23.71 5.06 26.55
C THR D 353 25.19 5.12 26.92
N VAL D 354 26.03 4.57 26.06
CA VAL D 354 27.48 4.52 26.31
C VAL D 354 28.15 5.62 25.49
N ILE D 355 29.10 6.31 26.12
CA ILE D 355 29.90 7.34 25.48
C ILE D 355 31.37 6.99 25.70
N ASP D 356 32.24 7.65 24.92
CA ASP D 356 33.66 7.39 25.04
C ASP D 356 34.45 8.60 24.59
N LEU D 357 35.74 8.60 24.90
CA LEU D 357 36.65 9.68 24.54
C LEU D 357 37.72 9.20 23.57
N GLY D 358 37.46 8.12 22.83
CA GLY D 358 38.44 7.60 21.92
C GLY D 358 39.74 7.31 22.64
N TYR D 359 40.86 7.71 22.02
CA TYR D 359 42.18 7.49 22.57
C TYR D 359 42.64 8.64 23.46
N ALA D 360 41.76 9.59 23.79
CA ALA D 360 42.19 10.71 24.62
C ALA D 360 42.52 10.25 26.03
N ASN D 361 41.59 9.55 26.68
CA ASN D 361 41.79 9.00 28.00
C ASN D 361 40.57 8.20 28.37
N GLY D 362 40.70 7.37 29.41
CA GLY D 362 39.58 6.61 29.92
C GLY D 362 39.05 5.60 28.90
N GLY D 363 37.86 5.09 29.21
CA GLY D 363 37.22 4.10 28.39
C GLY D 363 35.73 4.32 28.29
N PRO D 364 35.04 3.44 27.56
CA PRO D 364 33.59 3.62 27.41
C PRO D 364 32.89 3.53 28.75
N ILE D 365 31.83 4.32 28.89
CA ILE D 365 31.13 4.42 30.17
C ILE D 365 29.69 4.83 29.91
N ALA D 366 28.78 4.28 30.70
CA ALA D 366 27.36 4.53 30.54
C ALA D 366 26.96 5.85 31.17
N MET D 367 25.97 6.51 30.55
CA MET D 367 25.44 7.75 31.08
C MET D 367 25.13 7.63 32.56
N ARG D 368 24.62 6.48 32.96
CA ARG D 368 24.28 6.19 34.35
C ARG D 368 25.40 6.61 35.32
N ASP D 369 26.64 6.32 34.95
CA ASP D 369 27.78 6.52 35.82
C ASP D 369 28.37 7.93 35.76
N LEU D 370 27.68 8.88 35.12
CA LEU D 370 28.22 10.22 34.92
C LEU D 370 27.34 11.31 35.51
N MET D 371 26.17 10.97 36.04
CA MET D 371 25.21 12.00 36.39
C MET D 371 25.51 12.69 37.71
N SER D 372 26.41 12.14 38.53
CA SER D 372 26.74 12.74 39.83
C SER D 372 28.25 12.96 39.94
N THR D 373 28.64 14.15 40.41
CA THR D 373 30.05 14.45 40.64
C THR D 373 30.64 13.66 41.81
N THR D 374 29.81 12.95 42.57
CA THR D 374 30.28 12.14 43.69
C THR D 374 29.98 10.66 43.47
N ALA D 375 29.93 10.23 42.22
CA ALA D 375 29.59 8.84 41.89
C ALA D 375 30.39 8.42 40.67
N GLY D 376 30.35 7.13 40.38
CA GLY D 376 31.14 6.57 39.31
C GLY D 376 32.60 6.91 39.49
N PRO D 377 33.26 7.40 38.44
CA PRO D 377 34.66 7.81 38.58
C PRO D 377 34.85 9.19 39.18
N PHE D 378 33.78 9.86 39.57
CA PHE D 378 33.82 11.26 39.99
C PHE D 378 33.80 11.37 41.50
N CYS D 379 34.61 12.28 42.04
CA CYS D 379 34.61 12.57 43.47
C CYS D 379 35.12 14.00 43.67
N TYR D 380 34.27 14.97 43.33
CA TYR D 380 34.67 16.37 43.43
C TYR D 380 33.43 17.24 43.70
N VAL D 381 33.70 18.49 44.05
CA VAL D 381 32.68 19.49 44.33
C VAL D 381 33.22 20.83 43.82
N TYR D 382 32.34 21.82 43.77
CA TYR D 382 32.71 23.18 43.36
C TYR D 382 32.62 24.15 44.53
N LEU D 383 33.64 25.00 44.65
CA LEU D 383 33.60 26.14 45.57
C LEU D 383 33.84 27.43 44.80
C1 NAG E . 33.01 6.13 5.68
C2 NAG E . 33.93 5.21 4.90
C3 NAG E . 35.37 5.37 5.38
C4 NAG E . 35.77 6.85 5.34
C5 NAG E . 34.73 7.69 6.07
C6 NAG E . 34.99 9.17 5.94
C7 NAG E . 32.99 3.12 4.02
C8 NAG E . 32.57 1.72 4.34
N2 NAG E . 33.50 3.82 5.03
O3 NAG E . 36.24 4.62 4.56
O4 NAG E . 37.05 7.03 5.95
O5 NAG E . 33.43 7.45 5.53
O6 NAG E . 34.93 9.58 4.59
O7 NAG E . 32.87 3.59 2.89
H1 NAG E . 33.04 5.88 6.63
H2 NAG E . 33.90 5.46 3.96
H3 NAG E . 35.44 5.06 6.30
H4 NAG E . 35.81 7.13 4.41
H5 NAG E . 34.74 7.45 7.02
H61 NAG E . 34.31 9.66 6.46
H62 NAG E . 35.87 9.39 6.30
H81 NAG E . 33.33 1.21 4.66
H82 NAG E . 31.88 1.74 5.03
H83 NAG E . 32.21 1.29 3.54
HN2 NAG E . 33.56 3.42 5.85
HO3 NAG E . 36.68 4.03 5.06
HO4 NAG E . 37.05 6.66 6.75
HO6 NAG E . 35.34 10.36 4.49
C1 NAG E . 38.27 6.97 5.18
C2 NAG E . 39.27 7.89 5.86
C3 NAG E . 40.63 7.76 5.20
C4 NAG E . 41.08 6.31 5.21
C5 NAG E . 40.01 5.42 4.57
C6 NAG E . 40.31 3.95 4.69
C7 NAG E . 38.45 9.95 6.93
C8 NAG E . 38.01 11.37 6.72
N2 NAG E . 38.81 9.28 5.84
O3 NAG E . 41.58 8.57 5.89
O4 NAG E . 42.31 6.16 4.49
O5 NAG E . 38.75 5.63 5.23
O6 NAG E . 40.36 3.54 6.05
O7 NAG E . 38.48 9.44 8.06
H1 NAG E . 38.16 7.24 4.26
H2 NAG E . 39.36 7.62 6.80
H3 NAG E . 40.56 8.07 4.27
H4 NAG E . 41.22 6.02 6.13
H5 NAG E . 39.92 5.66 3.63
H61 NAG E . 39.63 3.43 4.22
H62 NAG E . 41.18 3.77 4.27
H81 NAG E . 38.74 11.88 6.31
H82 NAG E . 37.23 11.38 6.12
H83 NAG E . 37.76 11.77 7.57
HN2 NAG E . 38.78 9.70 5.04
HO3 NAG E . 41.90 9.19 5.35
HO4 NAG E . 42.14 6.16 3.63
HO6 NAG E . 40.76 2.75 6.11
C1 BMA E . 43.66 5.78 4.02
C2 BMA E . 44.20 6.86 4.96
C3 BMA E . 45.72 6.86 4.99
C4 BMA E . 46.21 5.45 5.30
C5 BMA E . 45.68 4.50 4.25
C6 BMA E . 46.20 3.08 4.46
O2 BMA E . 43.71 6.62 6.28
O3 BMA E . 46.18 7.80 5.96
O4 BMA E . 47.64 5.42 5.35
O5 BMA E . 44.25 4.50 4.30
O6 BMA E . 45.82 2.25 3.35
H1 BMA E . 43.91 6.08 2.99
H2 BMA E . 43.85 7.84 4.61
H3 BMA E . 46.09 7.15 3.99
H4 BMA E . 45.81 5.16 6.28
H5 BMA E . 46.00 4.86 3.26
H61 BMA E . 47.29 3.10 4.54
H62 BMA E . 45.79 2.67 5.38
HO2 BMA E . 44.02 7.31 6.87
HO3 BMA E . 45.88 8.68 5.73
HO4 BMA E . 47.96 6.02 6.03
HO6 BMA E . 46.16 1.36 3.49
C1 NAG F . -14.73 -5.28 -11.65
C2 NAG F . -13.60 -4.26 -11.67
C3 NAG F . -12.79 -4.42 -12.96
C4 NAG F . -12.29 -5.86 -13.06
C5 NAG F . -13.45 -6.86 -12.93
C6 NAG F . -12.99 -8.29 -12.85
C7 NAG F . -13.98 -2.20 -10.41
C8 NAG F . -14.57 -0.82 -10.44
N2 NAG F . -14.10 -2.91 -11.54
O3 NAG F . -11.69 -3.53 -12.92
O4 NAG F . -11.65 -6.06 -14.32
O5 NAG F . -14.19 -6.59 -11.72
O6 NAG F . -12.03 -8.45 -11.83
O7 NAG F . -13.42 -2.65 -9.42
H1 NAG F . -15.30 -5.14 -12.42
H2 NAG F . -13.00 -4.45 -10.92
H3 NAG F . -13.36 -4.23 -13.72
H4 NAG F . -11.65 -6.03 -12.36
H5 NAG F . -14.06 -6.75 -13.69
H61 NAG F . -13.76 -8.86 -12.66
H62 NAG F . -12.60 -8.55 -13.71
H81 NAG F . -14.42 -0.38 -9.58
H82 NAG F . -14.13 -0.29 -11.15
H83 NAG F . -15.53 -0.87 -10.63
HN2 NAG F . -14.53 -2.53 -12.26
HO3 NAG F . -11.93 -2.77 -13.31
HO4 NAG F . -12.07 -5.59 -14.95
HO6 NAG F . -11.76 -9.30 -11.80
C1 NAG F . -10.22 -5.92 -14.30
C2 NAG F . -9.73 -6.74 -15.50
C3 NAG F . -8.23 -6.49 -15.69
C4 NAG F . -7.96 -5.01 -15.85
C5 NAG F . -8.56 -4.23 -14.66
C6 NAG F . -8.46 -2.73 -14.85
C7 NAG F . -10.96 -8.78 -16.03
C8 NAG F . -11.12 -10.24 -15.73
N2 NAG F . -10.01 -8.15 -15.33
O3 NAG F . -7.81 -7.19 -16.86
O4 NAG F . -6.56 -4.76 -15.90
O5 NAG F . -9.96 -4.54 -14.53
O6 NAG F . -9.12 -2.31 -16.04
O7 NAG F . -11.66 -8.21 -16.87
H1 NAG F . -9.75 -6.22 -13.50
H2 NAG F . -10.19 -6.41 -16.30
H3 NAG F . -7.75 -6.84 -14.91
H4 NAG F . -8.37 -4.70 -16.67
H5 NAG F . -8.10 -4.48 -13.85
H61 NAG F . -7.52 -2.48 -14.90
H62 NAG F . -8.87 -2.29 -14.08
H81 NAG F . -11.35 -10.36 -14.79
H82 NAG F . -11.84 -10.61 -16.29
H83 NAG F . -10.29 -10.71 -15.92
HN2 NAG F . -9.53 -8.62 -14.73
HO3 NAG F . -6.94 -7.38 -16.79
HO4 NAG F . -6.18 -5.00 -15.13
HO6 NAG F . -9.05 -1.44 -16.12
C1 BMA F . -6.16 -4.15 -17.15
C2 BMA F . -5.01 -3.20 -16.84
C3 BMA F . -4.51 -2.61 -18.16
C4 BMA F . -4.15 -3.72 -19.14
C5 BMA F . -5.30 -4.71 -19.28
C6 BMA F . -4.93 -5.86 -20.22
O2 BMA F . -3.98 -3.91 -16.14
O3 BMA F . -3.35 -1.78 -17.93
O4 BMA F . -3.85 -3.15 -20.42
O5 BMA F . -5.67 -5.19 -17.99
O6 BMA F . -3.87 -6.68 -19.70
H1 BMA F . -6.94 -3.58 -17.68
H2 BMA F . -5.38 -2.38 -16.22
H3 BMA F . -5.31 -2.01 -18.60
H4 BMA F . -3.27 -4.26 -18.76
H5 BMA F . -6.15 -4.18 -19.72
H61 BMA F . -4.63 -5.46 -21.19
H62 BMA F . -5.81 -6.49 -20.37
HO2 BMA F . -3.26 -3.31 -15.94
HO3 BMA F . -3.60 -1.05 -17.35
HO4 BMA F . -3.11 -2.54 -20.34
HO6 BMA F . -4.13 -7.06 -18.84
C1 MAN F . -3.00 -7.86 -20.00
C2 MAN F . -3.02 -9.10 -19.05
C3 MAN F . -1.86 -9.03 -18.04
C4 MAN F . -0.54 -8.70 -18.72
C5 MAN F . -0.69 -7.40 -19.49
C6 MAN F . 0.59 -6.96 -20.16
O2 MAN F . -2.84 -10.32 -19.78
O3 MAN F . -1.72 -10.23 -17.27
O4 MAN F . 0.49 -8.56 -17.76
O5 MAN F . -1.71 -7.57 -20.51
O6 MAN F . 1.18 -5.94 -19.35
H1 MAN F . -3.61 -8.07 -20.90
H2 MAN F . -3.99 -9.12 -18.52
H3 MAN F . -2.08 -8.24 -17.31
H4 MAN F . -0.30 -9.51 -19.43
H5 MAN F . -1.00 -6.61 -18.80
H61 MAN F . 0.36 -6.59 -21.17
H62 MAN F . 1.24 -7.84 -20.25
HO2 MAN F . -2.81 -10.12 -20.73
HO3 MAN F . -2.63 -10.60 -17.21
HO4 MAN F . 0.18 -9.05 -16.98
HO6 MAN F . 1.69 -5.37 -19.92
C1 NAG G . -17.08 -8.06 -21.57
C2 NAG G . -16.49 -7.23 -22.70
C3 NAG G . -16.24 -5.79 -22.23
C4 NAG G . -17.50 -5.22 -21.60
C5 NAG G . -18.04 -6.17 -20.54
C6 NAG G . -19.35 -5.72 -19.94
C7 NAG G . -15.15 -8.40 -24.39
C8 NAG G . -13.81 -8.99 -24.74
N2 NAG G . -15.26 -7.83 -23.19
O3 NAG G . -15.85 -5.00 -23.35
O4 NAG G . -17.23 -3.95 -21.01
O5 NAG G . -18.27 -7.46 -21.11
O6 NAG G . -20.21 -5.14 -20.91
O7 NAG G . -16.10 -8.44 -25.17
H1 NAG G . -16.45 -8.11 -20.84
H2 NAG G . -17.13 -7.20 -23.44
H3 NAG G . -15.52 -5.79 -21.58
H4 NAG G . -18.17 -5.10 -22.30
H5 NAG G . -17.38 -6.25 -19.82
H61 NAG G . -19.17 -5.06 -19.24
H62 NAG G . -19.80 -6.48 -19.54
H81 NAG G . -13.14 -8.29 -24.71
H82 NAG G . -13.59 -9.69 -24.08
H83 NAG G . -13.85 -9.38 -25.63
HN2 NAG G . -14.52 -7.83 -22.64
HO3 NAG G . -15.01 -4.71 -23.23
HO4 NAG G . -16.88 -4.07 -20.20
HO6 NAG G . -21.05 -5.17 -20.63
C1 NAG G . -17.23 -2.61 -21.59
C2 NAG G . -17.59 -1.53 -20.58
C3 NAG G . -17.56 -0.15 -21.24
C4 NAG G . -16.21 0.08 -21.92
C5 NAG G . -15.89 -1.07 -22.86
C6 NAG G . -14.50 -0.97 -23.46
C7 NAG G . -19.05 -2.20 -18.72
C8 NAG G . -20.47 -2.41 -18.28
N2 NAG G . -18.89 -1.78 -19.98
O3 NAG G . -17.79 0.84 -20.25
O4 NAG G . -16.22 1.31 -22.63
O5 NAG G . -15.95 -2.33 -22.17
O6 NAG G . -13.52 -1.44 -22.55
O7 NAG G . -18.09 -2.40 -17.97
H1 NAG G . -17.90 -2.62 -22.30
H2 NAG G . -16.91 -1.54 -19.87
H3 NAG G . -18.27 -0.11 -21.91
H4 NAG G . -15.52 0.12 -21.22
H5 NAG G . -16.55 -1.08 -23.59
H61 NAG G . -14.32 -0.03 -23.68
H62 NAG G . -14.48 -1.51 -24.28
H81 NAG G . -20.89 -3.08 -18.84
H82 NAG G . -20.96 -1.57 -18.35
H83 NAG G . -20.47 -2.71 -17.35
HN2 NAG G . -19.63 -1.65 -20.49
HO3 NAG G . -18.38 1.43 -20.55
HO4 NAG G . -16.76 1.23 -23.33
HO6 NAG G . -12.81 -0.90 -22.58
C1 BMA G . -15.93 2.67 -23.16
C2 BMA G . -15.69 3.10 -21.71
C3 BMA G . -15.31 4.58 -21.66
C4 BMA G . -14.10 4.80 -22.56
C5 BMA G . -14.44 4.37 -23.97
C6 BMA G . -13.26 4.61 -24.90
O2 BMA G . -14.63 2.33 -21.15
O3 BMA G . -15.03 4.96 -20.30
O4 BMA G . -13.70 6.17 -22.53
O5 BMA G . -14.80 2.98 -23.96
O6 BMA G . -13.62 4.32 -26.26
H1 BMA G . -16.81 3.20 -23.53
H2 BMA G . -16.61 2.95 -21.14
H3 BMA G . -16.15 5.17 -22.04
H4 BMA G . -13.28 4.17 -22.19
H5 BMA G . -15.29 4.96 -24.33
H61 BMA G . -12.93 5.65 -24.82
H62 BMA G . -12.42 3.96 -24.61
HO2 BMA G . -14.49 2.60 -20.23
HO3 BMA G . -15.81 4.81 -19.76
HO4 BMA G . -13.48 6.43 -21.63
HO6 BMA G . -12.86 4.48 -26.83
C1 NAG H . 36.23 8.53 15.39
C2 NAG H . 37.47 7.72 15.74
C3 NAG H . 37.43 6.39 15.01
C4 NAG H . 36.15 5.65 15.38
C5 NAG H . 34.92 6.52 15.10
C6 NAG H . 33.64 5.92 15.60
C7 NAG H . 39.43 9.06 16.36
C8 NAG H . 40.66 9.76 15.86
N2 NAG H . 38.69 8.44 15.42
O3 NAG H . 38.57 5.62 15.35
O4 NAG H . 36.04 4.44 14.63
O5 NAG H . 35.06 7.80 15.75
O6 NAG H . 33.60 5.86 17.02
O7 NAG H . 39.11 9.06 17.54
H1 NAG H . 36.23 8.70 14.43
H2 NAG H . 37.46 7.54 16.70
H3 NAG H . 37.43 6.55 14.05
H4 NAG H . 36.17 5.43 16.33
H5 NAG H . 34.85 6.67 14.13
H61 NAG H . 32.88 6.47 15.29
H62 NAG H . 33.54 5.02 15.24
H81 NAG H . 40.41 10.45 15.22
H82 NAG H . 41.26 9.12 15.45
H83 NAG H . 41.12 10.18 16.62
HN2 NAG H . 38.97 8.47 14.56
HO3 NAG H . 39.17 5.66 14.69
HO4 NAG H . 36.13 4.62 13.77
HO6 NAG H . 32.76 5.86 17.30
C1 NAG H . 36.40 3.18 15.24
C2 NAG H . 35.56 2.11 14.56
C3 NAG H . 36.08 0.73 14.91
C4 NAG H . 37.57 0.62 14.59
C5 NAG H . 38.33 1.76 15.26
C6 NAG H . 39.79 1.80 14.88
C7 NAG H . 33.20 2.65 14.09
C8 NAG H . 31.82 2.72 14.65
N2 NAG H . 34.16 2.24 14.93
O3 NAG H . 35.36 -0.26 14.18
O4 NAG H . 38.09 -0.62 15.05
O5 NAG H . 37.77 3.02 14.87
O6 NAG H . 39.96 2.15 13.51
O7 NAG H . 33.45 2.95 12.92
H1 NAG H . 36.31 3.10 16.21
H2 NAG H . 35.63 2.23 13.59
H3 NAG H . 35.95 0.57 15.86
H4 NAG H . 37.69 0.68 13.62
H5 NAG H . 38.26 1.67 16.23
H61 NAG H . 40.26 2.46 15.43
H62 NAG H . 40.19 0.93 15.03
H81 NAG H . 31.54 1.85 14.96
H82 NAG H . 31.20 3.04 13.96
H83 NAG H . 31.81 3.35 15.40
HN2 NAG H . 33.92 2.03 15.79
HO3 NAG H . 35.17 -0.94 14.70
HO4 NAG H . 38.23 -1.16 14.36
HO6 NAG H . 40.81 2.13 13.29
CU CU I . 19.96 8.73 -0.01
CU CU J . 15.84 8.70 -1.28
C1 MAN K . -6.48 9.97 -11.13
C2 MAN K . -7.29 9.24 -12.19
C3 MAN K . -8.76 9.39 -11.90
C4 MAN K . -9.10 8.97 -10.44
C5 MAN K . -8.11 9.58 -9.43
C6 MAN K . -8.18 8.91 -8.07
O2 MAN K . -7.05 7.82 -12.15
O3 MAN K . -9.54 8.64 -12.83
O4 MAN K . -10.41 9.41 -10.12
O5 MAN K . -6.74 9.43 -9.87
O6 MAN K . -6.96 9.18 -7.36
H1 MAN K . -5.41 9.78 -11.28
H2 MAN K . -7.06 9.65 -13.18
H3 MAN K . -9.05 10.44 -12.03
H4 MAN K . -9.02 7.88 -10.38
H5 MAN K . -8.34 10.65 -9.29
H61 MAN K . -8.32 7.84 -8.23
H62 MAN K . -9.06 9.31 -7.55
HO2 MAN K . -6.43 7.59 -12.84
HO3 MAN K . -9.67 9.22 -13.59
HO4 MAN K . -10.92 8.60 -9.95
HO6 MAN K . -7.15 9.07 -6.41
C1 NAG L . 8.26 17.83 -28.97
C2 NAG L . 7.00 18.70 -28.92
C3 NAG L . 5.95 18.18 -29.91
C4 NAG L . 6.55 17.99 -31.29
C5 NAG L . 7.83 17.15 -31.21
C6 NAG L . 8.54 17.01 -32.54
C7 NAG L . 6.54 19.80 -26.77
C8 NAG L . 5.90 19.65 -25.42
N2 NAG L . 6.45 18.73 -27.58
O3 NAG L . 4.88 19.11 -29.97
O4 NAG L . 5.62 17.35 -32.15
O5 NAG L . 8.75 17.77 -30.31
O6 NAG L . 9.10 18.24 -32.96
O7 NAG L . 7.10 20.83 -27.12
H1 NAG L . 8.05 16.93 -28.67
H2 NAG L . 7.24 19.61 -29.19
H3 NAG L . 5.62 17.32 -29.59
H4 NAG L . 6.78 18.87 -31.66
H5 NAG L . 7.60 16.27 -30.88
H61 NAG L . 9.25 16.35 -32.45
H62 NAG L . 7.90 16.70 -33.21
H81 NAG L . 6.33 18.91 -24.94
H82 NAG L . 4.94 19.46 -25.53
H83 NAG L . 6.02 20.48 -24.92
HN2 NAG L . 6.01 17.99 -27.27
HO3 NAG L . 4.31 18.95 -29.29
HO4 NAG L . 5.08 17.95 -32.50
HO6 NAG L . 9.11 18.27 -33.85
C1 NAG M . 8.77 1.66 22.78
C2 NAG M . 8.14 0.32 23.16
C3 NAG M . 7.90 0.27 24.67
C4 NAG M . 9.20 0.54 25.40
C5 NAG M . 9.82 1.84 24.93
C6 NAG M . 11.18 2.11 25.53
C7 NAG M . 6.77 -0.72 21.40
C8 NAG M . 5.41 -0.81 20.77
N2 NAG M . 6.88 0.11 22.44
O3 NAG M . 7.39 -1.01 25.03
O4 NAG M . 8.96 0.60 26.80
O5 NAG M . 9.99 1.82 23.51
O6 NAG M . 12.05 1.01 25.33
O7 NAG M . 7.73 -1.37 20.98
H1 NAG M . 8.16 2.38 22.99
H2 NAG M . 8.75 -0.40 22.92
H3 NAG M . 7.25 0.96 24.91
H4 NAG M . 9.83 -0.20 25.22
H5 NAG M . 9.22 2.58 25.17
H61 NAG M . 11.57 2.91 25.12
H62 NAG M . 11.08 2.27 26.49
H81 NAG M . 5.14 0.06 20.44
H82 NAG M . 5.44 -1.45 20.02
H83 NAG M . 4.77 -1.13 21.43
HN2 NAG M . 6.14 0.57 22.71
HO3 NAG M . 7.07 -0.97 25.86
HO4 NAG M . 8.82 -0.23 27.12
HO6 NAG M . 12.90 1.29 25.38
C1 NAG N . 26.28 30.48 1.83
C2 NAG N . 27.22 31.41 2.61
C3 NAG N . 26.50 32.69 3.04
C4 NAG N . 25.79 33.33 1.86
C5 NAG N . 24.87 32.30 1.21
C6 NAG N . 24.09 32.82 0.03
C7 NAG N . 29.04 30.77 4.13
C8 NAG N . 29.42 29.99 5.35
N2 NAG N . 27.76 30.72 3.77
O3 NAG N . 27.43 33.60 3.60
O4 NAG N . 25.03 34.45 2.28
O5 NAG N . 25.65 31.20 0.75
O6 NAG N . 23.03 31.94 -0.30
O7 NAG N . 29.88 31.41 3.48
H1 NAG N . 25.58 30.15 2.43
H2 NAG N . 27.96 31.66 2.03
H3 NAG N . 25.83 32.47 3.72
H4 NAG N . 26.45 33.63 1.20
H5 NAG N . 24.24 31.98 1.89
H61 NAG N . 23.72 33.71 0.25
H62 NAG N . 24.69 32.91 -0.74
H81 NAG N . 28.91 30.32 6.12
H82 NAG N . 30.37 30.09 5.52
H83 NAG N . 29.21 29.05 5.21
HN2 NAG N . 27.19 30.23 4.28
HO3 NAG N . 27.29 33.67 4.48
HO4 NAG N . 25.46 35.20 2.08
HO6 NAG N . 22.82 32.04 -1.15
C1 MAN O . 0.48 27.93 -26.93
C2 MAN O . 0.72 27.70 -28.43
C3 MAN O . 1.79 28.66 -28.98
C4 MAN O . 1.74 30.09 -28.36
C5 MAN O . 1.43 30.08 -26.85
C6 MAN O . 1.10 31.46 -26.32
O2 MAN O . -0.46 27.96 -29.20
O3 MAN O . 1.68 28.75 -30.39
O4 MAN O . 3.00 30.74 -28.55
O5 MAN O . 0.28 29.26 -26.62
O6 MAN O . 2.31 32.22 -26.28
H2 MAN O . 1.05 26.66 -28.57
H3 MAN O . 2.78 28.23 -28.77
H4 MAN O . 0.94 30.65 -28.87
H5 MAN O . 2.29 29.69 -26.31
H61 MAN O . 0.67 31.36 -25.31
H62 MAN O . 0.35 31.92 -26.98
HO2 MAN O . -0.21 28.28 -30.08
HO3 MAN O . 2.40 28.20 -30.74
HO4 MAN O . 3.10 30.83 -29.51
HO6 MAN O . 2.30 32.83 -27.03
C1 EDO P . -2.71 -3.08 10.93
O1 EDO P . -2.90 -2.04 11.90
C2 EDO P . -1.97 -2.54 9.73
O2 EDO P . -2.61 -1.37 9.22
H11 EDO P . -3.68 -3.47 10.63
H12 EDO P . -2.14 -3.90 11.39
HO1 EDO P . -3.38 -2.39 12.66
H21 EDO P . -1.94 -3.30 8.95
H22 EDO P . -0.94 -2.30 10.01
HO2 EDO P . -2.12 -1.04 8.46
C1 EDO Q . -2.28 8.60 10.10
O1 EDO Q . -3.10 8.47 8.94
C2 EDO Q . -3.19 8.95 11.27
O2 EDO Q . -4.35 8.13 11.20
H11 EDO Q . -1.54 9.39 9.95
H12 EDO Q . -1.76 7.66 10.30
HO1 EDO Q . -2.55 8.24 8.18
H21 EDO Q . -2.67 8.78 12.21
H22 EDO Q . -3.47 10.00 11.22
HO2 EDO Q . -4.95 8.34 11.94
C1 EDO R . -3.69 0.30 16.85
O1 EDO R . -3.94 -0.19 15.53
C2 EDO R . -5.01 0.31 17.61
O2 EDO R . -5.52 -1.03 17.68
H11 EDO R . -2.97 -0.35 17.36
H12 EDO R . -3.27 1.30 16.80
HO1 EDO R . -3.12 -0.22 15.03
H21 EDO R . -4.87 0.70 18.61
H22 EDO R . -5.73 0.95 17.09
HO2 EDO R . -6.36 -1.03 18.16
CU CU S . -22.33 -8.29 0.23
CU CU T . -25.14 -8.26 3.58
C1 MAN U . -38.45 -10.46 23.70
C2 MAN U . -38.54 -9.74 25.03
C3 MAN U . -39.90 -10.01 25.66
C4 MAN U . -41.06 -9.73 24.68
C5 MAN U . -40.81 -10.42 23.33
C6 MAN U . -41.81 -10.00 22.24
O2 MAN U . -38.48 -8.31 24.85
O3 MAN U . -40.05 -9.24 26.84
O4 MAN U . -42.28 -10.23 25.22
O5 MAN U . -39.49 -10.09 22.85
O6 MAN U . -41.11 -9.91 20.98
H1 MAN U . -37.54 -10.14 23.17
H2 MAN U . -37.74 -10.09 25.69
H3 MAN U . -39.94 -11.06 25.97
H4 MAN U . -41.12 -8.65 24.52
H5 MAN U . -40.90 -11.50 23.46
H61 MAN U . -42.62 -10.73 22.20
H62 MAN U . -42.23 -9.03 22.53
HO2 MAN U . -37.60 -8.00 25.09
HO3 MAN U . -39.48 -9.67 27.51
HO4 MAN U . -42.83 -9.45 25.39
HO6 MAN U . -41.59 -10.45 20.34
C1 NAG V . -16.05 -17.04 30.79
C2 NAG V . -17.16 -17.93 31.34
C3 NAG V . -17.67 -17.41 32.68
C4 NAG V . -16.53 -17.13 33.63
C5 NAG V . -15.48 -16.25 32.96
C6 NAG V . -14.26 -15.98 33.82
C7 NAG V . -18.67 -19.20 29.87
C8 NAG V . -19.83 -19.13 28.92
N2 NAG V . -18.26 -18.04 30.39
O3 NAG V . -18.54 -18.38 33.25
O4 NAG V . -17.01 -16.46 34.79
O5 NAG V . -15.02 -16.91 31.76
O6 NAG V . -13.63 -17.18 34.20
O7 NAG V . -18.13 -20.28 30.14
H1 NAG V . -16.42 -16.15 30.59
H2 NAG V . -16.79 -18.83 31.49
H3 NAG V . -18.16 -16.58 32.52
H4 NAG V . -16.11 -17.97 33.89
H5 NAG V . -15.89 -15.40 32.71
H61 NAG V . -14.55 -15.49 34.62
H62 NAG V . -13.64 -15.42 33.32
H81 NAG V . -20.05 -20.03 28.60
H82 NAG V . -19.60 -18.56 28.17
H83 NAG V . -20.60 -18.75 29.39
HN2 NAG V . -18.70 -17.29 30.15
HO3 NAG V . -19.36 -18.26 32.92
HO4 NAG V . -17.26 -17.06 35.40
HO6 NAG V . -12.84 -17.00 34.57
C1 NAG W . -16.67 -29.73 -4.04
C2 NAG W . -16.06 -31.10 -4.28
C3 NAG W . -17.06 -32.20 -3.94
C4 NAG W . -17.62 -32.00 -2.53
C5 NAG W . -18.18 -30.59 -2.42
C6 NAG W . -18.72 -30.26 -1.04
C7 NAG W . -14.31 -31.20 -6.00
C8 NAG W . -14.03 -31.34 -7.47
N2 NAG W . -15.60 -31.23 -5.65
O3 NAG W . -16.44 -33.48 -4.04
O4 NAG W . -18.63 -32.95 -2.26
O5 NAG W . -17.15 -29.64 -2.71
O6 NAG W . -19.88 -29.44 -1.13
O7 NAG W . -13.41 -31.05 -5.17
H1 NAG W . -17.41 -29.60 -4.65
H2 NAG W . -15.29 -31.21 -3.68
H3 NAG W . -17.81 -32.16 -4.57
H4 NAG W . -16.89 -32.11 -1.88
H5 NAG W . -18.90 -30.49 -3.06
H61 NAG W . -18.96 -31.09 -0.58
H62 NAG W . -18.04 -29.79 -0.53
H81 NAG W . -13.06 -31.29 -7.62
H82 NAG W . -14.46 -30.61 -7.95
H83 NAG W . -14.37 -32.19 -7.79
HN2 NAG W . -16.23 -31.34 -6.30
HO3 NAG W . -16.82 -33.94 -4.69
HO4 NAG W . -18.27 -33.67 -1.88
HO6 NAG W . -20.42 -29.63 -0.46
CAC FLC X . -47.02 -4.24 10.50
CA FLC X . -46.49 -3.33 9.39
CB FLC X . -45.45 -2.35 9.95
CBC FLC X . -44.27 -3.13 10.52
CG FLC X . -45.00 -1.38 8.86
CGC FLC X . -44.86 -2.09 7.51
OA1 FLC X . -48.06 -3.95 11.15
OA2 FLC X . -46.40 -5.31 10.75
OB1 FLC X . -44.14 -3.23 11.77
OB2 FLC X . -43.44 -3.70 9.75
OG1 FLC X . -45.44 -1.63 6.49
OG2 FLC X . -44.17 -3.14 7.42
OHB FLC X . -46.05 -1.60 10.98
HA1 FLC X . -46.08 -3.86 8.70
HA2 FLC X . -47.23 -2.83 9.01
HG1 FLC X . -45.64 -0.67 8.77
HG2 FLC X . -44.14 -1.00 9.10
HOB FLC X . -45.80 -0.79 10.92
CAC FLC Y . -6.18 3.43 4.48
CA FLC Y . -5.14 2.61 5.24
CB FLC Y . -4.48 1.62 4.27
CBC FLC Y . -3.81 2.40 3.15
CG FLC Y . -3.45 0.70 4.95
CGC FLC Y . -2.62 1.46 5.99
OA1 FLC Y . -7.38 3.07 4.43
OA2 FLC Y . -5.84 4.50 3.91
OB1 FLC Y . -4.42 2.53 2.05
OB2 FLC Y . -2.67 2.93 3.32
OG1 FLC Y . -2.44 0.95 7.13
OG2 FLC Y . -2.13 2.58 5.73
OHB FLC Y . -5.48 0.80 3.71
HA1 FLC Y . -4.46 3.19 5.61
HA2 FLC Y . -5.57 2.11 5.96
HG1 FLC Y . -2.86 0.35 4.27
HG2 FLC Y . -3.92 -0.03 5.38
HOB FLC Y . -5.13 0.21 3.22
C1 EDO Z . -3.70 1.18 11.44
O1 EDO Z . -3.64 0.96 10.02
C2 EDO Z . -5.05 0.73 11.96
O2 EDO Z . -5.18 -0.69 11.79
H11 EDO Z . -2.91 0.60 11.93
H12 EDO Z . -3.55 2.23 11.66
HO1 EDO Z . -2.79 1.24 9.69
H21 EDO Z . -5.15 0.98 13.03
H22 EDO Z . -5.86 1.24 11.41
HO2 EDO Z . -6.04 -0.98 12.11
C1 EDO AA . -48.69 -1.98 3.60
O1 EDO AA . -47.99 -1.66 4.81
C2 EDO AA . -50.18 -1.65 3.82
O2 EDO AA . -50.30 -0.30 4.27
H11 EDO AA . -48.57 -3.03 3.36
H12 EDO AA . -48.31 -1.39 2.77
HO1 EDO AA . -47.05 -1.85 4.69
H21 EDO AA . -50.60 -2.33 4.57
H22 EDO AA . -50.73 -1.80 2.90
HO2 EDO AA . -51.24 -0.09 4.41
C1 EDO BA . -47.98 2.34 3.77
O1 EDO BA . -48.56 1.42 2.84
C2 EDO BA . -46.64 1.80 4.25
O2 EDO BA . -46.82 0.62 5.04
H11 EDO BA . -48.64 2.48 4.63
H12 EDO BA . -47.83 3.31 3.29
HO1 EDO BA . -49.41 1.76 2.54
H21 EDO BA . -46.13 2.56 4.84
H22 EDO BA . -46.02 1.57 3.38
HO2 EDO BA . -45.96 0.29 5.33
C1 EDO CA . -51.93 -1.06 -0.77
O1 EDO CA . -51.30 -0.66 0.45
C2 EDO CA . -53.44 -1.11 -0.59
O2 EDO CA . -54.00 0.21 -0.65
H11 EDO CA . -51.68 -0.34 -1.56
H12 EDO CA . -51.56 -2.04 -1.08
HO1 EDO CA . -50.34 -0.63 0.33
H21 EDO CA . -53.88 -1.73 -1.38
H22 EDO CA . -53.68 -1.57 0.37
HO2 EDO CA . -54.95 0.17 -0.54
CU CU DA . -23.95 -20.17 -25.40
CU CU EA . -24.94 -24.36 -26.53
C1 MAN FA . -35.31 -46.10 -30.72
C2 MAN FA . -35.87 -46.72 -29.44
C3 MAN FA . -35.57 -45.81 -28.25
C4 MAN FA . -34.08 -45.45 -28.22
C5 MAN FA . -33.65 -44.84 -29.56
C6 MAN FA . -32.16 -44.56 -29.65
O2 MAN FA . -35.24 -47.98 -29.15
O3 MAN FA . -35.95 -46.41 -27.02
O4 MAN FA . -33.87 -44.51 -27.18
O5 MAN FA . -33.96 -45.77 -30.61
O6 MAN FA . -31.92 -43.95 -30.91
H1 MAN FA . -35.34 -46.85 -31.54
H2 MAN FA . -36.96 -46.83 -29.55
H3 MAN FA . -36.14 -44.88 -28.35
H4 MAN FA . -33.50 -46.38 -28.05
H5 MAN FA . -34.19 -43.90 -29.72
H61 MAN FA . -31.62 -45.51 -29.53
H62 MAN FA . -31.91 -43.91 -28.81
HO2 MAN FA . -35.92 -48.65 -29.05
HO3 MAN FA . -36.53 -45.76 -26.59
HO4 MAN FA . -33.95 -45.02 -26.35
HO6 MAN FA . -31.04 -43.57 -30.88
C1 NAG GA . -9.27 -33.65 -8.32
C2 NAG GA . -7.95 -34.27 -8.76
C3 NAG GA . -7.05 -34.55 -7.56
C4 NAG GA . -6.92 -33.31 -6.69
C5 NAG GA . -8.30 -32.79 -6.32
C6 NAG GA . -8.27 -31.51 -5.51
C7 NAG GA . -7.72 -35.73 -10.74
C8 NAG GA . -8.09 -37.04 -11.35
N2 NAG GA . -8.20 -35.50 -9.51
O3 NAG GA . -5.76 -34.95 -8.01
O4 NAG GA . -6.21 -33.62 -5.49
O5 NAG GA . -9.02 -32.49 -7.53
O6 NAG GA . -9.54 -31.26 -4.91
O7 NAG GA . -7.02 -34.91 -11.33
H1 NAG GA . -9.78 -34.29 -7.78
H2 NAG GA . -7.49 -33.64 -9.35
H3 NAG GA . -7.44 -35.27 -7.04
H4 NAG GA . -6.44 -32.62 -7.18
H5 NAG GA . -8.79 -33.47 -5.83
H61 NAG GA . -8.04 -30.77 -6.09
H62 NAG GA . -7.60 -31.60 -4.81
H81 NAG GA . -7.69 -37.11 -12.24
H82 NAG GA . -7.76 -37.77 -10.79
H83 NAG GA . -9.06 -37.11 -11.42
HN2 NAG GA . -8.71 -36.14 -9.13
HO3 NAG GA . -5.58 -35.76 -7.70
HO4 NAG GA . -5.33 -33.51 -5.63
HO6 NAG GA . -9.42 -30.75 -4.19
C1 NAG HA . -41.92 -11.47 -14.49
C2 NAG HA . -43.13 -10.83 -13.82
C3 NAG HA . -44.02 -11.90 -13.18
C4 NAG HA . -44.37 -12.98 -14.19
C5 NAG HA . -43.10 -13.54 -14.81
C6 NAG HA . -43.35 -14.56 -15.89
C7 NAG HA . -42.99 -8.54 -12.95
C8 NAG HA . -42.50 -7.67 -11.82
N2 NAG HA . -42.73 -9.85 -12.83
O3 NAG HA . -45.20 -11.28 -12.68
O4 NAG HA . -45.08 -14.04 -13.55
O5 NAG HA . -42.35 -12.47 -15.42
O6 NAG HA . -42.35 -15.56 -15.92
O7 NAG HA . -43.60 -8.07 -13.91
H1 NAG HA . -41.37 -11.89 -13.81
H2 NAG HA . -43.67 -10.38 -14.52
H3 NAG HA . -43.54 -12.29 -12.43
H4 NAG HA . -44.92 -12.60 -14.89
H5 NAG HA . -42.55 -13.95 -14.11
H61 NAG HA . -44.22 -14.99 -15.72
H62 NAG HA . -43.38 -14.11 -16.75
H81 NAG HA . -42.91 -7.96 -10.99
H82 NAG HA . -41.53 -7.76 -11.75
H83 NAG HA . -42.73 -6.74 -12.00
HN2 NAG HA . -42.28 -10.13 -12.10
HO3 NAG HA . -45.31 -11.49 -11.83
HO4 NAG HA . -44.79 -14.12 -12.72
HO6 NAG HA . -42.64 -16.26 -16.38
O1 PER IA . -25.03 -22.49 -25.89
O2 PER IA . -23.69 -22.40 -25.31
CU CU JA . 32.16 20.04 22.94
CU CU KA . 31.75 24.03 24.85
C1 MAN LA . 25.62 44.87 36.16
C2 MAN LA . 24.30 45.36 35.53
C3 MAN LA . 23.86 44.41 34.43
C4 MAN LA . 25.01 44.17 33.44
C5 MAN LA . 26.20 43.59 34.19
C6 MAN LA . 27.40 43.34 33.31
O2 MAN LA . 24.46 46.63 34.88
O3 MAN LA . 22.70 44.86 33.75
O4 MAN LA . 24.59 43.28 32.41
O5 MAN LA . 26.61 44.52 35.22
O6 MAN LA . 28.33 42.53 34.04
H1 MAN LA . 26.08 45.68 36.74
H2 MAN LA . 23.52 45.42 36.30
H3 MAN LA . 23.60 43.44 34.89
H4 MAN LA . 25.31 45.15 33.02
H5 MAN LA . 25.91 42.63 34.64
H61 MAN LA . 27.07 42.85 32.39
H62 MAN LA . 27.84 44.32 33.05
HO2 MAN LA . 23.82 47.25 35.22
HO3 MAN LA . 21.96 44.37 34.14
HO4 MAN LA . 24.42 43.85 31.65
HO6 MAN LA . 29.20 42.68 33.66
C1 NAG MA . 25.40 25.40 54.24
C2 NAG MA . 24.28 26.42 54.38
C3 NAG MA . 24.63 27.44 55.45
C4 NAG MA . 24.96 26.73 56.77
C5 NAG MA . 26.06 25.69 56.54
C6 NAG MA . 26.34 24.87 57.78
C7 NAG MA . 22.82 27.04 52.51
C8 NAG MA . 22.72 27.81 51.22
N2 NAG MA . 24.01 27.10 53.12
O3 NAG MA . 23.54 28.33 55.64
O4 NAG MA . 25.41 27.68 57.73
O5 NAG MA . 25.66 24.78 55.51
O6 NAG MA . 27.38 23.93 57.55
O7 NAG MA . 21.88 26.39 52.95
H1 NAG MA . 26.21 25.85 53.93
H2 NAG MA . 23.47 25.96 54.67
H3 NAG MA . 25.41 27.94 55.16
H4 NAG MA . 24.16 26.28 57.10
H5 NAG MA . 26.88 26.14 56.27
H61 NAG MA . 25.53 24.38 58.03
H62 NAG MA . 26.59 25.46 58.51
H81 NAG MA . 22.90 28.75 51.39
H82 NAG MA . 21.82 27.70 50.85
H83 NAG MA . 23.37 27.46 50.58
HN2 NAG MA . 24.67 27.60 52.75
HO3 NAG MA . 23.77 29.14 55.36
HO4 NAG MA . 25.56 27.27 58.51
HO6 NAG MA . 27.51 23.46 58.29
C1 NAG NA . 34.61 35.29 1.56
C2 NAG NA . 35.56 36.50 1.42
C3 NAG NA . 35.64 36.96 -0.04
C4 NAG NA . 35.90 35.78 -0.98
C5 NAG NA . 34.86 34.70 -0.71
C6 NAG NA . 35.01 33.47 -1.59
C7 NAG NA . 35.77 38.03 3.33
C8 NAG NA . 35.12 39.15 4.09
N2 NAG NA . 35.10 37.58 2.26
O3 NAG NA . 36.69 37.90 -0.18
O4 NAG NA . 35.80 36.20 -2.33
O5 NAG NA . 34.99 34.27 0.64
O6 NAG NA . 34.08 32.47 -1.25
O7 NAG NA . 36.85 37.55 3.67
H1 NAG NA . 33.70 35.57 1.37
H2 NAG NA . 36.46 36.22 1.71
H3 NAG NA . 34.80 37.38 -0.29
H4 NAG NA . 36.79 35.42 -0.82
H5 NAG NA . 33.97 35.06 -0.85
H61 NAG NA . 34.88 33.73 -2.52
H62 NAG NA . 35.92 33.12 -1.48
H81 NAG NA . 35.01 39.91 3.49
H82 NAG NA . 34.24 38.86 4.40
H83 NAG NA . 35.68 39.40 4.84
HN2 NAG NA . 34.30 37.98 2.06
HO3 NAG NA . 36.37 38.72 -0.09
HO4 NAG NA . 36.62 36.28 -2.68
HO6 NAG NA . 34.25 31.73 -1.71
C1 NAG OA . 11.76 10.27 22.86
C2 NAG OA . 10.83 9.27 22.16
C3 NAG OA . 9.40 9.82 22.07
C4 NAG OA . 8.92 10.29 23.43
C5 NAG OA . 9.92 11.28 23.99
C6 NAG OA . 9.55 11.82 25.35
C7 NAG OA . 11.47 7.73 20.33
C8 NAG OA . 12.01 7.63 18.95
N2 NAG OA . 11.34 8.97 20.82
O3 NAG OA . 8.54 8.79 21.58
O4 NAG OA . 7.65 10.90 23.32
O5 NAG OA . 11.20 10.64 24.12
O6 NAG OA . 10.55 12.72 25.83
O7 NAG OA . 11.15 6.73 20.99
H1 NAG OA . 11.86 11.07 22.31
H2 NAG OA . 10.82 8.44 22.67
H3 NAG OA . 9.39 10.56 21.45
H4 NAG OA . 8.85 9.52 24.04
H5 NAG OA . 10.01 12.04 23.37
H61 NAG OA . 8.70 12.29 25.30
H62 NAG OA . 9.47 11.08 25.97
H81 NAG OA . 11.43 8.11 18.32
H82 NAG OA . 12.91 8.03 18.91
H83 NAG OA . 12.07 6.70 18.69
HN2 NAG OA . 11.59 9.66 20.30
HO3 NAG OA . 7.90 9.16 21.07
HO4 NAG OA . 7.20 10.82 24.08
HO6 NAG OA . 10.16 13.40 26.24
#